data_6VCN
# 
_entry.id   6VCN 
# 
_audit_conform.dict_name       mmcif_pdbx.dic 
_audit_conform.dict_version    5.380 
_audit_conform.dict_location   http://mmcif.pdb.org/dictionaries/ascii/mmcif_pdbx.dic 
# 
loop_
_database_2.database_id 
_database_2.database_code 
_database_2.pdbx_database_accession 
_database_2.pdbx_DOI 
PDB   6VCN         pdb_00006vcn 10.2210/pdb6vcn/pdb 
WWPDB D_1000245162 ?            ?                   
# 
loop_
_pdbx_database_related.db_name 
_pdbx_database_related.details 
_pdbx_database_related.db_id 
_pdbx_database_related.content_type 
PDB '6VCK contains the same protein complexed with DapF and GDP'    6VCK unspecified 
PDB '6VCL contains the same protein complexed with DapF and pppGpp' 6VCL unspecified 
PDB '6VCM contains the same protein complexed with DapF and GTP'    6VCM unspecified 
# 
_pdbx_database_status.status_code                     REL 
_pdbx_database_status.status_code_sf                  REL 
_pdbx_database_status.status_code_mr                  ? 
_pdbx_database_status.entry_id                        6VCN 
_pdbx_database_status.recvd_initial_deposition_date   2019-12-21 
_pdbx_database_status.SG_entry                        N 
_pdbx_database_status.deposit_site                    RCSB 
_pdbx_database_status.process_site                    RCSB 
_pdbx_database_status.status_code_cs                  ? 
_pdbx_database_status.status_code_nmr_data            ? 
_pdbx_database_status.methods_development_category    ? 
_pdbx_database_status.pdb_format_compatible           Y 
# 
loop_
_audit_author.name 
_audit_author.pdbx_ordinal 
_audit_author.identifier_ORCID 
'Gao, A.'      1 ? 
'Vasilyev, N.' 2 ? 
'Kaushik, A.'  3 ? 
'Duan, W.'     4 ? 
'Serganov, A.' 5 ? 
# 
_citation.abstract                  ? 
_citation.abstract_id_CAS           ? 
_citation.book_id_ISBN              ? 
_citation.book_publisher            ? 
_citation.book_publisher_city       ? 
_citation.book_title                ? 
_citation.coordinate_linkage        ? 
_citation.country                   UK 
_citation.database_id_Medline       ? 
_citation.details                   ? 
_citation.id                        primary 
_citation.journal_abbrev            'Nucleic Acids Res.' 
_citation.journal_id_ASTM           NARHAD 
_citation.journal_id_CSD            0389 
_citation.journal_id_ISSN           1362-4962 
_citation.journal_full              ? 
_citation.journal_issue             ? 
_citation.journal_volume            48 
_citation.language                  ? 
_citation.page_first                3776 
_citation.page_last                 3788 
_citation.title                     'Principles of RNA and nucleotide discrimination by the RNA processing enzyme RppH.' 
_citation.year                      2020 
_citation.database_id_CSD           ? 
_citation.pdbx_database_id_DOI      10.1093/nar/gkaa024 
_citation.pdbx_database_id_PubMed   31960065 
_citation.unpublished_flag          ? 
# 
loop_
_citation_author.citation_id 
_citation_author.name 
_citation_author.ordinal 
_citation_author.identifier_ORCID 
primary 'Gao, A.'      1 ? 
primary 'Vasilyev, N.' 2 ? 
primary 'Kaushik, A.'  3 ? 
primary 'Duan, W.'     4 ? 
primary 'Serganov, A.' 5 ? 
# 
_cell.angle_alpha                  90.000 
_cell.angle_alpha_esd              ? 
_cell.angle_beta                   90.000 
_cell.angle_beta_esd               ? 
_cell.angle_gamma                  120.000 
_cell.angle_gamma_esd              ? 
_cell.entry_id                     6VCN 
_cell.details                      ? 
_cell.formula_units_Z              ? 
_cell.length_a                     61.796 
_cell.length_a_esd                 ? 
_cell.length_b                     61.796 
_cell.length_b_esd                 ? 
_cell.length_c                     72.311 
_cell.length_c_esd                 ? 
_cell.volume                       239141.929 
_cell.volume_esd                   ? 
_cell.Z_PDB                        6 
_cell.reciprocal_angle_alpha       ? 
_cell.reciprocal_angle_beta        ? 
_cell.reciprocal_angle_gamma       ? 
_cell.reciprocal_angle_alpha_esd   ? 
_cell.reciprocal_angle_beta_esd    ? 
_cell.reciprocal_angle_gamma_esd   ? 
_cell.reciprocal_length_a          ? 
_cell.reciprocal_length_b          ? 
_cell.reciprocal_length_c          ? 
_cell.reciprocal_length_a_esd      ? 
_cell.reciprocal_length_b_esd      ? 
_cell.reciprocal_length_c_esd      ? 
_cell.pdbx_unique_axis             ? 
# 
_symmetry.entry_id                         6VCN 
_symmetry.cell_setting                     ? 
_symmetry.Int_Tables_number                152 
_symmetry.space_group_name_Hall            
;P 31 2"
;
_symmetry.space_group_name_H-M             'P 31 2 1' 
_symmetry.pdbx_full_space_group_name_H-M   ? 
# 
loop_
_entity.id 
_entity.type 
_entity.src_method 
_entity.pdbx_description 
_entity.formula_weight 
_entity.pdbx_number_of_molecules 
_entity.pdbx_ec 
_entity.pdbx_mutation 
_entity.pdbx_fragment 
_entity.details 
1 polymer     man 'RNA pyrophosphohydrolase'                     18964.723 1   3.6.1.- 'K149A, E150A' ? ? 
2 non-polymer syn 'PHOSPHOMETHYLPHOSPHONIC ACID GUANYLATE ESTER' 521.208   1   ?       ?              ? ? 
3 non-polymer syn 'SULFATE ION'                                  96.063    4   ?       ?              ? ? 
4 water       nat water                                          18.015    117 ?       ?              ? ? 
# 
_entity_name_com.entity_id   1 
_entity_name_com.name        '(Di)nucleoside polyphosphate hydrolase,Ap5A pyrophosphatase' 
# 
_entity_poly.entity_id                      1 
_entity_poly.type                           'polypeptide(L)' 
_entity_poly.nstd_linkage                   no 
_entity_poly.nstd_monomer                   no 
_entity_poly.pdbx_seq_one_letter_code       
;SMIDDDGYRPNVGIVICNRQGQVMWARRFGQHSWQFPQGGINPGESAEQAMYRELFEEVGLSRKDVRILASTRNWLRYKL
PKRLVRWDTKPVCIGQKQKWFLLQLVSGDAEINMQTSSTPEFDGWRWVSYWYPVRQVVSFKRDVYRRVMAAFASVVMSLQ
E
;
_entity_poly.pdbx_seq_one_letter_code_can   
;SMIDDDGYRPNVGIVICNRQGQVMWARRFGQHSWQFPQGGINPGESAEQAMYRELFEEVGLSRKDVRILASTRNWLRYKL
PKRLVRWDTKPVCIGQKQKWFLLQLVSGDAEINMQTSSTPEFDGWRWVSYWYPVRQVVSFKRDVYRRVMAAFASVVMSLQ
E
;
_entity_poly.pdbx_strand_id                 A 
_entity_poly.pdbx_target_identifier         ? 
# 
loop_
_entity_poly_seq.entity_id 
_entity_poly_seq.num 
_entity_poly_seq.mon_id 
_entity_poly_seq.hetero 
1 1   SER n 
1 2   MET n 
1 3   ILE n 
1 4   ASP n 
1 5   ASP n 
1 6   ASP n 
1 7   GLY n 
1 8   TYR n 
1 9   ARG n 
1 10  PRO n 
1 11  ASN n 
1 12  VAL n 
1 13  GLY n 
1 14  ILE n 
1 15  VAL n 
1 16  ILE n 
1 17  CYS n 
1 18  ASN n 
1 19  ARG n 
1 20  GLN n 
1 21  GLY n 
1 22  GLN n 
1 23  VAL n 
1 24  MET n 
1 25  TRP n 
1 26  ALA n 
1 27  ARG n 
1 28  ARG n 
1 29  PHE n 
1 30  GLY n 
1 31  GLN n 
1 32  HIS n 
1 33  SER n 
1 34  TRP n 
1 35  GLN n 
1 36  PHE n 
1 37  PRO n 
1 38  GLN n 
1 39  GLY n 
1 40  GLY n 
1 41  ILE n 
1 42  ASN n 
1 43  PRO n 
1 44  GLY n 
1 45  GLU n 
1 46  SER n 
1 47  ALA n 
1 48  GLU n 
1 49  GLN n 
1 50  ALA n 
1 51  MET n 
1 52  TYR n 
1 53  ARG n 
1 54  GLU n 
1 55  LEU n 
1 56  PHE n 
1 57  GLU n 
1 58  GLU n 
1 59  VAL n 
1 60  GLY n 
1 61  LEU n 
1 62  SER n 
1 63  ARG n 
1 64  LYS n 
1 65  ASP n 
1 66  VAL n 
1 67  ARG n 
1 68  ILE n 
1 69  LEU n 
1 70  ALA n 
1 71  SER n 
1 72  THR n 
1 73  ARG n 
1 74  ASN n 
1 75  TRP n 
1 76  LEU n 
1 77  ARG n 
1 78  TYR n 
1 79  LYS n 
1 80  LEU n 
1 81  PRO n 
1 82  LYS n 
1 83  ARG n 
1 84  LEU n 
1 85  VAL n 
1 86  ARG n 
1 87  TRP n 
1 88  ASP n 
1 89  THR n 
1 90  LYS n 
1 91  PRO n 
1 92  VAL n 
1 93  CYS n 
1 94  ILE n 
1 95  GLY n 
1 96  GLN n 
1 97  LYS n 
1 98  GLN n 
1 99  LYS n 
1 100 TRP n 
1 101 PHE n 
1 102 LEU n 
1 103 LEU n 
1 104 GLN n 
1 105 LEU n 
1 106 VAL n 
1 107 SER n 
1 108 GLY n 
1 109 ASP n 
1 110 ALA n 
1 111 GLU n 
1 112 ILE n 
1 113 ASN n 
1 114 MET n 
1 115 GLN n 
1 116 THR n 
1 117 SER n 
1 118 SER n 
1 119 THR n 
1 120 PRO n 
1 121 GLU n 
1 122 PHE n 
1 123 ASP n 
1 124 GLY n 
1 125 TRP n 
1 126 ARG n 
1 127 TRP n 
1 128 VAL n 
1 129 SER n 
1 130 TYR n 
1 131 TRP n 
1 132 TYR n 
1 133 PRO n 
1 134 VAL n 
1 135 ARG n 
1 136 GLN n 
1 137 VAL n 
1 138 VAL n 
1 139 SER n 
1 140 PHE n 
1 141 LYS n 
1 142 ARG n 
1 143 ASP n 
1 144 VAL n 
1 145 TYR n 
1 146 ARG n 
1 147 ARG n 
1 148 VAL n 
1 149 MET n 
1 150 ALA n 
1 151 ALA n 
1 152 PHE n 
1 153 ALA n 
1 154 SER n 
1 155 VAL n 
1 156 VAL n 
1 157 MET n 
1 158 SER n 
1 159 LEU n 
1 160 GLN n 
1 161 GLU n 
# 
_entity_src_gen.entity_id                          1 
_entity_src_gen.pdbx_src_id                        1 
_entity_src_gen.pdbx_alt_source_flag               sample 
_entity_src_gen.pdbx_seq_type                      'Biological sequence' 
_entity_src_gen.pdbx_beg_seq_num                   1 
_entity_src_gen.pdbx_end_seq_num                   161 
_entity_src_gen.gene_src_common_name               ? 
_entity_src_gen.gene_src_genus                     ? 
_entity_src_gen.pdbx_gene_src_gene                 'rppH, nudH, ygdP, b2830, JW2798' 
_entity_src_gen.gene_src_species                   ? 
_entity_src_gen.gene_src_strain                    K12 
_entity_src_gen.gene_src_tissue                    ? 
_entity_src_gen.gene_src_tissue_fraction           ? 
_entity_src_gen.gene_src_details                   ? 
_entity_src_gen.pdbx_gene_src_fragment             ? 
_entity_src_gen.pdbx_gene_src_scientific_name      'Escherichia coli (strain K12)' 
_entity_src_gen.pdbx_gene_src_ncbi_taxonomy_id     83333 
_entity_src_gen.pdbx_gene_src_variant              ? 
_entity_src_gen.pdbx_gene_src_cell_line            ? 
_entity_src_gen.pdbx_gene_src_atcc                 ? 
_entity_src_gen.pdbx_gene_src_organ                ? 
_entity_src_gen.pdbx_gene_src_organelle            ? 
_entity_src_gen.pdbx_gene_src_cell                 ? 
_entity_src_gen.pdbx_gene_src_cellular_location    ? 
_entity_src_gen.host_org_common_name               ? 
_entity_src_gen.pdbx_host_org_scientific_name      'Escherichia coli BL21(DE3)' 
_entity_src_gen.pdbx_host_org_ncbi_taxonomy_id     469008 
_entity_src_gen.host_org_genus                     ? 
_entity_src_gen.pdbx_host_org_gene                 ? 
_entity_src_gen.pdbx_host_org_organ                ? 
_entity_src_gen.host_org_species                   ? 
_entity_src_gen.pdbx_host_org_tissue               ? 
_entity_src_gen.pdbx_host_org_tissue_fraction      ? 
_entity_src_gen.pdbx_host_org_strain               ? 
_entity_src_gen.pdbx_host_org_variant              ? 
_entity_src_gen.pdbx_host_org_cell_line            ? 
_entity_src_gen.pdbx_host_org_atcc                 ? 
_entity_src_gen.pdbx_host_org_culture_collection   ? 
_entity_src_gen.pdbx_host_org_cell                 ? 
_entity_src_gen.pdbx_host_org_organelle            ? 
_entity_src_gen.pdbx_host_org_cellular_location    ? 
_entity_src_gen.pdbx_host_org_vector_type          ? 
_entity_src_gen.pdbx_host_org_vector               ? 
_entity_src_gen.host_org_details                   ? 
_entity_src_gen.expression_system_id               ? 
_entity_src_gen.plasmid_name                       ? 
_entity_src_gen.plasmid_details                    ? 
_entity_src_gen.pdbx_description                   ? 
# 
_struct_ref.id                         1 
_struct_ref.db_name                    UNP 
_struct_ref.db_code                    RPPH_ECOLI 
_struct_ref.pdbx_db_accession          P0A776 
_struct_ref.pdbx_db_isoform            ? 
_struct_ref.entity_id                  1 
_struct_ref.pdbx_seq_one_letter_code   
;MIDDDGYRPNVGIVICNRQGQVMWARRFGQHSWQFPQGGINPGESAEQAMYRELFEEVGLSRKDVRILASTRNWLRYKLP
KRLVRWDTKPVCIGQKQKWFLLQLVSGDAEINMQTSSTPEFDGWRWVSYWYPVRQVVSFKRDVYRRVMKEFASVVMSLQE

;
_struct_ref.pdbx_align_begin           1 
# 
_struct_ref_seq.align_id                      1 
_struct_ref_seq.ref_id                        1 
_struct_ref_seq.pdbx_PDB_id_code              6VCN 
_struct_ref_seq.pdbx_strand_id                A 
_struct_ref_seq.seq_align_beg                 2 
_struct_ref_seq.pdbx_seq_align_beg_ins_code   ? 
_struct_ref_seq.seq_align_end                 161 
_struct_ref_seq.pdbx_seq_align_end_ins_code   ? 
_struct_ref_seq.pdbx_db_accession             P0A776 
_struct_ref_seq.db_align_beg                  1 
_struct_ref_seq.pdbx_db_align_beg_ins_code    ? 
_struct_ref_seq.db_align_end                  160 
_struct_ref_seq.pdbx_db_align_end_ins_code    ? 
_struct_ref_seq.pdbx_auth_seq_align_beg       1 
_struct_ref_seq.pdbx_auth_seq_align_end       160 
# 
loop_
_struct_ref_seq_dif.align_id 
_struct_ref_seq_dif.pdbx_pdb_id_code 
_struct_ref_seq_dif.mon_id 
_struct_ref_seq_dif.pdbx_pdb_strand_id 
_struct_ref_seq_dif.seq_num 
_struct_ref_seq_dif.pdbx_pdb_ins_code 
_struct_ref_seq_dif.pdbx_seq_db_name 
_struct_ref_seq_dif.pdbx_seq_db_accession_code 
_struct_ref_seq_dif.db_mon_id 
_struct_ref_seq_dif.pdbx_seq_db_seq_num 
_struct_ref_seq_dif.details 
_struct_ref_seq_dif.pdbx_auth_seq_num 
_struct_ref_seq_dif.pdbx_ordinal 
1 6VCN SER A 1   ? UNP P0A776 ?   ?   'expression tag'      0   1 
1 6VCN ALA A 150 ? UNP P0A776 LYS 149 'engineered mutation' 149 2 
1 6VCN ALA A 151 ? UNP P0A776 GLU 150 'engineered mutation' 150 3 
# 
loop_
_chem_comp.id 
_chem_comp.type 
_chem_comp.mon_nstd_flag 
_chem_comp.name 
_chem_comp.pdbx_synonyms 
_chem_comp.formula 
_chem_comp.formula_weight 
ALA 'L-peptide linking' y ALANINE                                        ? 'C3 H7 N O2'        89.093  
ARG 'L-peptide linking' y ARGININE                                       ? 'C6 H15 N4 O2 1'    175.209 
ASN 'L-peptide linking' y ASPARAGINE                                     ? 'C4 H8 N2 O3'       132.118 
ASP 'L-peptide linking' y 'ASPARTIC ACID'                                ? 'C4 H7 N O4'        133.103 
CYS 'L-peptide linking' y CYSTEINE                                       ? 'C3 H7 N O2 S'      121.158 
G2P non-polymer         . 'PHOSPHOMETHYLPHOSPHONIC ACID GUANYLATE ESTER' ? 'C11 H18 N5 O13 P3' 521.208 
GLN 'L-peptide linking' y GLUTAMINE                                      ? 'C5 H10 N2 O3'      146.144 
GLU 'L-peptide linking' y 'GLUTAMIC ACID'                                ? 'C5 H9 N O4'        147.129 
GLY 'peptide linking'   y GLYCINE                                        ? 'C2 H5 N O2'        75.067  
HIS 'L-peptide linking' y HISTIDINE                                      ? 'C6 H10 N3 O2 1'    156.162 
HOH non-polymer         . WATER                                          ? 'H2 O'              18.015  
ILE 'L-peptide linking' y ISOLEUCINE                                     ? 'C6 H13 N O2'       131.173 
LEU 'L-peptide linking' y LEUCINE                                        ? 'C6 H13 N O2'       131.173 
LYS 'L-peptide linking' y LYSINE                                         ? 'C6 H15 N2 O2 1'    147.195 
MET 'L-peptide linking' y METHIONINE                                     ? 'C5 H11 N O2 S'     149.211 
PHE 'L-peptide linking' y PHENYLALANINE                                  ? 'C9 H11 N O2'       165.189 
PRO 'L-peptide linking' y PROLINE                                        ? 'C5 H9 N O2'        115.130 
SER 'L-peptide linking' y SERINE                                         ? 'C3 H7 N O3'        105.093 
SO4 non-polymer         . 'SULFATE ION'                                  ? 'O4 S -2'           96.063  
THR 'L-peptide linking' y THREONINE                                      ? 'C4 H9 N O3'        119.119 
TRP 'L-peptide linking' y TRYPTOPHAN                                     ? 'C11 H12 N2 O2'     204.225 
TYR 'L-peptide linking' y TYROSINE                                       ? 'C9 H11 N O3'       181.189 
VAL 'L-peptide linking' y VALINE                                         ? 'C5 H11 N O2'       117.146 
# 
_exptl.absorpt_coefficient_mu     ? 
_exptl.absorpt_correction_T_max   ? 
_exptl.absorpt_correction_T_min   ? 
_exptl.absorpt_correction_type    ? 
_exptl.absorpt_process_details    ? 
_exptl.entry_id                   6VCN 
_exptl.crystals_number            1 
_exptl.details                    ? 
_exptl.method                     'X-RAY DIFFRACTION' 
_exptl.method_details             ? 
# 
_exptl_crystal.colour                      ? 
_exptl_crystal.density_diffrn              ? 
_exptl_crystal.density_Matthews            2.15 
_exptl_crystal.density_method              ? 
_exptl_crystal.density_percent_sol         42.90 
_exptl_crystal.description                 ? 
_exptl_crystal.F_000                       ? 
_exptl_crystal.id                          1 
_exptl_crystal.preparation                 ? 
_exptl_crystal.size_max                    ? 
_exptl_crystal.size_mid                    ? 
_exptl_crystal.size_min                    ? 
_exptl_crystal.size_rad                    ? 
_exptl_crystal.colour_lustre               ? 
_exptl_crystal.colour_modifier             ? 
_exptl_crystal.colour_primary              ? 
_exptl_crystal.density_meas                ? 
_exptl_crystal.density_meas_esd            ? 
_exptl_crystal.density_meas_gt             ? 
_exptl_crystal.density_meas_lt             ? 
_exptl_crystal.density_meas_temp           ? 
_exptl_crystal.density_meas_temp_esd       ? 
_exptl_crystal.density_meas_temp_gt        ? 
_exptl_crystal.density_meas_temp_lt        ? 
_exptl_crystal.pdbx_crystal_image_url      ? 
_exptl_crystal.pdbx_crystal_image_format   ? 
_exptl_crystal.pdbx_mosaicity              ? 
_exptl_crystal.pdbx_mosaicity_esd          ? 
# 
_exptl_crystal_grow.apparatus       ? 
_exptl_crystal_grow.atmosphere      ? 
_exptl_crystal_grow.crystal_id      1 
_exptl_crystal_grow.details         ? 
_exptl_crystal_grow.method          'VAPOR DIFFUSION, HANGING DROP' 
_exptl_crystal_grow.method_ref      ? 
_exptl_crystal_grow.pH              ? 
_exptl_crystal_grow.pressure        ? 
_exptl_crystal_grow.pressure_esd    ? 
_exptl_crystal_grow.seeding         ? 
_exptl_crystal_grow.seeding_ref     ? 
_exptl_crystal_grow.temp            293.15 
_exptl_crystal_grow.temp_details    ? 
_exptl_crystal_grow.temp_esd        ? 
_exptl_crystal_grow.time            ? 
_exptl_crystal_grow.pdbx_details    '0.5 M NH4Cl, 10% (v/v) PEG4000' 
_exptl_crystal_grow.pdbx_pH_range   ? 
# 
_diffrn.ambient_environment              ? 
_diffrn.ambient_temp                     100 
_diffrn.ambient_temp_details             ? 
_diffrn.ambient_temp_esd                 ? 
_diffrn.crystal_id                       1 
_diffrn.crystal_support                  ? 
_diffrn.crystal_treatment                ? 
_diffrn.details                          ? 
_diffrn.id                               1 
_diffrn.ambient_pressure                 ? 
_diffrn.ambient_pressure_esd             ? 
_diffrn.ambient_pressure_gt              ? 
_diffrn.ambient_pressure_lt              ? 
_diffrn.ambient_temp_gt                  ? 
_diffrn.ambient_temp_lt                  ? 
_diffrn.pdbx_serial_crystal_experiment   N 
# 
_diffrn_detector.details                      ? 
_diffrn_detector.detector                     'IMAGE PLATE' 
_diffrn_detector.diffrn_id                    1 
_diffrn_detector.type                         'RIGAKU RAXIS IV++' 
_diffrn_detector.area_resol_mean              ? 
_diffrn_detector.dtime                        ? 
_diffrn_detector.pdbx_frames_total            ? 
_diffrn_detector.pdbx_collection_time_total   ? 
_diffrn_detector.pdbx_collection_date         2012-09-13 
_diffrn_detector.pdbx_frequency               ? 
# 
_diffrn_radiation.collimation                      ? 
_diffrn_radiation.diffrn_id                        1 
_diffrn_radiation.filter_edge                      ? 
_diffrn_radiation.inhomogeneity                    ? 
_diffrn_radiation.monochromator                    ? 
_diffrn_radiation.polarisn_norm                    ? 
_diffrn_radiation.polarisn_ratio                   ? 
_diffrn_radiation.probe                            ? 
_diffrn_radiation.type                             ? 
_diffrn_radiation.xray_symbol                      ? 
_diffrn_radiation.wavelength_id                    1 
_diffrn_radiation.pdbx_monochromatic_or_laue_m_l   M 
_diffrn_radiation.pdbx_wavelength_list             ? 
_diffrn_radiation.pdbx_wavelength                  ? 
_diffrn_radiation.pdbx_diffrn_protocol             'SINGLE WAVELENGTH' 
_diffrn_radiation.pdbx_analyzer                    ? 
_diffrn_radiation.pdbx_scattering_type             x-ray 
# 
_diffrn_radiation_wavelength.id           1 
_diffrn_radiation_wavelength.wavelength   1.5418 
_diffrn_radiation_wavelength.wt           1.0 
# 
_diffrn_source.current                     ? 
_diffrn_source.details                     ? 
_diffrn_source.diffrn_id                   1 
_diffrn_source.power                       ? 
_diffrn_source.size                        ? 
_diffrn_source.source                      'ROTATING ANODE' 
_diffrn_source.target                      ? 
_diffrn_source.type                        'RIGAKU MICROMAX-007' 
_diffrn_source.voltage                     ? 
_diffrn_source.take-off_angle              ? 
_diffrn_source.pdbx_wavelength_list        1.5418 
_diffrn_source.pdbx_wavelength             ? 
_diffrn_source.pdbx_synchrotron_beamline   ? 
_diffrn_source.pdbx_synchrotron_site       ? 
# 
_reflns.B_iso_Wilson_estimate            20.98 
_reflns.entry_id                         6VCN 
_reflns.data_reduction_details           ? 
_reflns.data_reduction_method            ? 
_reflns.d_resolution_high                1.9 
_reflns.d_resolution_low                 19.48 
_reflns.details                          ? 
_reflns.limit_h_max                      ? 
_reflns.limit_h_min                      ? 
_reflns.limit_k_max                      ? 
_reflns.limit_k_min                      ? 
_reflns.limit_l_max                      ? 
_reflns.limit_l_min                      ? 
_reflns.number_all                       ? 
_reflns.number_obs                       12944 
_reflns.observed_criterion               ? 
_reflns.observed_criterion_F_max         ? 
_reflns.observed_criterion_F_min         ? 
_reflns.observed_criterion_I_max         ? 
_reflns.observed_criterion_I_min         ? 
_reflns.observed_criterion_sigma_F       ? 
_reflns.observed_criterion_sigma_I       ? 
_reflns.percent_possible_obs             99.6 
_reflns.R_free_details                   ? 
_reflns.Rmerge_F_all                     ? 
_reflns.Rmerge_F_obs                     ? 
_reflns.Friedel_coverage                 ? 
_reflns.number_gt                        ? 
_reflns.threshold_expression             ? 
_reflns.pdbx_redundancy                  6.1 
_reflns.pdbx_Rmerge_I_obs                ? 
_reflns.pdbx_Rmerge_I_all                ? 
_reflns.pdbx_Rsym_value                  ? 
_reflns.pdbx_netI_over_av_sigmaI         ? 
_reflns.pdbx_netI_over_sigmaI            16.4 
_reflns.pdbx_res_netI_over_av_sigmaI_2   ? 
_reflns.pdbx_res_netI_over_sigmaI_2      ? 
_reflns.pdbx_chi_squared                 ? 
_reflns.pdbx_scaling_rejects             ? 
_reflns.pdbx_d_res_high_opt              ? 
_reflns.pdbx_d_res_low_opt               ? 
_reflns.pdbx_d_res_opt_method            ? 
_reflns.phase_calculation_details        ? 
_reflns.pdbx_Rrim_I_all                  ? 
_reflns.pdbx_Rpim_I_all                  ? 
_reflns.pdbx_d_opt                       ? 
_reflns.pdbx_number_measured_all         ? 
_reflns.pdbx_diffrn_id                   1 
_reflns.pdbx_ordinal                     1 
_reflns.pdbx_CC_half                     0.998 
_reflns.pdbx_CC_star                     ? 
_reflns.pdbx_R_split                     ? 
# 
_reflns_shell.d_res_high                  1.90 
_reflns_shell.d_res_low                   1.97 
_reflns_shell.meanI_over_sigI_all         ? 
_reflns_shell.meanI_over_sigI_obs         ? 
_reflns_shell.number_measured_all         ? 
_reflns_shell.number_measured_obs         ? 
_reflns_shell.number_possible             ? 
_reflns_shell.number_unique_all           ? 
_reflns_shell.number_unique_obs           1244 
_reflns_shell.percent_possible_all        ? 
_reflns_shell.percent_possible_obs        ? 
_reflns_shell.Rmerge_F_all                ? 
_reflns_shell.Rmerge_F_obs                ? 
_reflns_shell.Rmerge_I_all                ? 
_reflns_shell.Rmerge_I_obs                ? 
_reflns_shell.meanI_over_sigI_gt          ? 
_reflns_shell.meanI_over_uI_all           ? 
_reflns_shell.meanI_over_uI_gt            ? 
_reflns_shell.number_measured_gt          ? 
_reflns_shell.number_unique_gt            ? 
_reflns_shell.percent_possible_gt         ? 
_reflns_shell.Rmerge_F_gt                 ? 
_reflns_shell.Rmerge_I_gt                 ? 
_reflns_shell.pdbx_redundancy             ? 
_reflns_shell.pdbx_Rsym_value             ? 
_reflns_shell.pdbx_chi_squared            ? 
_reflns_shell.pdbx_netI_over_sigmaI_all   ? 
_reflns_shell.pdbx_netI_over_sigmaI_obs   ? 
_reflns_shell.pdbx_Rrim_I_all             ? 
_reflns_shell.pdbx_Rpim_I_all             ? 
_reflns_shell.pdbx_rejects                ? 
_reflns_shell.pdbx_ordinal                1 
_reflns_shell.pdbx_diffrn_id              1 
_reflns_shell.pdbx_CC_half                0.718 
_reflns_shell.pdbx_CC_star                ? 
_reflns_shell.pdbx_R_split                ? 
# 
_refine.aniso_B[1][1]                            ? 
_refine.aniso_B[1][2]                            ? 
_refine.aniso_B[1][3]                            ? 
_refine.aniso_B[2][2]                            ? 
_refine.aniso_B[2][3]                            ? 
_refine.aniso_B[3][3]                            ? 
_refine.B_iso_max                                ? 
_refine.B_iso_mean                               26.80 
_refine.B_iso_min                                ? 
_refine.correlation_coeff_Fo_to_Fc               ? 
_refine.correlation_coeff_Fo_to_Fc_free          ? 
_refine.details                                  ? 
_refine.diff_density_max                         ? 
_refine.diff_density_max_esd                     ? 
_refine.diff_density_min                         ? 
_refine.diff_density_min_esd                     ? 
_refine.diff_density_rms                         ? 
_refine.diff_density_rms_esd                     ? 
_refine.entry_id                                 6VCN 
_refine.pdbx_refine_id                           'X-RAY DIFFRACTION' 
_refine.ls_abs_structure_details                 ? 
_refine.ls_abs_structure_Flack                   ? 
_refine.ls_abs_structure_Flack_esd               ? 
_refine.ls_abs_structure_Rogers                  ? 
_refine.ls_abs_structure_Rogers_esd              ? 
_refine.ls_d_res_high                            1.90 
_refine.ls_d_res_low                             19.48 
_refine.ls_extinction_coef                       ? 
_refine.ls_extinction_coef_esd                   ? 
_refine.ls_extinction_expression                 ? 
_refine.ls_extinction_method                     ? 
_refine.ls_goodness_of_fit_all                   ? 
_refine.ls_goodness_of_fit_all_esd               ? 
_refine.ls_goodness_of_fit_obs                   ? 
_refine.ls_goodness_of_fit_obs_esd               ? 
_refine.ls_hydrogen_treatment                    ? 
_refine.ls_matrix_type                           ? 
_refine.ls_number_constraints                    ? 
_refine.ls_number_parameters                     ? 
_refine.ls_number_reflns_all                     ? 
_refine.ls_number_reflns_obs                     12943 
_refine.ls_number_reflns_R_free                  648 
_refine.ls_number_reflns_R_work                  12295 
_refine.ls_number_restraints                     ? 
_refine.ls_percent_reflns_obs                    99.76 
_refine.ls_percent_reflns_R_free                 5.01 
_refine.ls_R_factor_all                          ? 
_refine.ls_R_factor_obs                          0.2023 
_refine.ls_R_factor_R_free                       0.2514 
_refine.ls_R_factor_R_free_error                 ? 
_refine.ls_R_factor_R_free_error_details         ? 
_refine.ls_R_factor_R_work                       0.1996 
_refine.ls_R_Fsqd_factor_obs                     ? 
_refine.ls_R_I_factor_obs                        ? 
_refine.ls_redundancy_reflns_all                 ? 
_refine.ls_redundancy_reflns_obs                 ? 
_refine.ls_restrained_S_all                      ? 
_refine.ls_restrained_S_obs                      ? 
_refine.ls_shift_over_esd_max                    ? 
_refine.ls_shift_over_esd_mean                   ? 
_refine.ls_structure_factor_coef                 ? 
_refine.ls_weighting_details                     ? 
_refine.ls_weighting_scheme                      ? 
_refine.ls_wR_factor_all                         ? 
_refine.ls_wR_factor_obs                         ? 
_refine.ls_wR_factor_R_free                      ? 
_refine.ls_wR_factor_R_work                      ? 
_refine.occupancy_max                            ? 
_refine.occupancy_min                            ? 
_refine.solvent_model_details                    'FLAT BULK SOLVENT MODEL' 
_refine.solvent_model_param_bsol                 ? 
_refine.solvent_model_param_ksol                 ? 
_refine.pdbx_R_complete                          ? 
_refine.ls_R_factor_gt                           ? 
_refine.ls_goodness_of_fit_gt                    ? 
_refine.ls_goodness_of_fit_ref                   ? 
_refine.ls_shift_over_su_max                     ? 
_refine.ls_shift_over_su_max_lt                  ? 
_refine.ls_shift_over_su_mean                    ? 
_refine.ls_shift_over_su_mean_lt                 ? 
_refine.pdbx_ls_sigma_I                          ? 
_refine.pdbx_ls_sigma_F                          1.99 
_refine.pdbx_ls_sigma_Fsqd                       ? 
_refine.pdbx_data_cutoff_high_absF               ? 
_refine.pdbx_data_cutoff_high_rms_absF           ? 
_refine.pdbx_data_cutoff_low_absF                ? 
_refine.pdbx_isotropic_thermal_model             ? 
_refine.pdbx_ls_cross_valid_method               'FREE R-VALUE' 
_refine.pdbx_method_to_determine_struct          'MOLECULAR REPLACEMENT' 
_refine.pdbx_starting_model                      4S2Y 
_refine.pdbx_stereochemistry_target_values       'GeoStd + Monomer Library + CDL v1.2' 
_refine.pdbx_R_Free_selection_details            ? 
_refine.pdbx_stereochem_target_val_spec_case     ? 
_refine.pdbx_overall_ESU_R                       ? 
_refine.pdbx_overall_ESU_R_Free                  ? 
_refine.pdbx_solvent_vdw_probe_radii             1.1100 
_refine.pdbx_solvent_ion_probe_radii             ? 
_refine.pdbx_solvent_shrinkage_radii             0.9000 
_refine.pdbx_real_space_R                        ? 
_refine.pdbx_density_correlation                 ? 
_refine.pdbx_pd_number_of_powder_patterns        ? 
_refine.pdbx_pd_number_of_points                 ? 
_refine.pdbx_pd_meas_number_of_points            ? 
_refine.pdbx_pd_proc_ls_prof_R_factor            ? 
_refine.pdbx_pd_proc_ls_prof_wR_factor           ? 
_refine.pdbx_pd_Marquardt_correlation_coeff      ? 
_refine.pdbx_pd_Fsqrd_R_factor                   ? 
_refine.pdbx_pd_ls_matrix_band_width             ? 
_refine.pdbx_overall_phase_error                 25.7136 
_refine.pdbx_overall_SU_R_free_Cruickshank_DPI   ? 
_refine.pdbx_overall_SU_R_free_Blow_DPI          ? 
_refine.pdbx_overall_SU_R_Blow_DPI               ? 
_refine.pdbx_TLS_residual_ADP_flag               ? 
_refine.pdbx_diffrn_id                           1 
_refine.overall_SU_B                             ? 
_refine.overall_SU_ML                            0.2545 
_refine.overall_SU_R_Cruickshank_DPI             ? 
_refine.overall_SU_R_free                        ? 
_refine.overall_FOM_free_R_set                   ? 
_refine.overall_FOM_work_R_set                   ? 
_refine.pdbx_average_fsc_overall                 ? 
_refine.pdbx_average_fsc_work                    ? 
_refine.pdbx_average_fsc_free                    ? 
# 
_refine_hist.pdbx_refine_id                   'X-RAY DIFFRACTION' 
_refine_hist.cycle_id                         LAST 
_refine_hist.details                          ? 
_refine_hist.d_res_high                       1.90 
_refine_hist.d_res_low                        19.48 
_refine_hist.number_atoms_solvent             117 
_refine_hist.number_atoms_total               1473 
_refine_hist.number_reflns_all                ? 
_refine_hist.number_reflns_obs                ? 
_refine_hist.number_reflns_R_free             ? 
_refine_hist.number_reflns_R_work             ? 
_refine_hist.R_factor_all                     ? 
_refine_hist.R_factor_obs                     ? 
_refine_hist.R_factor_R_free                  ? 
_refine_hist.R_factor_R_work                  ? 
_refine_hist.pdbx_number_residues_total       ? 
_refine_hist.pdbx_B_iso_mean_ligand           ? 
_refine_hist.pdbx_B_iso_mean_solvent          ? 
_refine_hist.pdbx_number_atoms_protein        1304 
_refine_hist.pdbx_number_atoms_nucleic_acid   0 
_refine_hist.pdbx_number_atoms_ligand         52 
_refine_hist.pdbx_number_atoms_lipid          ? 
_refine_hist.pdbx_number_atoms_carb           ? 
_refine_hist.pdbx_pseudo_atom_details         ? 
# 
loop_
_refine_ls_restr.pdbx_refine_id 
_refine_ls_restr.criterion 
_refine_ls_restr.dev_ideal 
_refine_ls_restr.dev_ideal_target 
_refine_ls_restr.number 
_refine_ls_restr.rejects 
_refine_ls_restr.type 
_refine_ls_restr.weight 
_refine_ls_restr.pdbx_restraint_function 
'X-RAY DIFFRACTION' ? 0.0128  ? 1390 ? f_bond_d           ? ? 
'X-RAY DIFFRACTION' ? 1.2925  ? 1891 ? f_angle_d          ? ? 
'X-RAY DIFFRACTION' ? 0.0700  ? 186  ? f_chiral_restr     ? ? 
'X-RAY DIFFRACTION' ? 0.0075  ? 234  ? f_plane_restr      ? ? 
'X-RAY DIFFRACTION' ? 19.4044 ? 502  ? f_dihedral_angle_d ? ? 
# 
loop_
_refine_ls_shell.pdbx_refine_id 
_refine_ls_shell.d_res_high 
_refine_ls_shell.d_res_low 
_refine_ls_shell.number_reflns_all 
_refine_ls_shell.number_reflns_obs 
_refine_ls_shell.number_reflns_R_free 
_refine_ls_shell.number_reflns_R_work 
_refine_ls_shell.percent_reflns_obs 
_refine_ls_shell.percent_reflns_R_free 
_refine_ls_shell.R_factor_all 
_refine_ls_shell.R_factor_obs 
_refine_ls_shell.R_factor_R_free 
_refine_ls_shell.R_factor_R_free_error 
_refine_ls_shell.R_factor_R_work 
_refine_ls_shell.redundancy_reflns_all 
_refine_ls_shell.redundancy_reflns_obs 
_refine_ls_shell.wR_factor_all 
_refine_ls_shell.wR_factor_obs 
_refine_ls_shell.wR_factor_R_free 
_refine_ls_shell.wR_factor_R_work 
_refine_ls_shell.pdbx_R_complete 
_refine_ls_shell.pdbx_total_number_of_bins_used 
_refine_ls_shell.pdbx_phase_error 
_refine_ls_shell.pdbx_fsc_work 
_refine_ls_shell.pdbx_fsc_free 
'X-RAY DIFFRACTION' 1.90 2.05  . . 126 2389 99.25  . . . 0.3135 . 0.2360 . . . . . . . . . . . 
'X-RAY DIFFRACTION' 2.05 2.25  . . 128 2426 99.96  . . . 0.2612 . 0.2128 . . . . . . . . . . . 
'X-RAY DIFFRACTION' 2.25 2.58  . . 129 2457 100.00 . . . 0.2821 . 0.2143 . . . . . . . . . . . 
'X-RAY DIFFRACTION' 2.58 3.25  . . 130 2463 99.96  . . . 0.2765 . 0.2039 . . . . . . . . . . . 
'X-RAY DIFFRACTION' 3.25 19.48 . . 135 2560 99.63  . . . 0.2135 . 0.1802 . . . . . . . . . . . 
# 
_struct.entry_id                     6VCN 
_struct.title                        'Crystal structure of E.coli RppH in complex with ppcpG' 
_struct.pdbx_model_details           ? 
_struct.pdbx_formula_weight          ? 
_struct.pdbx_formula_weight_method   ? 
_struct.pdbx_model_type_details      ? 
_struct.pdbx_CASP_flag               N 
# 
_struct_keywords.entry_id        6VCN 
_struct_keywords.text            'RNA degradation, RNA BINDING PROTEIN' 
_struct_keywords.pdbx_keywords   'RNA BINDING PROTEIN' 
# 
loop_
_struct_asym.id 
_struct_asym.pdbx_blank_PDB_chainid_flag 
_struct_asym.pdbx_modified 
_struct_asym.entity_id 
_struct_asym.details 
A N N 1 ? 
B N N 2 ? 
C N N 3 ? 
D N N 3 ? 
E N N 3 ? 
F N N 3 ? 
G N N 4 ? 
# 
loop_
_struct_conf.conf_type_id 
_struct_conf.id 
_struct_conf.pdbx_PDB_helix_id 
_struct_conf.beg_label_comp_id 
_struct_conf.beg_label_asym_id 
_struct_conf.beg_label_seq_id 
_struct_conf.pdbx_beg_PDB_ins_code 
_struct_conf.end_label_comp_id 
_struct_conf.end_label_asym_id 
_struct_conf.end_label_seq_id 
_struct_conf.pdbx_end_PDB_ins_code 
_struct_conf.beg_auth_comp_id 
_struct_conf.beg_auth_asym_id 
_struct_conf.beg_auth_seq_id 
_struct_conf.end_auth_comp_id 
_struct_conf.end_auth_asym_id 
_struct_conf.end_auth_seq_id 
_struct_conf.pdbx_PDB_helix_class 
_struct_conf.details 
_struct_conf.pdbx_PDB_helix_length 
HELX_P HELX_P1 AA1 SER A 46  ? GLY A 60  ? SER A 45  GLY A 59  1 ? 15 
HELX_P HELX_P2 AA2 SER A 62  ? LYS A 64  ? SER A 61  LYS A 63  5 ? 3  
HELX_P HELX_P3 AA3 PRO A 81  ? VAL A 85  ? PRO A 80  VAL A 84  5 ? 5  
HELX_P HELX_P4 AA4 GLY A 108 ? ILE A 112 ? GLY A 107 ILE A 111 5 ? 5  
HELX_P HELX_P5 AA5 TRP A 131 ? VAL A 137 ? TRP A 130 VAL A 136 1 ? 7  
HELX_P HELX_P6 AA6 VAL A 138 ? PHE A 140 ? VAL A 137 PHE A 139 5 ? 3  
HELX_P HELX_P7 AA7 LYS A 141 ? LEU A 159 ? LYS A 140 LEU A 158 1 ? 19 
# 
_struct_conf_type.id          HELX_P 
_struct_conf_type.criteria    ? 
_struct_conf_type.reference   ? 
# 
_struct_mon_prot_cis.pdbx_id                1 
_struct_mon_prot_cis.label_comp_id          LYS 
_struct_mon_prot_cis.label_seq_id           90 
_struct_mon_prot_cis.label_asym_id          A 
_struct_mon_prot_cis.label_alt_id           . 
_struct_mon_prot_cis.pdbx_PDB_ins_code      ? 
_struct_mon_prot_cis.auth_comp_id           LYS 
_struct_mon_prot_cis.auth_seq_id            89 
_struct_mon_prot_cis.auth_asym_id           A 
_struct_mon_prot_cis.pdbx_label_comp_id_2   PRO 
_struct_mon_prot_cis.pdbx_label_seq_id_2    91 
_struct_mon_prot_cis.pdbx_label_asym_id_2   A 
_struct_mon_prot_cis.pdbx_PDB_ins_code_2    ? 
_struct_mon_prot_cis.pdbx_auth_comp_id_2    PRO 
_struct_mon_prot_cis.pdbx_auth_seq_id_2     90 
_struct_mon_prot_cis.pdbx_auth_asym_id_2    A 
_struct_mon_prot_cis.pdbx_PDB_model_num     1 
_struct_mon_prot_cis.pdbx_omega_angle       -6.77 
# 
loop_
_struct_sheet.id 
_struct_sheet.type 
_struct_sheet.number_strands 
_struct_sheet.details 
AA1 ? 4 ? 
AA2 ? 4 ? 
AA3 ? 3 ? 
# 
loop_
_struct_sheet_order.sheet_id 
_struct_sheet_order.range_id_1 
_struct_sheet_order.range_id_2 
_struct_sheet_order.offset 
_struct_sheet_order.sense 
AA1 1 2 ? anti-parallel 
AA1 2 3 ? parallel      
AA1 3 4 ? anti-parallel 
AA2 1 2 ? anti-parallel 
AA2 2 3 ? parallel      
AA2 3 4 ? anti-parallel 
AA3 1 2 ? anti-parallel 
AA3 2 3 ? anti-parallel 
# 
loop_
_struct_sheet_range.sheet_id 
_struct_sheet_range.id 
_struct_sheet_range.beg_label_comp_id 
_struct_sheet_range.beg_label_asym_id 
_struct_sheet_range.beg_label_seq_id 
_struct_sheet_range.pdbx_beg_PDB_ins_code 
_struct_sheet_range.end_label_comp_id 
_struct_sheet_range.end_label_asym_id 
_struct_sheet_range.end_label_seq_id 
_struct_sheet_range.pdbx_end_PDB_ins_code 
_struct_sheet_range.beg_auth_comp_id 
_struct_sheet_range.beg_auth_asym_id 
_struct_sheet_range.beg_auth_seq_id 
_struct_sheet_range.end_auth_comp_id 
_struct_sheet_range.end_auth_asym_id 
_struct_sheet_range.end_auth_seq_id 
AA1 1 GLN A 38  ? GLY A 40  ? GLN A 37  GLY A 39  
AA1 2 TYR A 8   ? CYS A 17  ? TYR A 7   CYS A 16  
AA1 3 GLY A 95  ? LEU A 105 ? GLY A 94  LEU A 104 
AA1 4 VAL A 66  ? SER A 71  ? VAL A 65  SER A 70  
AA2 1 GLN A 38  ? GLY A 40  ? GLN A 37  GLY A 39  
AA2 2 TYR A 8   ? CYS A 17  ? TYR A 7   CYS A 16  
AA2 3 GLY A 95  ? LEU A 105 ? GLY A 94  LEU A 104 
AA2 4 LEU A 76  ? LYS A 79  ? LEU A 75  LYS A 78  
AA3 1 TRP A 34  ? GLN A 35  ? TRP A 33  GLN A 34  
AA3 2 GLN A 22  ? ARG A 28  ? GLN A 21  ARG A 27  
AA3 3 PHE A 122 ? SER A 129 ? PHE A 121 SER A 128 
# 
loop_
_pdbx_struct_sheet_hbond.sheet_id 
_pdbx_struct_sheet_hbond.range_id_1 
_pdbx_struct_sheet_hbond.range_id_2 
_pdbx_struct_sheet_hbond.range_1_label_atom_id 
_pdbx_struct_sheet_hbond.range_1_label_comp_id 
_pdbx_struct_sheet_hbond.range_1_label_asym_id 
_pdbx_struct_sheet_hbond.range_1_label_seq_id 
_pdbx_struct_sheet_hbond.range_1_PDB_ins_code 
_pdbx_struct_sheet_hbond.range_1_auth_atom_id 
_pdbx_struct_sheet_hbond.range_1_auth_comp_id 
_pdbx_struct_sheet_hbond.range_1_auth_asym_id 
_pdbx_struct_sheet_hbond.range_1_auth_seq_id 
_pdbx_struct_sheet_hbond.range_2_label_atom_id 
_pdbx_struct_sheet_hbond.range_2_label_comp_id 
_pdbx_struct_sheet_hbond.range_2_label_asym_id 
_pdbx_struct_sheet_hbond.range_2_label_seq_id 
_pdbx_struct_sheet_hbond.range_2_PDB_ins_code 
_pdbx_struct_sheet_hbond.range_2_auth_atom_id 
_pdbx_struct_sheet_hbond.range_2_auth_comp_id 
_pdbx_struct_sheet_hbond.range_2_auth_asym_id 
_pdbx_struct_sheet_hbond.range_2_auth_seq_id 
AA1 1 2 O GLY A 39  ? O GLY A 38  N VAL A 12  ? N VAL A 11  
AA1 2 3 N CYS A 17  ? N CYS A 16  O LEU A 103 ? O LEU A 102 
AA1 3 4 O LEU A 102 ? O LEU A 101 N ALA A 70  ? N ALA A 69  
AA2 1 2 O GLY A 39  ? O GLY A 38  N VAL A 12  ? N VAL A 11  
AA2 2 3 N CYS A 17  ? N CYS A 16  O LEU A 103 ? O LEU A 102 
AA2 3 4 O GLN A 98  ? O GLN A 97  N LEU A 76  ? N LEU A 75  
AA3 1 2 O GLN A 35  ? O GLN A 34  N ALA A 26  ? N ALA A 25  
AA3 2 3 N VAL A 23  ? N VAL A 22  O VAL A 128 ? O VAL A 127 
# 
loop_
_struct_site.id 
_struct_site.pdbx_evidence_code 
_struct_site.pdbx_auth_asym_id 
_struct_site.pdbx_auth_comp_id 
_struct_site.pdbx_auth_seq_id 
_struct_site.pdbx_auth_ins_code 
_struct_site.pdbx_num_residues 
_struct_site.details 
AC1 Software A G2P 201 ? 10 'binding site for residue G2P A 201' 
AC2 Software A SO4 202 ? 7  'binding site for residue SO4 A 202' 
AC3 Software A SO4 203 ? 4  'binding site for residue SO4 A 203' 
AC4 Software A SO4 204 ? 5  'binding site for residue SO4 A 204' 
AC5 Software A SO4 205 ? 5  'binding site for residue SO4 A 205' 
# 
loop_
_struct_site_gen.id 
_struct_site_gen.site_id 
_struct_site_gen.pdbx_num_res 
_struct_site_gen.label_comp_id 
_struct_site_gen.label_asym_id 
_struct_site_gen.label_seq_id 
_struct_site_gen.pdbx_auth_ins_code 
_struct_site_gen.auth_comp_id 
_struct_site_gen.auth_asym_id 
_struct_site_gen.auth_seq_id 
_struct_site_gen.label_atom_id 
_struct_site_gen.label_alt_id 
_struct_site_gen.symmetry 
_struct_site_gen.details 
1  AC1 10 ARG A 28  ? ARG A 27  . ? 1_555 ? 
2  AC1 10 TYR A 78  ? TYR A 77  . ? 1_555 ? 
3  AC1 10 LEU A 84  ? LEU A 83  . ? 1_555 ? 
4  AC1 10 GLN A 96  ? GLN A 95  . ? 1_555 ? 
5  AC1 10 GLU A 121 ? GLU A 120 . ? 1_555 ? 
6  AC1 10 VAL A 138 ? VAL A 137 . ? 1_555 ? 
7  AC1 10 LYS A 141 ? LYS A 140 . ? 1_555 ? 
8  AC1 10 HOH G .   ? HOH A 304 . ? 1_555 ? 
9  AC1 10 HOH G .   ? HOH A 339 . ? 1_555 ? 
10 AC1 10 HOH G .   ? HOH A 346 . ? 1_555 ? 
11 AC2 7  GLU A 48  ? GLU A 47  . ? 1_555 ? 
12 AC2 7  GLN A 49  ? GLN A 48  . ? 5_677 ? 
13 AC2 7  TYR A 52  ? TYR A 51  . ? 1_555 ? 
14 AC2 7  ARG A 63  ? ARG A 62  . ? 5_677 ? 
15 AC2 7  ILE A 68  ? ILE A 67  . ? 1_555 ? 
16 AC2 7  HOH G .   ? HOH A 301 . ? 5_677 ? 
17 AC2 7  HOH G .   ? HOH A 313 . ? 1_555 ? 
18 AC3 4  GLY A 44  ? GLY A 43  . ? 5_677 ? 
19 AC3 4  THR A 72  ? THR A 71  . ? 1_555 ? 
20 AC3 4  ARG A 73  ? ARG A 72  . ? 1_555 ? 
21 AC3 4  ASN A 74  ? ASN A 73  . ? 1_555 ? 
22 AC4 5  ASN A 18  ? ASN A 17  . ? 1_555 ? 
23 AC4 5  ARG A 19  ? ARG A 18  . ? 1_555 ? 
24 AC4 5  GLN A 20  ? GLN A 19  . ? 1_555 ? 
25 AC4 5  HOH G .   ? HOH A 320 . ? 1_555 ? 
26 AC4 5  HOH G .   ? HOH A 324 . ? 1_555 ? 
27 AC5 5  ARG A 19  ? ARG A 18  . ? 1_555 ? 
28 AC5 5  ARG A 67  ? ARG A 66  . ? 1_555 ? 
29 AC5 5  GLN A 104 ? GLN A 103 . ? 1_555 ? 
30 AC5 5  HOH G .   ? HOH A 302 . ? 1_555 ? 
31 AC5 5  HOH G .   ? HOH A 305 . ? 1_555 ? 
# 
_atom_sites.entry_id                    6VCN 
_atom_sites.Cartn_transf_matrix[1][1]   ? 
_atom_sites.Cartn_transf_matrix[1][2]   ? 
_atom_sites.Cartn_transf_matrix[1][3]   ? 
_atom_sites.Cartn_transf_matrix[2][1]   ? 
_atom_sites.Cartn_transf_matrix[2][2]   ? 
_atom_sites.Cartn_transf_matrix[2][3]   ? 
_atom_sites.Cartn_transf_matrix[3][1]   ? 
_atom_sites.Cartn_transf_matrix[3][2]   ? 
_atom_sites.Cartn_transf_matrix[3][3]   ? 
_atom_sites.Cartn_transf_vector[1]      ? 
_atom_sites.Cartn_transf_vector[2]      ? 
_atom_sites.Cartn_transf_vector[3]      ? 
_atom_sites.fract_transf_matrix[1][1]   -0.01201457 
_atom_sites.fract_transf_matrix[1][2]   -0.00834576 
_atom_sites.fract_transf_matrix[1][3]   -0.01162529 
_atom_sites.fract_transf_matrix[2][1]   0.00636517 
_atom_sites.fract_transf_matrix[2][2]   -0.00946657 
_atom_sites.fract_transf_matrix[2][3]   -0.01479984 
_atom_sites.fract_transf_matrix[3][1]   0.00061578 
_atom_sites.fract_transf_matrix[3][2]   -0.01151639 
_atom_sites.fract_transf_matrix[3][3]   0.00763118 
_atom_sites.fract_transf_vector[1]      1.454336 
_atom_sites.fract_transf_vector[2]      1.079245 
_atom_sites.fract_transf_vector[3]      1.142266 
_atom_sites.solution_primary            ? 
_atom_sites.solution_secondary          ? 
_atom_sites.solution_hydrogens          ? 
_atom_sites.special_details             ? 
# 
loop_
_atom_type.symbol 
_atom_type.scat_dispersion_real 
_atom_type.scat_dispersion_imag 
_atom_type.scat_Cromer_Mann_a1 
_atom_type.scat_Cromer_Mann_a2 
_atom_type.scat_Cromer_Mann_b1 
_atom_type.scat_Cromer_Mann_b2 
_atom_type.scat_Cromer_Mann_c 
_atom_type.scat_source 
_atom_type.scat_dispersion_source 
C   ? ? 3.54356 2.42580 25.62398 1.50364  0.0 
;2-Gaussian fit: Grosse-Kunstleve RW, Sauter NK, Adams PD: Newsletter of the IUCr Commission on Crystallographic Computing 2004, 3, 22-31.
;
? 
N   ? ? 4.01032 2.96436 19.97189 1.75589  0.0 
;2-Gaussian fit: Grosse-Kunstleve RW, Sauter NK, Adams PD: Newsletter of the IUCr Commission on Crystallographic Computing 2004, 3, 22-31.
;
? 
O   ? ? 4.49882 3.47563 15.80542 1.70748  0.0 
;2-Gaussian fit: Grosse-Kunstleve RW, Sauter NK, Adams PD: Newsletter of the IUCr Commission on Crystallographic Computing 2004, 3, 22-31.
;
? 
O1- ? ? 5.12366 3.84317 3.49406  27.47979 0.0 
;2-Gaussian fit: Grosse-Kunstleve RW, Sauter NK, Adams PD: Newsletter of the IUCr Commission on Crystallographic Computing 2004, 3, 22-31.
;
? 
P   ? ? 9.51135 5.44231 1.42069  35.72801 0.0 
;2-Gaussian fit: Grosse-Kunstleve RW, Sauter NK, Adams PD: Newsletter of the IUCr Commission on Crystallographic Computing 2004, 3, 22-31.
;
? 
S   ? ? 9.55732 6.39887 1.23737  29.19336 0.0 
;2-Gaussian fit: Grosse-Kunstleve RW, Sauter NK, Adams PD: Newsletter of the IUCr Commission on Crystallographic Computing 2004, 3, 22-31.
;
? 
# 
loop_
_atom_site.group_PDB 
_atom_site.id 
_atom_site.type_symbol 
_atom_site.label_atom_id 
_atom_site.label_alt_id 
_atom_site.label_comp_id 
_atom_site.label_asym_id 
_atom_site.label_entity_id 
_atom_site.label_seq_id 
_atom_site.pdbx_PDB_ins_code 
_atom_site.Cartn_x 
_atom_site.Cartn_y 
_atom_site.Cartn_z 
_atom_site.occupancy 
_atom_site.B_iso_or_equiv 
_atom_site.pdbx_formal_charge 
_atom_site.auth_seq_id 
_atom_site.auth_comp_id 
_atom_site.auth_asym_id 
_atom_site.auth_atom_id 
_atom_site.pdbx_PDB_model_num 
ATOM   1    N N     . ASP A 1 4   ? 8.76978   -3.83967  19.26627  1.000 54.48505 ?  3   ASP A N     1 
ATOM   2    C CA    . ASP A 1 4   ? 9.98281   -3.10248  19.61946  1.000 57.36473 ?  3   ASP A CA    1 
ATOM   3    C C     . ASP A 1 4   ? 9.94617   -1.66659  19.10190  1.000 56.73754 ?  3   ASP A C     1 
ATOM   4    O O     . ASP A 1 4   ? 10.08539  -1.42807  17.89940  1.000 54.18758 ?  3   ASP A O     1 
ATOM   5    C CB    . ASP A 1 4   ? 11.22738  -3.80880  19.06743  1.000 57.57382 ?  3   ASP A CB    1 
ATOM   6    C CG    . ASP A 1 4   ? 12.37173  -3.84686  20.07383  1.000 63.18756 ?  3   ASP A CG    1 
ATOM   7    O OD1   . ASP A 1 4   ? 12.09045  -3.90233  21.29763  1.000 68.11992 ?  3   ASP A OD1   1 
ATOM   8    O OD2   . ASP A 1 4   ? 13.54827  -3.81810  19.64355  1.000 62.24445 -1 3   ASP A OD2   1 
ATOM   9    N N     . ASP A 1 5   ? 9.76508   -0.71132  20.01268  1.000 59.69212 ?  4   ASP A N     1 
ATOM   10   C CA    . ASP A 1 5   ? 9.86805   0.68926   19.62446  1.000 52.41282 ?  4   ASP A CA    1 
ATOM   11   C C     . ASP A 1 5   ? 11.24562  1.01367   19.08774  1.000 51.04486 ?  4   ASP A C     1 
ATOM   12   O O     . ASP A 1 5   ? 12.21540  1.11150   19.84755  1.000 51.82890 ?  4   ASP A O     1 
ATOM   13   C CB    . ASP A 1 5   ? 9.56590   1.61027   20.77781  1.000 54.61573 ?  4   ASP A CB    1 
ATOM   14   C CG    . ASP A 1 5   ? 8.68035   2.71353   20.35411  1.000 59.88398 ?  4   ASP A CG    1 
ATOM   15   O OD1   . ASP A 1 5   ? 8.16053   2.65066   19.21751  1.000 59.03134 ?  4   ASP A OD1   1 
ATOM   16   O OD2   . ASP A 1 5   ? 8.49255   3.63892   21.14603  1.000 67.65781 -1 4   ASP A OD2   1 
ATOM   17   N N     . ASP A 1 6   ? 11.32009  1.19389   17.77348  1.000 46.85226 ?  5   ASP A N     1 
ATOM   18   C CA    . ASP A 1 6   ? 12.58316  1.36597   17.07410  1.000 44.58645 ?  5   ASP A CA    1 
ATOM   19   C C     . ASP A 1 6   ? 12.64125  2.67121   16.30461  1.000 38.05587 ?  5   ASP A C     1 
ATOM   20   O O     . ASP A 1 6   ? 13.54689  2.84797   15.48891  1.000 43.03792 ?  5   ASP A O     1 
ATOM   21   C CB    . ASP A 1 6   ? 12.82456  0.19113   16.11886  1.000 44.23456 ?  5   ASP A CB    1 
ATOM   22   C CG    . ASP A 1 6   ? 11.56124  -0.21403  15.34480  1.000 40.61577 ?  5   ASP A CG    1 
ATOM   23   O OD1   . ASP A 1 6   ? 10.51420  0.47810   15.49340  1.000 37.57940 ?  5   ASP A OD1   1 
ATOM   24   O OD2   . ASP A 1 6   ? 11.62656  -1.22501  14.58400  1.000 39.34769 -1 5   ASP A OD2   1 
ATOM   25   N N     . GLY A 1 7   ? 11.71662  3.59204   16.55653  1.000 36.33850 ?  6   GLY A N     1 
ATOM   26   C CA    . GLY A 1 7   ? 11.54749  4.73605   15.68891  1.000 35.14044 ?  6   GLY A CA    1 
ATOM   27   C C     . GLY A 1 7   ? 10.78044  4.44976   14.41086  1.000 31.18243 ?  6   GLY A C     1 
ATOM   28   O O     . GLY A 1 7   ? 10.52203  5.38396   13.64156  1.000 27.63529 ?  6   GLY A O     1 
ATOM   29   N N     . TYR A 1 8   ? 10.43633  3.18872   14.13390  1.000 26.04489 ?  7   TYR A N     1 
ATOM   30   C CA    . TYR A 1 8   ? 9.73680   2.83548   12.89615  1.000 26.59912 ?  7   TYR A CA    1 
ATOM   31   C C     . TYR A 1 8   ? 8.25013   2.72816   13.18397  1.000 23.67494 ?  7   TYR A C     1 
ATOM   32   O O     . TYR A 1 8   ? 7.84198   1.95927   14.06082  1.000 26.68622 ?  7   TYR A O     1 
ATOM   33   C CB    . TYR A 1 8   ? 10.25844  1.53203   12.29142  1.000 25.06430 ?  7   TYR A CB    1 
ATOM   34   C CG    . TYR A 1 8   ? 11.67964  1.62666   11.79040  1.000 30.13762 ?  7   TYR A CG    1 
ATOM   35   C CD1   . TYR A 1 8   ? 12.75548  1.37468   12.65164  1.000 32.46464 ?  7   TYR A CD1   1 
ATOM   36   C CD2   . TYR A 1 8   ? 11.95823  1.98100   10.47780  1.000 25.45319 ?  7   TYR A CD2   1 
ATOM   37   C CE1   . TYR A 1 8   ? 14.05502  1.48034   12.21876  1.000 32.98420 ?  7   TYR A CE1   1 
ATOM   38   C CE2   . TYR A 1 8   ? 13.26231  2.09004   10.03334  1.000 30.07583 ?  7   TYR A CE2   1 
ATOM   39   C CZ    . TYR A 1 8   ? 14.30301  1.83244   10.90706  1.000 35.26362 ?  7   TYR A CZ    1 
ATOM   40   O OH    . TYR A 1 8   ? 15.59538  1.92949   10.46902  1.000 41.80970 ?  7   TYR A OH    1 
ATOM   41   N N     . ARG A 1 9   ? 7.45480   3.47848   12.45414  1.000 20.80112 ?  8   ARG A N     1 
ATOM   42   C CA    . ARG A 1 9   ? 6.00976   3.49882   12.66304  1.000 20.04628 ?  8   ARG A CA    1 
ATOM   43   C C     . ARG A 1 9   ? 5.39240   2.29938   11.93751  1.000 21.53536 ?  8   ARG A C     1 
ATOM   44   O O     . ARG A 1 9   ? 5.72021   2.05185   10.77096  1.000 19.32051 ?  8   ARG A O     1 
ATOM   45   C CB    . ARG A 1 9   ? 5.42736   4.83355   12.13834  1.000 26.88171 ?  8   ARG A CB    1 
ATOM   46   C CG    . ARG A 1 9   ? 3.90495   4.99066   12.11412  1.000 30.95499 ?  8   ARG A CG    1 
ATOM   47   C CD    . ARG A 1 9   ? 3.42038   5.98147   10.99545  1.000 40.43120 ?  8   ARG A CD    1 
ATOM   48   N NE    . ARG A 1 9   ? 1.96071   5.93404   10.71365  1.000 38.76547 ?  8   ARG A NE    1 
ATOM   49   C CZ    . ARG A 1 9   ? 1.38769   6.27426   9.54633   1.000 35.78306 ?  8   ARG A CZ    1 
ATOM   50   N NH1   . ARG A 1 9   ? 2.11349   6.68405   8.50423   1.000 39.06431 ?  8   ARG A NH1   1 
ATOM   51   N NH2   . ARG A 1 9   ? 0.07084   6.19731   9.40417   1.000 36.20238 ?  8   ARG A NH2   1 
ATOM   52   N N     . PRO A 1 10  ? 4.52330   1.53475   12.58435  1.000 23.09566 ?  9   PRO A N     1 
ATOM   53   C CA    . PRO A 1 10  ? 3.95775   0.33553   11.93651  1.000 19.53803 ?  9   PRO A CA    1 
ATOM   54   C C     . PRO A 1 10  ? 2.87933   0.69744   10.93693  1.000 19.77651 ?  9   PRO A C     1 
ATOM   55   O O     . PRO A 1 10  ? 1.94744   1.46074   11.22715  1.000 15.81024 ?  9   PRO A O     1 
ATOM   56   C CB    . PRO A 1 10  ? 3.38147   -0.47961  13.10144  1.000 21.88568 ?  9   PRO A CB    1 
ATOM   57   C CG    . PRO A 1 10  ? 3.76139   0.27649   14.38217  1.000 24.88592 ?  9   PRO A CG    1 
ATOM   58   C CD    . PRO A 1 10  ? 4.07099   1.69696   13.97288  1.000 23.72087 ?  9   PRO A CD    1 
ATOM   59   N N     . ASN A 1 11  ? 2.96047   0.05148   9.76890   1.000 19.20692 ?  10  ASN A N     1 
ATOM   60   C CA    . ASN A 1 11  ? 2.22671   0.50551   8.59601   1.000 13.95023 ?  10  ASN A CA    1 
ATOM   61   C C     . ASN A 1 11  ? 1.85250   -0.71250  7.73947   1.000 15.70805 ?  10  ASN A C     1 
ATOM   62   O O     . ASN A 1 11  ? 2.49968   -1.76069  7.83603   1.000 14.48447 ?  10  ASN A O     1 
ATOM   63   C CB    . ASN A 1 11  ? 3.14386   1.48898   7.88414   1.000 20.56917 ?  10  ASN A CB    1 
ATOM   64   C CG    . ASN A 1 11  ? 2.44709   2.32456   6.94520   1.000 25.55336 ?  10  ASN A CG    1 
ATOM   65   O OD1   . ASN A 1 11  ? 2.20104   1.88413   5.80928   1.000 29.92957 ?  10  ASN A OD1   1 
ATOM   66   N ND2   . ASN A 1 11  ? 2.11183   3.56514   7.35846   1.000 23.80211 ?  10  ASN A ND2   1 
ATOM   67   N N     . VAL A 1 12  ? 0.78733   -0.59624  6.94437   1.000 14.80032 ?  11  VAL A N     1 
ATOM   68   C CA    . VAL A 1 12  ? 0.37629   -1.69085  6.06502   1.000 13.03997 ?  11  VAL A CA    1 
ATOM   69   C C     . VAL A 1 12  ? 0.20731   -1.13649  4.65546   1.000 15.12410 ?  11  VAL A C     1 
ATOM   70   O O     . VAL A 1 12  ? -0.29238  -0.01801  4.47006   1.000 14.14000 ?  11  VAL A O     1 
ATOM   71   C CB    . VAL A 1 12  ? -0.90796  -2.40019  6.59139   1.000 15.18905 ?  11  VAL A CB    1 
ATOM   72   C CG1   . VAL A 1 12  ? -2.10443  -1.44633  6.59795   1.000 15.50969 ?  11  VAL A CG1   1 
ATOM   73   C CG2   . VAL A 1 12  ? -1.24447  -3.66613  5.76277   1.000 14.87863 ?  11  VAL A CG2   1 
ATOM   74   N N     . GLY A 1 13  ? 0.65685   -1.91743  3.65268   1.000 11.61685 ?  12  GLY A N     1 
ATOM   75   C CA    . GLY A 1 13  ? 0.50232   -1.51936  2.26345   1.000 12.93830 ?  12  GLY A CA    1 
ATOM   76   C C     . GLY A 1 13  ? -0.30485  -2.52312  1.47884   1.000 9.39453  ?  12  GLY A C     1 
ATOM   77   O O     . GLY A 1 13  ? -0.41385  -3.67691  1.88841   1.000 10.67878 ?  12  GLY A O     1 
ATOM   78   N N     . ILE A 1 14  ? -0.88624  -2.09153  0.36310   1.000 9.28777  ?  13  ILE A N     1 
ATOM   79   C CA    . ILE A 1 14  ? -1.86332  -2.87505  -0.38168  1.000 11.01164 ?  13  ILE A CA    1 
ATOM   80   C C     . ILE A 1 14  ? -1.48690  -2.87774  -1.84048  1.000 10.38196 ?  13  ILE A C     1 
ATOM   81   O O     . ILE A 1 14  ? -1.36095  -1.80537  -2.45583  1.000 11.71784 ?  13  ILE A O     1 
ATOM   82   C CB    . ILE A 1 14  ? -3.27891  -2.30694  -0.24913  1.000 11.69370 ?  13  ILE A CB    1 
ATOM   83   C CG1   . ILE A 1 14  ? -3.62989  -2.09727  1.22458   1.000 11.24018 ?  13  ILE A CG1   1 
ATOM   84   C CG2   . ILE A 1 14  ? -4.24804  -3.18953  -0.99909  1.000 11.67879 ?  13  ILE A CG2   1 
ATOM   85   C CD1   . ILE A 1 14  ? -5.01716  -1.51081  1.40429   1.000 11.46527 ?  13  ILE A CD1   1 
ATOM   86   N N     . VAL A 1 15  ? -1.31641  -4.06180  -2.38348  1.000 8.33499  ?  14  VAL A N     1 
ATOM   87   C CA    . VAL A 1 15  ? -1.09706  -4.27093  -3.81314  1.000 11.37331 ?  14  VAL A CA    1 
ATOM   88   C C     . VAL A 1 15  ? -2.35227  -4.94202  -4.32775  1.000 9.80225  ?  14  VAL A C     1 
ATOM   89   O O     . VAL A 1 15  ? -2.59199  -6.11486  -4.02155  1.000 10.92183 ?  14  VAL A O     1 
ATOM   90   C CB    . VAL A 1 15  ? 0.12565   -5.15817  -4.07829  1.000 10.11341 ?  14  VAL A CB    1 
ATOM   91   C CG1   . VAL A 1 15  ? 0.34052   -5.31329  -5.54569  1.000 11.28866 ?  14  VAL A CG1   1 
ATOM   92   C CG2   . VAL A 1 15  ? 1.38010   -4.62142  -3.36949  1.000 8.91936  ?  14  VAL A CG2   1 
ATOM   93   N N     . ILE A 1 16  ? -3.14322  -4.23685  -5.11520  1.000 10.03786 ?  15  ILE A N     1 
ATOM   94   C CA    . ILE A 1 16  ? -4.38236  -4.77931  -5.66351  1.000 10.46198 ?  15  ILE A CA    1 
ATOM   95   C C     . ILE A 1 16  ? -4.10723  -5.17429  -7.10813  1.000 14.29864 ?  15  ILE A C     1 
ATOM   96   O O     . ILE A 1 16  ? -3.69911  -4.31423  -7.89812  1.000 12.96470 ?  15  ILE A O     1 
ATOM   97   C CB    . ILE A 1 16  ? -5.51688  -3.74761  -5.61696  1.000 13.02976 ?  15  ILE A CB    1 
ATOM   98   C CG1   . ILE A 1 16  ? -5.88026  -3.42128  -4.16008  1.000 13.81747 ?  15  ILE A CG1   1 
ATOM   99   C CG2   . ILE A 1 16  ? -6.73733  -4.29009  -6.39333  1.000 12.00617 ?  15  ILE A CG2   1 
ATOM   100  C CD1   . ILE A 1 16  ? -6.76397  -2.15076  -3.99807  1.000 17.38033 ?  15  ILE A CD1   1 
ATOM   101  N N     . CYS A 1 17  ? -4.35986  -6.43968  -7.48058  1.000 13.28440 ?  16  CYS A N     1 
ATOM   102  C CA    . CYS A 1 17  ? -4.10141  -6.85772  -8.86081  1.000 16.65363 ?  16  CYS A CA    1 
ATOM   103  C C     . CYS A 1 17  ? -5.36692  -7.29777  -9.58950  1.000 18.55546 ?  16  CYS A C     1 
ATOM   104  O O     . CYS A 1 17  ? -6.40450  -7.56152  -8.98323  1.000 15.23217 ?  16  CYS A O     1 
ATOM   105  C CB    . CYS A 1 17  ? -3.06414  -7.97555  -8.92439  1.000 12.67597 ?  16  CYS A CB    1 
ATOM   106  S SG    . CYS A 1 17  ? -3.64269  -9.57203  -8.28966  1.000 15.28087 ?  16  CYS A SG    1 
ATOM   107  N N     . ASN A 1 18  ? -5.27180  -7.35982  -10.93941 1.000 20.30697 ?  17  ASN A N     1 
ATOM   108  C CA    . ASN A 1 18  ? -6.30461  -7.97638  -11.77203 1.000 18.90151 ?  17  ASN A CA    1 
ATOM   109  C C     . ASN A 1 18  ? -5.77733  -9.28974  -12.35411 1.000 22.34067 ?  17  ASN A C     1 
ATOM   110  O O     . ASN A 1 18  ? -4.72508  -9.79102  -11.97231 1.000 17.59133 ?  17  ASN A O     1 
ATOM   111  C CB    . ASN A 1 18  ? -6.76566  -7.01755  -12.88286 1.000 22.67936 ?  17  ASN A CB    1 
ATOM   112  C CG    . ASN A 1 18  ? -5.63024  -6.63183  -13.84575 1.000 23.13864 ?  17  ASN A CG    1 
ATOM   113  O OD1   . ASN A 1 18  ? -4.62327  -7.31747  -13.93240 1.000 20.82879 ?  17  ASN A OD1   1 
ATOM   114  N ND2   . ASN A 1 18  ? -5.79614  -5.51157  -14.55918 1.000 25.76575 ?  17  ASN A ND2   1 
ATOM   115  N N     . ARG A 1 19  ? -6.48400  -9.82242  -13.34379 1.000 25.15361 ?  18  ARG A N     1 
ATOM   116  C CA    . ARG A 1 19  ? -6.05227  -11.06138 -13.99435 1.000 27.29086 ?  18  ARG A CA    1 
ATOM   117  C C     . ARG A 1 19  ? -5.14775  -10.83386 -15.18641 1.000 31.03296 ?  18  ARG A C     1 
ATOM   118  O O     . ARG A 1 19  ? -4.90682  -11.78068 -15.94429 1.000 29.07878 ?  18  ARG A O     1 
ATOM   119  C CB    . ARG A 1 19  ? -7.26321  -11.88268 -14.47465 1.000 26.57795 ?  18  ARG A CB    1 
ATOM   120  C CG    . ARG A 1 19  ? -8.17772  -12.28804 -13.34357 1.000 25.16309 ?  18  ARG A CG    1 
ATOM   121  C CD    . ARG A 1 19  ? -9.36644  -13.13867 -13.78293 1.000 28.47670 ?  18  ARG A CD    1 
ATOM   122  N NE    . ARG A 1 19  ? -10.32245 -13.22018 -12.67989 1.000 32.61187 ?  18  ARG A NE    1 
ATOM   123  C CZ    . ARG A 1 19  ? -11.45164 -12.51788 -12.61984 1.000 34.32444 ?  18  ARG A CZ    1 
ATOM   124  N NH1   . ARG A 1 19  ? -11.76093 -11.69585 -13.61956 1.000 36.95916 ?  18  ARG A NH1   1 
ATOM   125  N NH2   . ARG A 1 19  ? -12.27556 -12.63997 -11.57418 1.000 30.41005 ?  18  ARG A NH2   1 
ATOM   126  N N     . GLN A 1 20  ? -4.67120  -9.61319  -15.40873 1.000 25.45834 ?  19  GLN A N     1 
ATOM   127  C CA    . GLN A 1 20  ? -3.88685  -9.36444  -16.60798 1.000 26.93499 ?  19  GLN A CA    1 
ATOM   128  C C     . GLN A 1 20  ? -2.49333  -8.86790  -16.28459 1.000 26.35048 ?  19  GLN A C     1 
ATOM   129  O O     . GLN A 1 20  ? -1.97532  -7.99652  -16.97395 1.000 25.37137 ?  19  GLN A O     1 
ATOM   130  C CB    . GLN A 1 20  ? -4.59351  -8.35975  -17.50656 1.000 29.67347 ?  19  GLN A CB    1 
ATOM   131  C CG    . GLN A 1 20  ? -5.83620  -8.92296  -18.12394 1.000 36.57329 ?  19  GLN A CG    1 
ATOM   132  C CD    . GLN A 1 20  ? -6.89734  -7.88111  -18.26191 1.000 39.88767 ?  19  GLN A CD    1 
ATOM   133  O OE1   . GLN A 1 20  ? -7.69119  -7.67868  -17.34145 1.000 45.15337 ?  19  GLN A OE1   1 
ATOM   134  N NE2   . GLN A 1 20  ? -6.93343  -7.20114  -19.42194 1.000 46.91804 ?  19  GLN A NE2   1 
ATOM   135  N N     . GLY A 1 21  ? -1.89517  -9.40597  -15.21853 1.000 21.18097 ?  20  GLY A N     1 
ATOM   136  C CA    . GLY A 1 21  ? -0.59100  -8.99187  -14.73690 1.000 20.65180 ?  20  GLY A CA    1 
ATOM   137  C C     . GLY A 1 21  ? -0.45973  -7.55287  -14.24487 1.000 20.94020 ?  20  GLY A C     1 
ATOM   138  O O     . GLY A 1 21  ? 0.65871   -7.05198  -14.15368 1.000 19.81147 ?  20  GLY A O     1 
ATOM   139  N N     . GLN A 1 22  ? -1.55990  -6.87627  -13.90339 1.000 20.77496 ?  21  GLN A N     1 
ATOM   140  C CA    . GLN A 1 22  ? -1.47997  -5.46226  -13.55003 1.000 20.91483 ?  21  GLN A CA    1 
ATOM   141  C C     . GLN A 1 22  ? -1.82638  -5.21856  -12.07970 1.000 19.01227 ?  21  GLN A C     1 
ATOM   142  O O     . GLN A 1 22  ? -2.52667  -6.02158  -11.45186 1.000 15.34817 ?  21  GLN A O     1 
ATOM   143  C CB    . GLN A 1 22  ? -2.41290  -4.64971  -14.43944 1.000 21.29296 ?  21  GLN A CB    1 
ATOM   144  C CG    . GLN A 1 22  ? -2.13968  -4.79640  -15.94774 1.000 19.80224 ?  21  GLN A CG    1 
ATOM   145  C CD    . GLN A 1 22  ? -3.17246  -4.03268  -16.75417 1.000 21.19220 ?  21  GLN A CD    1 
ATOM   146  O OE1   . GLN A 1 22  ? -4.37547  -4.25031  -16.59955 1.000 24.10619 ?  21  GLN A OE1   1 
ATOM   147  N NE2   . GLN A 1 22  ? -2.71259  -3.12432  -17.62224 1.000 24.20772 ?  21  GLN A NE2   1 
ATOM   148  N N     . VAL A 1 23  ? -1.35203  -4.08041  -11.54566 1.000 15.18034 ?  22  VAL A N     1 
ATOM   149  C CA    . VAL A 1 23  ? -1.63226  -3.66417  -10.17365 1.000 14.92880 ?  22  VAL A CA    1 
ATOM   150  C C     . VAL A 1 23  ? -2.18602  -2.24875  -10.16570 1.000 15.76022 ?  22  VAL A C     1 
ATOM   151  O O     . VAL A 1 23  ? -1.94462  -1.45357  -11.08185 1.000 13.61611 ?  22  VAL A O     1 
ATOM   152  C CB    . VAL A 1 23  ? -0.39800  -3.75597  -9.26466  1.000 14.20847 ?  22  VAL A CB    1 
ATOM   153  C CG1   . VAL A 1 23  ? 0.11478   -5.20147  -9.19146  1.000 13.97994 ?  22  VAL A CG1   1 
ATOM   154  C CG2   . VAL A 1 23  ? 0.65197   -2.81079  -9.72068  1.000 12.19012 ?  22  VAL A CG2   1 
ATOM   155  N N     . MET A 1 24  ? -2.95497  -1.93909  -9.11625  1.000 14.78287 ?  23  MET A N     1 
ATOM   156  C CA    . MET A 1 24  ? -3.60092  -0.63524  -9.03366  1.000 14.23022 ?  23  MET A CA    1 
ATOM   157  C C     . MET A 1 24  ? -2.64104  0.43164   -8.52676  1.000 13.59288 ?  23  MET A C     1 
ATOM   158  O O     . MET A 1 24  ? -1.99864  0.26815   -7.48431  1.000 12.51181 ?  23  MET A O     1 
ATOM   159  C CB    . MET A 1 24  ? -4.83319  -0.66284  -8.12053  1.000 12.97654 ?  23  MET A CB    1 
ATOM   160  C CG    . MET A 1 24  ? -5.60724  0.63148   -8.27758  1.000 17.16927 ?  23  MET A CG    1 
ATOM   161  S SD    . MET A 1 24  ? -6.76673  0.86300   -6.89412  1.000 20.46581 ?  23  MET A SD    1 
ATOM   162  C CE    . MET A 1 24  ? -5.60204  1.71555   -5.83378  1.000 20.53954 ?  23  MET A CE    1 
ATOM   163  N N     . TRP A 1 25  ? -2.55995  1.53928   -9.24836  1.000 14.48776 ?  24  TRP A N     1 
ATOM   164  C CA    . TRP A 1 25  ? -1.58789  2.59759   -8.96558  1.000 12.35914 ?  24  TRP A CA    1 
ATOM   165  C C     . TRP A 1 25  ? -2.39761  3.86887   -8.71416  1.000 18.79476 ?  24  TRP A C     1 
ATOM   166  O O     . TRP A 1 25  ? -3.16645  4.29516   -9.57633  1.000 19.20138 ?  24  TRP A O     1 
ATOM   167  C CB    . TRP A 1 25  ? -0.62258  2.75855   -10.14701 1.000 14.90322 ?  24  TRP A CB    1 
ATOM   168  C CG    . TRP A 1 25  ? 0.62731   3.54509   -9.97240  1.000 13.30329 ?  24  TRP A CG    1 
ATOM   169  C CD1   . TRP A 1 25  ? 1.07984   4.55478   -10.80113 1.000 13.42195 ?  24  TRP A CD1   1 
ATOM   170  C CD2   . TRP A 1 25  ? 1.63322   3.37300   -8.97770  1.000 13.60331 ?  24  TRP A CD2   1 
ATOM   171  N NE1   . TRP A 1 25  ? 2.28724   5.00616   -10.37865 1.000 14.04050 ?  24  TRP A NE1   1 
ATOM   172  C CE2   . TRP A 1 25  ? 2.66053   4.30617   -9.26154  1.000 17.22088 ?  24  TRP A CE2   1 
ATOM   173  C CE3   . TRP A 1 25  ? 1.77097   2.53673   -7.86967  1.000 13.86120 ?  24  TRP A CE3   1 
ATOM   174  C CZ2   . TRP A 1 25  ? 3.79373   4.43645   -8.46232  1.000 17.02421 ?  24  TRP A CZ2   1 
ATOM   175  C CZ3   . TRP A 1 25  ? 2.91217   2.66464   -7.08190  1.000 15.16291 ?  24  TRP A CZ3   1 
ATOM   176  C CH2   . TRP A 1 25  ? 3.89958   3.60923   -7.38516  1.000 18.55430 ?  24  TRP A CH2   1 
ATOM   177  N N     . ALA A 1 26  ? -2.26707  4.44564   -7.52447  1.000 19.05865 ?  25  ALA A N     1 
ATOM   178  C CA    . ALA A 1 26  ? -3.17105  5.50364   -7.09258  1.000 18.86755 ?  25  ALA A CA    1 
ATOM   179  C C     . ALA A 1 26  ? -2.45578  6.86084   -7.06470  1.000 15.00353 ?  25  ALA A C     1 
ATOM   180  O O     . ALA A 1 26  ? -1.31905  6.96551   -6.61247  1.000 18.87349 ?  25  ALA A O     1 
ATOM   181  C CB    . ALA A 1 26  ? -3.76311  5.15843   -5.71736  1.000 18.81402 ?  25  ALA A CB    1 
ATOM   182  N N     . ARG A 1 27  ? -3.14098  7.89516   -7.54879  1.000 22.31868 ?  26  ARG A N     1 
ATOM   183  C CA    . ARG A 1 27  ? -2.60074  9.25648   -7.64555  1.000 18.59437 ?  26  ARG A CA    1 
ATOM   184  C C     . ARG A 1 27  ? -2.92061  10.03067  -6.36803  1.000 23.61232 ?  26  ARG A C     1 
ATOM   185  O O     . ARG A 1 27  ? -4.09533  10.17111  -6.01237  1.000 25.04901 ?  26  ARG A O     1 
ATOM   186  C CB    . ARG A 1 27  ? -3.20928  9.98212   -8.84994  1.000 23.66079 ?  26  ARG A CB    1 
ATOM   187  C CG    . ARG A 1 27  ? -2.68565  11.45832  -9.03111  1.000 26.63626 ?  26  ARG A CG    1 
ATOM   188  C CD    . ARG A 1 27  ? -3.18311  12.13631  -10.34537 1.000 28.33097 ?  26  ARG A CD    1 
ATOM   189  N NE    . ARG A 1 27  ? -4.63287  12.24160  -10.37212 1.000 27.30512 ?  26  ARG A NE    1 
ATOM   190  C CZ    . ARG A 1 27  ? -5.38706  11.92131  -11.41077 1.000 32.03118 ?  26  ARG A CZ    1 
ATOM   191  N NH1   . ARG A 1 27  ? -4.82748  11.49770  -12.55186 1.000 33.09099 ?  26  ARG A NH1   1 
ATOM   192  N NH2   . ARG A 1 27  ? -6.71377  12.01709  -11.32044 1.000 34.07280 ?  26  ARG A NH2   1 
ATOM   193  N N     . ARG A 1 28  ? -1.89215  10.56261  -5.71169  1.000 25.32899 ?  27  ARG A N     1 
ATOM   194  C CA    . ARG A 1 28  ? -2.09102  11.32716  -4.48203  1.000 29.76726 ?  27  ARG A CA    1 
ATOM   195  C C     . ARG A 1 28  ? -2.94023  12.57638  -4.72463  1.000 35.92322 ?  27  ARG A C     1 
ATOM   196  O O     . ARG A 1 28  ? -2.73541  13.31631  -5.69945  1.000 34.16374 ?  27  ARG A O     1 
ATOM   197  C CB    . ARG A 1 28  ? -0.74866  11.70739  -3.87519  1.000 31.28257 ?  27  ARG A CB    1 
ATOM   198  C CG    . ARG A 1 28  ? 0.16955   10.51548  -3.60422  1.000 33.26367 ?  27  ARG A CG    1 
ATOM   199  C CD    . ARG A 1 28  ? 1.55878   10.94606  -3.08645  1.000 38.68482 ?  27  ARG A CD    1 
ATOM   200  N NE    . ARG A 1 28  ? 1.50849   11.45954  -1.71310  1.000 47.31788 ?  27  ARG A NE    1 
ATOM   201  C CZ    . ARG A 1 28  ? 2.53041   12.06100  -1.09267  1.000 48.54809 ?  27  ARG A CZ    1 
ATOM   202  N NH1   . ARG A 1 28  ? 3.69035   12.24103  -1.72281  1.000 44.51102 ?  27  ARG A NH1   1 
ATOM   203  N NH2   . ARG A 1 28  ? 2.39934   12.48895  0.16176   1.000 44.85394 ?  27  ARG A NH2   1 
ATOM   204  N N     . PHE A 1 29  ? -3.91390  12.78899  -3.82867  1.000 34.64176 ?  28  PHE A N     1 
ATOM   205  C CA    . PHE A 1 29  ? -4.96636  13.78921  -4.01204  1.000 34.89830 ?  28  PHE A CA    1 
ATOM   206  C C     . PHE A 1 29  ? -4.35945  15.14745  -4.33446  1.000 35.29035 ?  28  PHE A C     1 
ATOM   207  O O     . PHE A 1 29  ? -3.42033  15.58885  -3.66620  1.000 39.75559 ?  28  PHE A O     1 
ATOM   208  C CB    . PHE A 1 29  ? -5.84096  13.87554  -2.74019  1.000 35.60897 ?  28  PHE A CB    1 
ATOM   209  C CG    . PHE A 1 29  ? -7.05760  14.75142  -2.89317  1.000 35.77064 ?  28  PHE A CG    1 
ATOM   210  C CD1   . PHE A 1 29  ? -8.23853  14.24295  -3.40032  1.000 35.91474 ?  28  PHE A CD1   1 
ATOM   211  C CD2   . PHE A 1 29  ? -7.00901  16.10399  -2.54303  1.000 39.90313 ?  28  PHE A CD2   1 
ATOM   212  C CE1   . PHE A 1 29  ? -9.34972  15.04493  -3.55916  1.000 37.37743 ?  28  PHE A CE1   1 
ATOM   213  C CE2   . PHE A 1 29  ? -8.11243  16.91530  -2.69566  1.000 41.74274 ?  28  PHE A CE2   1 
ATOM   214  C CZ    . PHE A 1 29  ? -9.29178  16.38802  -3.20777  1.000 41.56008 ?  28  PHE A CZ    1 
ATOM   215  N N     . GLY A 1 30  ? -4.86722  15.78124  -5.39383  1.000 36.45954 ?  29  GLY A N     1 
ATOM   216  C CA    . GLY A 1 30  ? -4.37213  17.08545  -5.82321  1.000 39.37362 ?  29  GLY A CA    1 
ATOM   217  C C     . GLY A 1 30  ? -2.90176  17.13092  -6.17948  1.000 40.97151 ?  29  GLY A C     1 
ATOM   218  O O     . GLY A 1 30  ? -2.28514  18.20369  -6.14341  1.000 38.83424 ?  29  GLY A O     1 
ATOM   219  N N     . GLN A 1 31  ? -2.31726  15.99112  -6.52601  1.000 37.94176 ?  30  GLN A N     1 
ATOM   220  C CA    . GLN A 1 31  ? -0.90177  15.90117  -6.81041  1.000 35.82573 ?  30  GLN A CA    1 
ATOM   221  C C     . GLN A 1 31  ? -0.73202  15.21017  -8.15141  1.000 33.39454 ?  30  GLN A C     1 
ATOM   222  O O     . GLN A 1 31  ? -1.70515  14.86268  -8.82745  1.000 30.63201 ?  30  GLN A O     1 
ATOM   223  C CB    . GLN A 1 31  ? -0.15085  15.14819  -5.70407  1.000 34.69718 ?  30  GLN A CB    1 
ATOM   224  C CG    . GLN A 1 31  ? -0.03880  15.89998  -4.37923  1.000 41.13998 ?  30  GLN A CG    1 
ATOM   225  C CD    . GLN A 1 31  ? 1.27077   16.66213  -4.26437  1.000 47.64361 ?  30  GLN A CD    1 
ATOM   226  O OE1   . GLN A 1 31  ? 2.25193   16.34067  -4.94102  1.000 52.13201 ?  30  GLN A OE1   1 
ATOM   227  N NE2   . GLN A 1 31  ? 1.29089   17.69101  -3.41641  1.000 55.75313 ?  30  GLN A NE2   1 
ATOM   228  N N     . HIS A 1 32  ? 0.53078   15.02546  -8.51032  1.000 32.84787 ?  31  HIS A N     1 
ATOM   229  C CA    . HIS A 1 32  ? 0.95243   14.31443  -9.70617  1.000 33.12380 ?  31  HIS A CA    1 
ATOM   230  C C     . HIS A 1 32  ? 1.90670   13.18298  -9.35231  1.000 30.98376 ?  31  HIS A C     1 
ATOM   231  O O     . HIS A 1 32  ? 2.65574   12.71069  -10.21792 1.000 29.46442 ?  31  HIS A O     1 
ATOM   232  C CB    . HIS A 1 32  ? 1.61100   15.28699  -10.69273 1.000 33.13313 ?  31  HIS A CB    1 
ATOM   233  C CG    . HIS A 1 32  ? 0.66367   16.29719  -11.26275 1.000 36.84366 ?  31  HIS A CG    1 
ATOM   234  N ND1   . HIS A 1 32  ? -0.64939  15.99788  -11.55775 1.000 35.54934 ?  31  HIS A ND1   1 
ATOM   235  C CD2   . HIS A 1 32  ? 0.83747   17.59815  -11.60224 1.000 37.30431 ?  31  HIS A CD2   1 
ATOM   236  C CE1   . HIS A 1 32  ? -1.24537  17.06983  -12.05025 1.000 37.38406 ?  31  HIS A CE1   1 
ATOM   237  N NE2   . HIS A 1 32  ? -0.36667  18.05537  -12.08178 1.000 38.13505 ?  31  HIS A NE2   1 
ATOM   238  N N     . SER A 1 33  ? 1.92241   12.77473  -8.08320  1.000 30.75061 ?  32  SER A N     1 
ATOM   239  C CA    . SER A 1 33  ? 2.72017   11.65815  -7.59279  1.000 27.51248 ?  32  SER A CA    1 
ATOM   240  C C     . SER A 1 33  ? 1.80555   10.47588  -7.27537  1.000 24.95427 ?  32  SER A C     1 
ATOM   241  O O     . SER A 1 33  ? 0.61828   10.64143  -6.98409  1.000 24.73437 ?  32  SER A O     1 
ATOM   242  C CB    . SER A 1 33  ? 3.51121   12.04851  -6.34447  1.000 33.68860 ?  32  SER A CB    1 
ATOM   243  O OG    . SER A 1 33  ? 2.75905   12.97372  -5.59063  1.000 35.59967 ?  32  SER A OG    1 
ATOM   244  N N     . TRP A 1 34  ? 2.37155   9.27986   -7.34643  1.000 24.21187 ?  33  TRP A N     1 
ATOM   245  C CA    . TRP A 1 34  ? 1.58189   8.06407   -7.35786  1.000 20.63696 ?  33  TRP A CA    1 
ATOM   246  C C     . TRP A 1 34  ? 2.14971   7.09939   -6.33878  1.000 17.70485 ?  33  TRP A C     1 
ATOM   247  O O     . TRP A 1 34  ? 3.33111   7.17229   -6.01240  1.000 19.18499 ?  33  TRP A O     1 
ATOM   248  C CB    . TRP A 1 34  ? 1.59614   7.43861   -8.74327  1.000 20.37803 ?  33  TRP A CB    1 
ATOM   249  C CG    . TRP A 1 34  ? 0.94335   8.27506   -9.79136  1.000 19.57762 ?  33  TRP A CG    1 
ATOM   250  C CD1   . TRP A 1 34  ? 1.40902   9.46251   -10.33295 1.000 22.04091 ?  33  TRP A CD1   1 
ATOM   251  C CD2   . TRP A 1 34  ? -0.29983  8.00193   -10.43667 1.000 20.30401 ?  33  TRP A CD2   1 
ATOM   252  N NE1   . TRP A 1 34  ? 0.51305   9.93100   -11.26795 1.000 22.09861 ?  33  TRP A NE1   1 
ATOM   253  C CE2   . TRP A 1 34  ? -0.53451  9.04463   -11.36490 1.000 19.16726 ?  33  TRP A CE2   1 
ATOM   254  C CE3   . TRP A 1 34  ? -1.23162  6.95635   -10.34286 1.000 17.65416 ?  33  TRP A CE3   1 
ATOM   255  C CZ2   . TRP A 1 34  ? -1.67957  9.07546   -12.18643 1.000 21.92422 ?  33  TRP A CZ2   1 
ATOM   256  C CZ3   . TRP A 1 34  ? -2.36049  6.98689   -11.15345 1.000 19.70470 ?  33  TRP A CZ3   1 
ATOM   257  C CH2   . TRP A 1 34  ? -2.57695  8.05142   -12.07013 1.000 20.89312 ?  33  TRP A CH2   1 
ATOM   258  N N     . GLN A 1 35  ? 1.31044   6.18462   -5.83937  1.000 19.01721 ?  34  GLN A N     1 
ATOM   259  C CA    . GLN A 1 35  ? 1.78227   5.21935   -4.84605  1.000 17.98002 ?  34  GLN A CA    1 
ATOM   260  C C     . GLN A 1 35  ? 0.76947   4.07650   -4.71854  1.000 16.12022 ?  34  GLN A C     1 
ATOM   261  O O     . GLN A 1 35  ? -0.36223  4.16720   -5.19889  1.000 13.15817 ?  34  GLN A O     1 
ATOM   262  C CB    . GLN A 1 35  ? 1.97013   5.88543   -3.47545  1.000 19.27219 ?  34  GLN A CB    1 
ATOM   263  C CG    . GLN A 1 35  ? 0.64540   6.47954   -2.97577  1.000 21.89034 ?  34  GLN A CG    1 
ATOM   264  C CD    . GLN A 1 35  ? 0.69773   6.99731   -1.51179  1.000 30.23103 ?  34  GLN A CD    1 
ATOM   265  O OE1   . GLN A 1 35  ? 0.81850   8.19057   -1.27743  1.000 31.42611 ?  34  GLN A OE1   1 
ATOM   266  N NE2   . GLN A 1 35  ? 0.56060   6.08674   -0.54263  1.000 25.29625 ?  34  GLN A NE2   1 
ATOM   267  N N     . PHE A 1 36  ? 1.18494   3.00911   -4.02882  1.000 13.86822 ?  35  PHE A N     1 
ATOM   268  C CA    . PHE A 1 36  ? 0.21045   2.01163   -3.58895  1.000 14.35408 ?  35  PHE A CA    1 
ATOM   269  C C     . PHE A 1 36  ? -0.52836  2.55025   -2.36493  1.000 16.89265 ?  35  PHE A C     1 
ATOM   270  O O     . PHE A 1 36  ? 0.06390   3.27690   -1.56620  1.000 17.66547 ?  35  PHE A O     1 
ATOM   271  C CB    . PHE A 1 36  ? 0.92892   0.72139   -3.18569  1.000 12.87326 ?  35  PHE A CB    1 
ATOM   272  C CG    . PHE A 1 36  ? 1.43397   -0.13096  -4.34241  1.000 12.43576 ?  35  PHE A CG    1 
ATOM   273  C CD1   . PHE A 1 36  ? 0.61933   -0.41845  -5.44445  1.000 11.70614 ?  35  PHE A CD1   1 
ATOM   274  C CD2   . PHE A 1 36  ? 2.68704   -0.71179  -4.28168  1.000 14.47417 ?  35  PHE A CD2   1 
ATOM   275  C CE1   . PHE A 1 36  ? 1.05947   -1.25751  -6.46714  1.000 11.09660 ?  35  PHE A CE1   1 
ATOM   276  C CE2   . PHE A 1 36  ? 3.15977   -1.55219  -5.33620  1.000 13.74168 ?  35  PHE A CE2   1 
ATOM   277  C CZ    . PHE A 1 36  ? 2.35220   -1.81549  -6.40775  1.000 11.46125 ?  35  PHE A CZ    1 
ATOM   278  N N     . PRO A 1 37  ? -1.78369  2.14842   -2.12888  1.000 17.45723 ?  36  PRO A N     1 
ATOM   279  C CA    . PRO A 1 37  ? -2.42848  2.54858   -0.86044  1.000 18.00396 ?  36  PRO A CA    1 
ATOM   280  C C     . PRO A 1 37  ? -1.62613  2.04289   0.33585   1.000 17.14832 ?  36  PRO A C     1 
ATOM   281  O O     . PRO A 1 37  ? -1.02695  0.97164   0.28006   1.000 16.34788 ?  36  PRO A O     1 
ATOM   282  C CB    . PRO A 1 37  ? -3.80636  1.89174   -0.92685  1.000 12.26988 ?  36  PRO A CB    1 
ATOM   283  C CG    . PRO A 1 37  ? -4.08142  1.60480   -2.36156  1.000 14.88498 ?  36  PRO A CG    1 
ATOM   284  C CD    . PRO A 1 37  ? -2.68842  1.37292   -3.01055  1.000 14.24382 ?  36  PRO A CD    1 
ATOM   285  N N     . GLN A 1 38  ? -1.57561  2.83883   1.41154   1.000 16.87621 ?  37  GLN A N     1 
ATOM   286  C CA    . GLN A 1 38  ? -0.84278  2.45324   2.61348   1.000 19.50241 ?  37  GLN A CA    1 
ATOM   287  C C     . GLN A 1 38  ? -1.32494  3.34594   3.75675   1.000 19.55988 ?  37  GLN A C     1 
ATOM   288  O O     . GLN A 1 38  ? -1.91435  4.39649   3.52318   1.000 17.59483 ?  37  GLN A O     1 
ATOM   289  C CB    . GLN A 1 38  ? 0.67851   2.54520   2.42110   1.000 18.92164 ?  37  GLN A CB    1 
ATOM   290  C CG    . GLN A 1 38  ? 1.25562   3.98028   2.49250   1.000 23.25031 ?  37  GLN A CG    1 
ATOM   291  C CD    . GLN A 1 38  ? 2.78519   3.98764   2.56864   1.000 26.53686 ?  37  GLN A CD    1 
ATOM   292  O OE1   . GLN A 1 38  ? 3.45638   3.62020   1.61385   1.000 23.34635 ?  37  GLN A OE1   1 
ATOM   293  N NE2   . GLN A 1 38  ? 3.33047   4.36772   3.72161   1.000 25.64830 ?  37  GLN A NE2   1 
ATOM   294  N N     . GLY A 1 39  ? -1.12253  2.89503   4.98447   1.000 18.62979 ?  38  GLY A N     1 
ATOM   295  C CA    . GLY A 1 39  ? -1.50562  3.70925   6.13722   1.000 18.65565 ?  38  GLY A CA    1 
ATOM   296  C C     . GLY A 1 39  ? -1.09570  2.98821   7.39718   1.000 16.87763 ?  38  GLY A C     1 
ATOM   297  O O     . GLY A 1 39  ? -0.71741  1.82375   7.36535   1.000 17.09248 ?  38  GLY A O     1 
ATOM   298  N N     . GLY A 1 40  ? -1.19959  3.69865   8.52302   1.000 17.89444 ?  39  GLY A N     1 
ATOM   299  C CA    . GLY A 1 40  ? -0.67113  3.17717   9.77196   1.000 16.14454 ?  39  GLY A CA    1 
ATOM   300  C C     . GLY A 1 40  ? -1.55975  2.08801   10.35285  1.000 17.22969 ?  39  GLY A C     1 
ATOM   301  O O     . GLY A 1 40  ? -2.76384  2.03531   10.10228  1.000 14.56245 ?  39  GLY A O     1 
ATOM   302  N N     . ILE A 1 41  ? -0.94234  1.19802   11.11822  1.000 13.84318 ?  40  ILE A N     1 
ATOM   303  C CA    . ILE A 1 41  ? -1.65000  0.19037   11.90536  1.000 14.17340 ?  40  ILE A CA    1 
ATOM   304  C C     . ILE A 1 41  ? -1.85619  0.77469   13.30397  1.000 17.57321 ?  40  ILE A C     1 
ATOM   305  O O     . ILE A 1 41  ? -0.87975  1.13772   13.97781  1.000 15.73377 ?  40  ILE A O     1 
ATOM   306  C CB    . ILE A 1 41  ? -0.85259  -1.12516  11.98502  1.000 13.62017 ?  40  ILE A CB    1 
ATOM   307  C CG1   . ILE A 1 41  ? -0.62633  -1.73556  10.60162  1.000 13.57213 ?  40  ILE A CG1   1 
ATOM   308  C CG2   . ILE A 1 41  ? -1.56408  -2.14904  12.91472  1.000 14.17920 ?  40  ILE A CG2   1 
ATOM   309  C CD1   . ILE A 1 41  ? 0.51313   -2.78641  10.60733  1.000 13.57478 ?  40  ILE A CD1   1 
ATOM   310  N N     . ASN A 1 42  ? -3.13197  0.86592   13.75118  1.000 13.40730 ?  41  ASN A N     1 
ATOM   311  C CA    . ASN A 1 42  ? -3.42963  1.46906   15.06054  1.000 16.64988 ?  41  ASN A CA    1 
ATOM   312  C C     . ASN A 1 42  ? -3.08739  0.53348   16.23417  1.000 17.10319 ?  41  ASN A C     1 
ATOM   313  O O     . ASN A 1 42  ? -3.09134  -0.69780  16.08701  1.000 15.44517 ?  41  ASN A O     1 
ATOM   314  C CB    . ASN A 1 42  ? -4.90645  1.84725   15.15061  1.000 16.77514 ?  41  ASN A CB    1 
ATOM   315  C CG    . ASN A 1 42  ? -5.31368  2.90309   14.13472  1.000 19.05570 ?  41  ASN A CG    1 
ATOM   316  O OD1   . ASN A 1 42  ? -4.47087  3.61123   13.57329  1.000 20.73791 ?  41  ASN A OD1   1 
ATOM   317  N ND2   . ASN A 1 42  ? -6.60618  3.02457   13.90768  1.000 18.92413 ?  41  ASN A ND2   1 
ATOM   318  N N     . PRO A 1 43  ? -2.80904  1.09293   17.42024  1.000 19.23329 ?  42  PRO A N     1 
ATOM   319  C CA    . PRO A 1 43  ? -2.66564  0.24973   18.61341  1.000 18.69341 ?  42  PRO A CA    1 
ATOM   320  C C     . PRO A 1 43  ? -3.87643  -0.66361  18.75894  1.000 16.09536 ?  42  PRO A C     1 
ATOM   321  O O     . PRO A 1 43  ? -5.01731  -0.25931  18.52606  1.000 15.77574 ?  42  PRO A O     1 
ATOM   322  C CB    . PRO A 1 43  ? -2.57496  1.26488   19.75933  1.000 21.72295 ?  42  PRO A CB    1 
ATOM   323  C CG    . PRO A 1 43  ? -1.99017  2.51902   19.10763  1.000 22.03099 ?  42  PRO A CG    1 
ATOM   324  C CD    . PRO A 1 43  ? -2.54565  2.53154   17.70167  1.000 21.37146 ?  42  PRO A CD    1 
ATOM   325  N N     . GLY A 1 44  ? -3.61813  -1.91847  19.10958  1.000 19.43951 ?  43  GLY A N     1 
ATOM   326  C CA    . GLY A 1 44  ? -4.69946  -2.85286  19.30532  1.000 16.72436 ?  43  GLY A CA    1 
ATOM   327  C C     . GLY A 1 44  ? -5.25167  -3.46637  18.03984  1.000 18.27816 ?  43  GLY A C     1 
ATOM   328  O O     . GLY A 1 44  ? -6.14762  -4.32350  18.12701  1.000 15.84207 ?  43  GLY A O     1 
ATOM   329  N N     . GLU A 1 45  ? -4.73942  -3.06670  16.87829  1.000 15.27558 ?  44  GLU A N     1 
ATOM   330  C CA    . GLU A 1 45  ? -5.21638  -3.49053  15.56678  1.000 14.34706 ?  44  GLU A CA    1 
ATOM   331  C C     . GLU A 1 45  ? -4.24548  -4.51454  15.00683  1.000 13.04057 ?  44  GLU A C     1 
ATOM   332  O O     . GLU A 1 45  ? -3.04707  -4.41300  15.25907  1.000 13.80422 ?  44  GLU A O     1 
ATOM   333  C CB    . GLU A 1 45  ? -5.26255  -2.27923  14.61683  1.000 16.29238 ?  44  GLU A CB    1 
ATOM   334  C CG    . GLU A 1 45  ? -6.33554  -2.31035  13.62351  1.000 16.74677 ?  44  GLU A CG    1 
ATOM   335  C CD    . GLU A 1 45  ? -6.39140  -1.05299  12.78008  1.000 16.39798 ?  44  GLU A CD    1 
ATOM   336  O OE1   . GLU A 1 45  ? -5.34912  -0.38483  12.61158  1.000 14.00129 ?  44  GLU A OE1   1 
ATOM   337  O OE2   . GLU A 1 45  ? -7.49073  -0.74924  12.29606  1.000 16.82728 -1 44  GLU A OE2   1 
ATOM   338  N N     . SER A 1 46  ? -4.75286  -5.50859  14.26161  1.000 12.35861 ?  45  SER A N     1 
ATOM   339  C CA    . SER A 1 46  ? -3.87818  -6.39216  13.47196  1.000 11.85570 ?  45  SER A CA    1 
ATOM   340  C C     . SER A 1 46  ? -3.56144  -5.74870  12.11962  1.000 11.66649 ?  45  SER A C     1 
ATOM   341  O O     . SER A 1 46  ? -4.25363  -4.84771  11.65595  1.000 9.84379  ?  45  SER A O     1 
ATOM   342  C CB    . SER A 1 46  ? -4.53490  -7.77621  13.27560  1.000 14.80202 ?  45  SER A CB    1 
ATOM   343  O OG    . SER A 1 46  ? -5.56885  -7.69170  12.29960  1.000 11.35428 ?  45  SER A OG    1 
ATOM   344  N N     . ALA A 1 47  ? -2.45188  -6.16230  11.49653  1.000 11.36680 ?  46  ALA A N     1 
ATOM   345  C CA    . ALA A 1 47  ? -2.15479  -5.57711  10.19195  1.000 10.45947 ?  46  ALA A CA    1 
ATOM   346  C C     . ALA A 1 47  ? -3.29130  -5.83016  9.21858   1.000 10.09782 ?  46  ALA A C     1 
ATOM   347  O O     . ALA A 1 47  ? -3.60462  -4.97677  8.37887   1.000 8.49140  ?  46  ALA A O     1 
ATOM   348  C CB    . ALA A 1 47  ? -0.84486  -6.14635  9.61318   1.000 10.72228 ?  46  ALA A CB    1 
ATOM   349  N N     . GLU A 1 48  ? -3.90999  -7.01594  9.30568   1.000 9.14465  ?  47  GLU A N     1 
ATOM   350  C CA    . GLU A 1 48  ? -4.95393  -7.36858  8.34490   1.000 8.16117  ?  47  GLU A CA    1 
ATOM   351  C C     . GLU A 1 48  ? -6.21249  -6.52572  8.55864   1.000 10.06997 ?  47  GLU A C     1 
ATOM   352  O O     . GLU A 1 48  ? -6.88535  -6.12990  7.59563   1.000 9.06266  ?  47  GLU A O     1 
ATOM   353  C CB    . GLU A 1 48  ? -5.26887  -8.86732  8.45349   1.000 9.67684  ?  47  GLU A CB    1 
ATOM   354  C CG    . GLU A 1 48  ? -6.30613  -9.30515  7.39984   1.000 11.17374 ?  47  GLU A CG    1 
ATOM   355  C CD    . GLU A 1 48  ? -6.44901  -10.79672 7.22810   1.000 13.16009 ?  47  GLU A CD    1 
ATOM   356  O OE1   . GLU A 1 48  ? -5.47759  -11.57203 7.38047   1.000 10.76666 ?  47  GLU A OE1   1 
ATOM   357  O OE2   . GLU A 1 48  ? -7.58073  -11.19292 6.91903   1.000 17.08867 -1 47  GLU A OE2   1 
ATOM   358  N N     . GLN A 1 49  ? -6.56189  -6.25997  9.81787   1.000 9.56263  ?  48  GLN A N     1 
ATOM   359  C CA    . GLN A 1 49  ? -7.70535  -5.39857  10.09198  1.000 10.04100 ?  48  GLN A CA    1 
ATOM   360  C C     . GLN A 1 49  ? -7.43388  -3.99295  9.58362   1.000 10.86229 ?  48  GLN A C     1 
ATOM   361  O O     . GLN A 1 49  ? -8.29598  -3.34724  8.98037   1.000 11.53341 ?  48  GLN A O     1 
ATOM   362  C CB    . GLN A 1 49  ? -7.95566  -5.37582  11.61618  1.000 11.60487 ?  48  GLN A CB    1 
ATOM   363  C CG    . GLN A 1 49  ? -8.52663  -6.70703  12.15771  1.000 10.83597 ?  48  GLN A CG    1 
ATOM   364  C CD    . GLN A 1 49  ? -8.64308  -6.69612  13.65868  1.000 14.10011 ?  48  GLN A CD    1 
ATOM   365  O OE1   . GLN A 1 49  ? -7.93837  -5.93316  14.34366  1.000 11.07713 ?  48  GLN A OE1   1 
ATOM   366  N NE2   . GLN A 1 49  ? -9.51684  -7.55449  14.18798  1.000 14.56849 ?  48  GLN A NE2   1 
ATOM   367  N N     . ALA A 1 50  ? -6.23092  -3.50044  9.85288   1.000 11.13668 ?  49  ALA A N     1 
ATOM   368  C CA    . ALA A 1 50  ? -5.81680  -2.19485  9.36506   1.000 11.99803 ?  49  ALA A CA    1 
ATOM   369  C C     . ALA A 1 50  ? -5.84908  -2.13538  7.84097   1.000 10.87944 ?  49  ALA A C     1 
ATOM   370  O O     . ALA A 1 50  ? -6.27350  -1.12877  7.24688   1.000 12.30198 ?  49  ALA A O     1 
ATOM   371  C CB    . ALA A 1 50  ? -4.40800  -1.92038  9.92292   1.000 11.11292 ?  49  ALA A CB    1 
ATOM   372  N N     . MET A 1 51  ? -5.41518  -3.22676  7.18280   1.000 12.26801 ?  50  MET A N     1 
ATOM   373  C CA    . MET A 1 51  ? -5.48034  -3.31801  5.72203   1.000 8.75779  ?  50  MET A CA    1 
ATOM   374  C C     . MET A 1 51  ? -6.90166  -3.15124  5.21493   1.000 10.86821 ?  50  MET A C     1 
ATOM   375  O O     . MET A 1 51  ? -7.16799  -2.33985  4.32255   1.000 11.34058 ?  50  MET A O     1 
ATOM   376  C CB    . MET A 1 51  ? -4.91641  -4.67752  5.28119   1.000 9.47462  ?  50  MET A CB    1 
ATOM   377  C CG    . MET A 1 51  ? -4.82306  -4.87394  3.75764   1.000 8.09249  ?  50  MET A CG    1 
ATOM   378  S SD    . MET A 1 51  ? -6.38586  -5.35254  3.01287   1.000 11.48972 ?  50  MET A SD    1 
ATOM   379  C CE    . MET A 1 51  ? -6.57059  -7.00861  3.64550   1.000 10.57554 ?  50  MET A CE    1 
ATOM   380  N N     . TYR A 1 52  ? -7.83895  -3.91885  5.76491   1.000 11.14377 ?  51  TYR A N     1 
ATOM   381  C CA    . TYR A 1 52  ? -9.20500  -3.80986  5.27308   1.000 10.85838 ?  51  TYR A CA    1 
ATOM   382  C C     . TYR A 1 52  ? -9.78022  -2.42487  5.54126   1.000 11.09306 ?  51  TYR A C     1 
ATOM   383  O O     . TYR A 1 52  ? -10.55674 -1.90176  4.73885   1.000 11.87330 ?  51  TYR A O     1 
ATOM   384  C CB    . TYR A 1 52  ? -10.07402 -4.86991  5.92711   1.000 13.44338 ?  51  TYR A CB    1 
ATOM   385  C CG    . TYR A 1 52  ? -10.05953 -6.20016  5.21232   1.000 15.78680 ?  51  TYR A CG    1 
ATOM   386  C CD1   . TYR A 1 52  ? -10.44983 -6.29737  3.89203   1.000 16.62349 ?  51  TYR A CD1   1 
ATOM   387  C CD2   . TYR A 1 52  ? -9.66625  -7.34816  5.87461   1.000 14.50875 ?  51  TYR A CD2   1 
ATOM   388  C CE1   . TYR A 1 52  ? -10.48178 -7.55373  3.22363   1.000 17.46554 ?  51  TYR A CE1   1 
ATOM   389  C CE2   . TYR A 1 52  ? -9.69090  -8.60982  5.22663   1.000 17.72425 ?  51  TYR A CE2   1 
ATOM   390  C CZ    . TYR A 1 52  ? -10.09569 -8.69018  3.90574   1.000 16.92083 ?  51  TYR A CZ    1 
ATOM   391  O OH    . TYR A 1 52  ? -10.08753 -9.91803  3.27170   1.000 19.96392 ?  51  TYR A OH    1 
ATOM   392  N N     . ARG A 1 53  ? -9.45078  -1.84499  6.68698   1.000 11.90635 ?  52  ARG A N     1 
ATOM   393  C CA    . ARG A 1 53  ? -9.94952  -0.50993  7.00231   1.000 12.95691 ?  52  ARG A CA    1 
ATOM   394  C C     . ARG A 1 53  ? -9.44511  0.49679   5.98189   1.000 13.49956 ?  52  ARG A C     1 
ATOM   395  O O     . ARG A 1 53  ? -10.22818 1.24999   5.39313   1.000 12.78576 ?  52  ARG A O     1 
ATOM   396  C CB    . ARG A 1 53  ? -9.51500  -0.11125  8.41519   1.000 12.11834 ?  52  ARG A CB    1 
ATOM   397  C CG    . ARG A 1 53  ? -9.75827  1.40966   8.73667   1.000 13.92950 ?  52  ARG A CG    1 
ATOM   398  C CD    . ARG A 1 53  ? -9.41031  1.65499   10.22050  1.000 14.07661 ?  52  ARG A CD    1 
ATOM   399  N NE    . ARG A 1 53  ? -8.04011  1.29464   10.61355  1.000 14.79288 ?  52  ARG A NE    1 
ATOM   400  C CZ    . ARG A 1 53  ? -6.94058  1.91140   10.14902  1.000 17.62176 ?  52  ARG A CZ    1 
ATOM   401  N NH1   . ARG A 1 53  ? -7.04256  2.88052   9.22770   1.000 14.86517 ?  52  ARG A NH1   1 
ATOM   402  N NH2   . ARG A 1 53  ? -5.72627  1.55491   10.57861  1.000 13.50506 ?  52  ARG A NH2   1 
ATOM   403  N N     . GLU A 1 54  ? -8.13095  0.51314   5.73743   1.000 13.40613 ?  53  GLU A N     1 
ATOM   404  C CA    . GLU A 1 54  ? -7.63719  1.50965   4.79850   1.000 13.33157 ?  53  GLU A CA    1 
ATOM   405  C C     . GLU A 1 54  ? -8.01296  1.16133   3.35722   1.000 15.09642 ?  53  GLU A C     1 
ATOM   406  O O     . GLU A 1 54  ? -8.12621  2.06485   2.51721   1.000 15.09204 ?  53  GLU A O     1 
ATOM   407  C CB    . GLU A 1 54  ? -6.13100  1.68907   5.01841   1.000 18.26142 ?  53  GLU A CB    1 
ATOM   408  C CG    . GLU A 1 54  ? -5.29941  0.72958   4.29161   1.000 18.76020 ?  53  GLU A CG    1 
ATOM   409  C CD    . GLU A 1 54  ? -3.85337  0.82187   4.72193   1.000 22.22284 ?  53  GLU A CD    1 
ATOM   410  O OE1   . GLU A 1 54  ? -3.57488  1.32672   5.85459   1.000 23.14767 ?  53  GLU A OE1   1 
ATOM   411  O OE2   . GLU A 1 54  ? -2.99205  0.36236   3.93180   1.000 24.69793 -1 53  GLU A OE2   1 
ATOM   412  N N     . LEU A 1 55  ? -8.31088  -0.11126  3.07721   1.000 11.52416 ?  54  LEU A N     1 
ATOM   413  C CA    . LEU A 1 55  ? -8.79979  -0.48233  1.75207   1.000 12.14495 ?  54  LEU A CA    1 
ATOM   414  C C     . LEU A 1 55  ? -10.12754 0.17770   1.46715   1.000 15.01938 ?  54  LEU A C     1 
ATOM   415  O O     . LEU A 1 55  ? -10.34629 0.71294   0.37164   1.000 16.98821 ?  54  LEU A O     1 
ATOM   416  C CB    . LEU A 1 55  ? -8.96983  -1.99585  1.65087   1.000 10.94516 ?  54  LEU A CB    1 
ATOM   417  C CG    . LEU A 1 55  ? -9.57107  -2.47867  0.32743   1.000 14.08144 ?  54  LEU A CG    1 
ATOM   418  C CD1   . LEU A 1 55  ? -8.52072  -2.42780  -0.78236  1.000 13.39433 ?  54  LEU A CD1   1 
ATOM   419  C CD2   . LEU A 1 55  ? -10.06500 -3.85282  0.44095   1.000 12.74439 ?  54  LEU A CD2   1 
ATOM   420  N N     . PHE A 1 56  ? -11.04158 0.15346   2.44303   1.000 13.94658 ?  55  PHE A N     1 
ATOM   421  C CA    . PHE A 1 56  ? -12.27219 0.90526   2.24346   1.000 14.93509 ?  55  PHE A CA    1 
ATOM   422  C C     . PHE A 1 56  ? -12.03753 2.42474   2.34844   1.000 16.80590 ?  55  PHE A C     1 
ATOM   423  O O     . PHE A 1 56  ? -12.55844 3.18441   1.52359   1.000 15.61817 ?  55  PHE A O     1 
ATOM   424  C CB    . PHE A 1 56  ? -13.37340 0.46443   3.21466   1.000 15.54645 ?  55  PHE A CB    1 
ATOM   425  C CG    . PHE A 1 56  ? -14.70752 1.02055   2.80787   1.000 14.61511 ?  55  PHE A CG    1 
ATOM   426  C CD1   . PHE A 1 56  ? -15.46497 0.38672   1.83453   1.000 16.84753 ?  55  PHE A CD1   1 
ATOM   427  C CD2   . PHE A 1 56  ? -15.13767 2.23868   3.29819   1.000 17.83725 ?  55  PHE A CD2   1 
ATOM   428  C CE1   . PHE A 1 56  ? -16.66494 0.93625   1.37980   1.000 17.69516 ?  55  PHE A CE1   1 
ATOM   429  C CE2   . PHE A 1 56  ? -16.34275 2.81352   2.84402   1.000 15.72255 ?  55  PHE A CE2   1 
ATOM   430  C CZ    . PHE A 1 56  ? -17.09902 2.15196   1.89398   1.000 19.26315 ?  55  PHE A CZ    1 
ATOM   431  N N     . GLU A 1 57  ? -11.26059 2.89644   3.33285   1.000 13.33053 ?  56  GLU A N     1 
ATOM   432  C CA    . GLU A 1 57  ? -11.09542 4.35426   3.49536   1.000 16.11024 ?  56  GLU A CA    1 
ATOM   433  C C     . GLU A 1 57  ? -10.43604 5.01716   2.28426   1.000 20.43173 ?  56  GLU A C     1 
ATOM   434  O O     . GLU A 1 57  ? -10.73060 6.18474   1.96250   1.000 17.51598 ?  56  GLU A O     1 
ATOM   435  C CB    . GLU A 1 57  ? -10.28456 4.67427   4.75553   1.000 17.38182 ?  56  GLU A CB    1 
ATOM   436  C CG    . GLU A 1 57  ? -11.02865 4.31904   6.04273   1.000 14.33530 ?  56  GLU A CG    1 
ATOM   437  C CD    . GLU A 1 57  ? -10.26294 4.64294   7.30877   1.000 19.27610 ?  56  GLU A CD    1 
ATOM   438  O OE1   . GLU A 1 57  ? -9.01422  4.46427   7.35155   1.000 18.09837 ?  56  GLU A OE1   1 
ATOM   439  O OE2   . GLU A 1 57  ? -10.94451 5.01774   8.30994   1.000 22.31606 -1 56  GLU A OE2   1 
ATOM   440  N N     . GLU A 1 58  ? -9.52337  4.30544   1.61315   1.000 17.70418 ?  57  GLU A N     1 
ATOM   441  C CA    . GLU A 1 58  ? -8.70120  4.89663   0.56338   1.000 17.42214 ?  57  GLU A CA    1 
ATOM   442  C C     . GLU A 1 58  ? -9.12503  4.47619   -0.82340  1.000 18.80959 ?  57  GLU A C     1 
ATOM   443  O O     . GLU A 1 58  ? -8.87957  5.22818   -1.76699  1.000 20.74490 ?  57  GLU A O     1 
ATOM   444  C CB    . GLU A 1 58  ? -7.22005  4.53626   0.76805   1.000 15.24374 ?  57  GLU A CB    1 
ATOM   445  C CG    . GLU A 1 58  ? -6.57261  5.17438   2.00319   1.000 19.37557 ?  57  GLU A CG    1 
ATOM   446  C CD    . GLU A 1 58  ? -5.12358  4.76519   2.16215   1.000 22.71844 ?  57  GLU A CD    1 
ATOM   447  O OE1   . GLU A 1 58  ? -4.58167  4.14879   1.22262   1.000 20.77626 ?  57  GLU A OE1   1 
ATOM   448  O OE2   . GLU A 1 58  ? -4.51126  5.03127   3.21739   1.000 22.13797 -1 57  GLU A OE2   1 
ATOM   449  N N     . VAL A 1 59  ? -9.77307  3.31929   -0.96941  1.000 16.27635 ?  58  VAL A N     1 
ATOM   450  C CA    . VAL A 1 59  ? -10.08776 2.73950   -2.27930  1.000 19.57681 ?  58  VAL A CA    1 
ATOM   451  C C     . VAL A 1 59  ? -11.56466 2.41605   -2.38185  1.000 19.35930 ?  58  VAL A C     1 
ATOM   452  O O     . VAL A 1 59  ? -12.05385 2.06989   -3.45917  1.000 20.01368 ?  58  VAL A O     1 
ATOM   453  C CB    . VAL A 1 59  ? -9.27374  1.45136   -2.55470  1.000 19.77388 ?  58  VAL A CB    1 
ATOM   454  C CG1   . VAL A 1 59  ? -9.30672  1.14593   -4.04770  1.000 20.07263 ?  58  VAL A CG1   1 
ATOM   455  C CG2   . VAL A 1 59  ? -7.86154  1.62556   -2.06507  1.000 20.92603 ?  58  VAL A CG2   1 
ATOM   456  N N     . GLY A 1 60  ? -12.29742 2.51270   -1.26897  1.000 16.17622 ?  59  GLY A N     1 
ATOM   457  C CA    . GLY A 1 60  ? -13.72168 2.21370   -1.34432  1.000 18.72115 ?  59  GLY A CA    1 
ATOM   458  C C     . GLY A 1 60  ? -14.09165 0.75723   -1.56800  1.000 19.51504 ?  59  GLY A C     1 
ATOM   459  O O     . GLY A 1 60  ? -15.25272 0.47604   -1.86604  1.000 18.67301 ?  59  GLY A O     1 
ATOM   460  N N     . LEU A 1 61  ? -13.15893 -0.18357  -1.43752  1.000 17.60004 ?  60  LEU A N     1 
ATOM   461  C CA    . LEU A 1 61  ? -13.43796 -1.59711  -1.63819  1.000 15.50470 ?  60  LEU A CA    1 
ATOM   462  C C     . LEU A 1 61  ? -13.63755 -2.29625  -0.29960  1.000 16.49583 ?  60  LEU A C     1 
ATOM   463  O O     . LEU A 1 61  ? -12.99109 -1.96488  0.69196   1.000 15.11540 ?  60  LEU A O     1 
ATOM   464  C CB    . LEU A 1 61  ? -12.27902 -2.28062  -2.38809  1.000 17.30713 ?  60  LEU A CB    1 
ATOM   465  C CG    . LEU A 1 61  ? -11.95650 -1.77017  -3.79301  1.000 19.87997 ?  60  LEU A CG    1 
ATOM   466  C CD1   . LEU A 1 61  ? -10.79953 -2.60639  -4.43977  1.000 17.31218 ?  60  LEU A CD1   1 
ATOM   467  C CD2   . LEU A 1 61  ? -13.20824 -1.80285  -4.64378  1.000 16.05117 ?  60  LEU A CD2   1 
ATOM   468  N N     . SER A 1 62  ? -14.52687 -3.29711  -0.27041  1.000 16.91390 ?  61  SER A N     1 
ATOM   469  C CA    . SER A 1 62  ? -14.79140 -4.00066  0.97616   1.000 20.78380 ?  61  SER A CA    1 
ATOM   470  C C     . SER A 1 62  ? -14.19415 -5.40331  0.90425   1.000 20.21532 ?  61  SER A C     1 
ATOM   471  O O     . SER A 1 62  ? -13.62407 -5.80336  -0.12240  1.000 21.97776 ?  61  SER A O     1 
ATOM   472  C CB    . SER A 1 62  ? -16.29474 -4.05026  1.24008   1.000 21.64183 ?  61  SER A CB    1 
ATOM   473  O OG    . SER A 1 62  ? -16.87548 -4.85752  0.23903   1.000 23.40713 ?  61  SER A OG    1 
ATOM   474  N N     . ARG A 1 63  ? -14.38784 -6.18198  1.97556   1.000 19.88853 ?  62  ARG A N     1 
ATOM   475  C CA    . ARG A 1 63  ? -13.87401 -7.55306  1.98520   1.000 22.21962 ?  62  ARG A CA    1 
ATOM   476  C C     . ARG A 1 63  ? -14.43401 -8.37179  0.82744   1.000 21.44168 ?  62  ARG A C     1 
ATOM   477  O O     . ARG A 1 63  ? -13.70961 -9.15090  0.20937   1.000 22.53347 ?  62  ARG A O     1 
ATOM   478  C CB    . ARG A 1 63  ? -14.19089 -8.24344  3.32835   1.000 23.76704 ?  62  ARG A CB    1 
ATOM   479  C CG    . ARG A 1 63  ? -13.96890 -7.36939  4.55156   1.000 23.33761 ?  62  ARG A CG    1 
ATOM   480  C CD    . ARG A 1 63  ? -14.07651 -8.14458  5.90387   1.000 25.14808 ?  62  ARG A CD    1 
ATOM   481  N NE    . ARG A 1 63  ? -13.34692 -7.40899  6.94785   1.000 24.75990 ?  62  ARG A NE    1 
ATOM   482  C CZ    . ARG A 1 63  ? -12.45293 -7.95544  7.76899   1.000 21.46763 ?  62  ARG A CZ    1 
ATOM   483  N NH1   . ARG A 1 63  ? -12.20226 -9.26322  7.69062   1.000 27.43518 ?  62  ARG A NH1   1 
ATOM   484  N NH2   . ARG A 1 63  ? -11.80167 -7.20711  8.66635   1.000 21.09985 ?  62  ARG A NH2   1 
ATOM   485  N N     . LYS A 1 64  ? -15.72228 -8.20227  0.50585   1.000 22.49215 ?  63  LYS A N     1 
ATOM   486  C CA    . LYS A 1 64  ? -16.33765 -8.99279  -0.56499  1.000 25.39889 ?  63  LYS A CA    1 
ATOM   487  C C     . LYS A 1 64  ? -15.83856 -8.62025  -1.95853  1.000 22.95401 ?  63  LYS A C     1 
ATOM   488  O O     . LYS A 1 64  ? -16.02815 -9.40745  -2.89382  1.000 24.90366 ?  63  LYS A O     1 
ATOM   489  C CB    . LYS A 1 64  ? -17.86359 -8.83805  -0.53997  1.000 29.21146 ?  63  LYS A CB    1 
ATOM   490  C CG    . LYS A 1 64  ? -18.34642 -7.72581  -1.50452  1.000 30.83822 ?  63  LYS A CG    1 
ATOM   491  C CD    . LYS A 1 64  ? -19.87565 -7.74969  -1.76690  1.000 36.99787 ?  63  LYS A CD    1 
ATOM   492  C CE    . LYS A 1 64  ? -20.30109 -6.71205  -2.83960  1.000 36.42577 ?  63  LYS A CE    1 
ATOM   493  N NZ    . LYS A 1 64  ? -20.11834 -7.12079  -4.28485  1.000 36.46353 ?  63  LYS A NZ    1 
ATOM   494  N N     . ASP A 1 65  ? -15.21292 -7.45738  -2.13151  1.000 19.39536 ?  64  ASP A N     1 
ATOM   495  C CA    . ASP A 1 65  ? -14.67165 -7.06886  -3.43002  1.000 17.84677 ?  64  ASP A CA    1 
ATOM   496  C C     . ASP A 1 65  ? -13.31251 -7.68259  -3.76095  1.000 19.65712 ?  64  ASP A C     1 
ATOM   497  O O     . ASP A 1 65  ? -12.85002 -7.51346  -4.89492  1.000 15.96711 ?  64  ASP A O     1 
ATOM   498  C CB    . ASP A 1 65  ? -14.50919 -5.54722  -3.51530  1.000 20.84239 ?  64  ASP A CB    1 
ATOM   499  C CG    . ASP A 1 65  ? -15.83002 -4.79190  -3.40871  1.000 24.04911 ?  64  ASP A CG    1 
ATOM   500  O OD1   . ASP A 1 65  ? -16.82429 -5.24095  -4.00615  1.000 23.65003 ?  64  ASP A OD1   1 
ATOM   501  O OD2   . ASP A 1 65  ? -15.84559 -3.72548  -2.74404  1.000 24.94545 -1 64  ASP A OD2   1 
ATOM   502  N N     . VAL A 1 66  ? -12.62784 -8.35791  -2.82745  1.000 18.25393 ?  65  VAL A N     1 
ATOM   503  C CA    . VAL A 1 66  ? -11.23563 -8.79059  -3.04911  1.000 15.58694 ?  65  VAL A CA    1 
ATOM   504  C C     . VAL A 1 66  ? -11.03003 -10.17679 -2.45027  1.000 16.67373 ?  65  VAL A C     1 
ATOM   505  O O     . VAL A 1 66  ? -11.86022 -10.67721 -1.69054  1.000 15.03000 ?  65  VAL A O     1 
ATOM   506  C CB    . VAL A 1 66  ? -10.21062 -7.80862  -2.44726  1.000 15.00574 ?  65  VAL A CB    1 
ATOM   507  C CG1   . VAL A 1 66  ? -10.39453 -6.41895  -3.03900  1.000 12.75689 ?  65  VAL A CG1   1 
ATOM   508  C CG2   . VAL A 1 66  ? -10.37656 -7.72687  -0.91694  1.000 13.61245 ?  65  VAL A CG2   1 
ATOM   509  N N     . ARG A 1 67  ? -9.92262  -10.79994 -2.83671  1.000 12.82606 ?  66  ARG A N     1 
ATOM   510  C CA    . ARG A 1 67  ? -9.39622  -12.01381 -2.21391  1.000 14.86363 ?  66  ARG A CA    1 
ATOM   511  C C     . ARG A 1 67  ? -7.98444  -11.70964 -1.74194  1.000 14.46865 ?  66  ARG A C     1 
ATOM   512  O O     . ARG A 1 67  ? -7.18422  -11.18139 -2.51342  1.000 13.35434 ?  66  ARG A O     1 
ATOM   513  C CB    . ARG A 1 67  ? -9.31658  -13.18625 -3.22132  1.000 17.81974 ?  66  ARG A CB    1 
ATOM   514  C CG    . ARG A 1 67  ? -10.57923 -13.52763 -3.93362  1.000 21.83537 ?  66  ARG A CG    1 
ATOM   515  C CD    . ARG A 1 67  ? -10.35395 -14.68128 -4.93713  1.000 20.98339 ?  66  ARG A CD    1 
ATOM   516  N NE    . ARG A 1 67  ? -11.64182 -15.16067 -5.44069  1.000 25.92689 ?  66  ARG A NE    1 
ATOM   517  C CZ    . ARG A 1 67  ? -11.92006 -15.38402 -6.72300  1.000 25.85948 ?  66  ARG A CZ    1 
ATOM   518  N NH1   . ARG A 1 67  ? -10.99655 -15.17933 -7.65746  1.000 23.40962 ?  66  ARG A NH1   1 
ATOM   519  N NH2   . ARG A 1 67  ? -13.12307 -15.84318 -7.07422  1.000 26.92758 ?  66  ARG A NH2   1 
ATOM   520  N N     . ILE A 1 68  ? -7.64746  -12.07426 -0.50903  1.000 14.30498 ?  67  ILE A N     1 
ATOM   521  C CA    . ILE A 1 68  ? -6.26171  -11.93720 -0.08782  1.000 13.51145 ?  67  ILE A CA    1 
ATOM   522  C C     . ILE A 1 68  ? -5.49667  -13.11571 -0.68673  1.000 12.17075 ?  67  ILE A C     1 
ATOM   523  O O     . ILE A 1 68  ? -5.73123  -14.28145 -0.32856  1.000 11.86866 ?  67  ILE A O     1 
ATOM   524  C CB    . ILE A 1 68  ? -6.13985  -11.87966 1.43530   1.000 12.81696 ?  67  ILE A CB    1 
ATOM   525  C CG1   . ILE A 1 68  ? -6.90900  -10.66787 1.96697   1.000 14.56535 ?  67  ILE A CG1   1 
ATOM   526  C CG2   . ILE A 1 68  ? -4.64263  -11.81026 1.85051   1.000 12.61487 ?  67  ILE A CG2   1 
ATOM   527  C CD1   . ILE A 1 68  ? -7.00605  -10.65016 3.51106   1.000 14.17301 ?  67  ILE A CD1   1 
ATOM   528  N N     . LEU A 1 69  ? -4.59533  -12.81279 -1.62158  1.000 11.59950 ?  68  LEU A N     1 
ATOM   529  C CA    . LEU A 1 69  ? -3.81424  -13.85782 -2.28129  1.000 12.80359 ?  68  LEU A CA    1 
ATOM   530  C C     . LEU A 1 69  ? -2.52429  -14.16622 -1.54060  1.000 14.48144 ?  68  LEU A C     1 
ATOM   531  O O     . LEU A 1 69  ? -2.03934  -15.29401 -1.58915  1.000 17.70949 ?  68  LEU A O     1 
ATOM   532  C CB    . LEU A 1 69  ? -3.46760  -13.42932 -3.70675  1.000 11.61246 ?  68  LEU A CB    1 
ATOM   533  C CG    . LEU A 1 69  ? -4.61518  -13.17422 -4.68796  1.000 13.12188 ?  68  LEU A CG    1 
ATOM   534  C CD1   . LEU A 1 69  ? -4.04506  -12.84626 -6.07294  1.000 12.60110 ?  68  LEU A CD1   1 
ATOM   535  C CD2   . LEU A 1 69  ? -5.50867  -14.38678 -4.74232  1.000 14.15036 ?  68  LEU A CD2   1 
ATOM   536  N N     . ALA A 1 70  ? -1.94070  -13.17470 -0.87967  1.000 13.23102 ?  69  ALA A N     1 
ATOM   537  C CA    . ALA A 1 70  ? -0.65520  -13.35171 -0.20852  1.000 12.09984 ?  69  ALA A CA    1 
ATOM   538  C C     . ALA A 1 70  ? -0.44693  -12.18372 0.73996   1.000 13.77693 ?  69  ALA A C     1 
ATOM   539  O O     . ALA A 1 70  ? -1.07969  -11.12799 0.61194   1.000 10.59842 ?  69  ALA A O     1 
ATOM   540  C CB    . ALA A 1 70  ? 0.52537   -13.41814 -1.19233  1.000 12.87416 ?  69  ALA A CB    1 
ATOM   541  N N     . SER A 1 71  ? 0.48483   -12.37702 1.66332   1.000 15.84105 ?  70  SER A N     1 
ATOM   542  C CA    . SER A 1 71  ? 0.88201   -11.31250 2.57994   1.000 12.85652 ?  70  SER A CA    1 
ATOM   543  C C     . SER A 1 71  ? 2.31547   -11.57112 3.01088   1.000 15.05997 ?  70  SER A C     1 
ATOM   544  O O     . SER A 1 71  ? 2.87187   -12.64050 2.75115   1.000 18.11973 ?  70  SER A O     1 
ATOM   545  C CB    . SER A 1 71  ? -0.04982  -11.24960 3.78661   1.000 12.96787 ?  70  SER A CB    1 
ATOM   546  O OG    . SER A 1 71  ? 0.26818   -10.12991 4.58087   1.000 18.92400 ?  70  SER A OG    1 
ATOM   547  N N     . THR A 1 72  ? 2.92031   -10.58043 3.66885   1.000 15.92062 ?  71  THR A N     1 
ATOM   548  C CA    . THR A 1 72  ? 4.28778   -10.68574 4.17156   1.000 18.54496 ?  71  THR A CA    1 
ATOM   549  C C     . THR A 1 72  ? 4.25361   -10.92458 5.68586   1.000 19.75746 ?  71  THR A C     1 
ATOM   550  O O     . THR A 1 72  ? 3.63414   -10.14776 6.42250   1.000 21.56547 ?  71  THR A O     1 
ATOM   551  C CB    . THR A 1 72  ? 5.09372   -9.43058  3.81887   1.000 20.24494 ?  71  THR A CB    1 
ATOM   552  O OG1   . THR A 1 72  ? 4.40270   -8.24712  4.25074   1.000 18.90006 ?  71  THR A OG1   1 
ATOM   553  C CG2   . THR A 1 72  ? 5.32388   -9.35062  2.30995   1.000 19.11647 ?  71  THR A CG2   1 
ATOM   554  N N     . ARG A 1 73  ? 4.89851   -12.00835 6.13120   1.000 19.30499 ?  72  ARG A N     1 
ATOM   555  C CA    . ARG A 1 73  ? 4.95691   -12.36374 7.56542   1.000 23.18617 ?  72  ARG A CA    1 
ATOM   556  C C     . ARG A 1 73  ? 5.66469   -11.29200 8.37365   1.000 22.62913 ?  72  ARG A C     1 
ATOM   557  O O     . ARG A 1 73  ? 5.31103   -11.02872 9.53162   1.000 19.78178 ?  72  ARG A O     1 
ATOM   558  C CB    . ARG A 1 73  ? 5.79886   -13.63899 7.78746   1.000 21.17636 ?  72  ARG A CB    1 
ATOM   559  C CG    . ARG A 1 73  ? 5.20448   -14.96425 7.64217   1.000 22.58186 ?  72  ARG A CG    1 
ATOM   560  C CD    . ARG A 1 73  ? 6.10841   -16.01139 8.31942   1.000 17.51640 ?  72  ARG A CD    1 
ATOM   561  N NE    . ARG A 1 73  ? 7.45227   -16.15239 7.74268   1.000 21.91835 ?  72  ARG A NE    1 
ATOM   562  C CZ    . ARG A 1 73  ? 8.18790   -17.25491 7.89689   1.000 24.49600 ?  72  ARG A CZ    1 
ATOM   563  N NH1   . ARG A 1 73  ? 7.68293   -18.27500 8.57461   1.000 21.95319 ?  72  ARG A NH1   1 
ATOM   564  N NH2   . ARG A 1 73  ? 9.41030   -17.37172 7.36101   1.000 25.62939 ?  72  ARG A NH2   1 
ATOM   565  N N     . ASN A 1 74  ? 6.77934   -10.80647 7.83670   1.000 19.20694 ?  73  ASN A N     1 
ATOM   566  C CA    . ASN A 1 74  ? 7.72120   -9.96754  8.55740   1.000 21.66870 ?  73  ASN A CA    1 
ATOM   567  C C     . ASN A 1 74  ? 7.62334   -8.51468  8.08851   1.000 18.70453 ?  73  ASN A C     1 
ATOM   568  O O     . ASN A 1 74  ? 7.12046   -8.22866  6.99865   1.000 19.91312 ?  73  ASN A O     1 
ATOM   569  C CB    . ASN A 1 74  ? 9.13939   -10.49815 8.34896   1.000 23.33900 ?  73  ASN A CB    1 
ATOM   570  C CG    . ASN A 1 74  ? 9.42646   -11.73344 9.16534   1.000 30.33166 ?  73  ASN A CG    1 
ATOM   571  O OD1   . ASN A 1 74  ? 9.26764   -11.72597 10.39272  1.000 31.16605 ?  73  ASN A OD1   1 
ATOM   572  N ND2   . ASN A 1 74  ? 9.87894   -12.81103 8.49750   1.000 25.81690 ?  73  ASN A ND2   1 
ATOM   573  N N     . TRP A 1 75  ? 8.10718   -7.59339  8.92697   1.000 19.03475 ?  74  TRP A N     1 
ATOM   574  C CA    . TRP A 1 75  ? 8.25216   -6.19808  8.51473   1.000 18.45444 ?  74  TRP A CA    1 
ATOM   575  C C     . TRP A 1 75  ? 9.25635   -6.04564  7.38073   1.000 20.57341 ?  74  TRP A C     1 
ATOM   576  O O     . TRP A 1 75  ? 10.29483  -6.70729  7.34405   1.000 17.81140 ?  74  TRP A O     1 
ATOM   577  C CB    . TRP A 1 75  ? 8.75952   -5.31126  9.65807   1.000 20.20065 ?  74  TRP A CB    1 
ATOM   578  C CG    . TRP A 1 75  ? 7.93733   -5.30931  10.90164  1.000 19.33761 ?  74  TRP A CG    1 
ATOM   579  C CD1   . TRP A 1 75  ? 8.31543   -5.76478  12.14092  1.000 20.20073 ?  74  TRP A CD1   1 
ATOM   580  C CD2   . TRP A 1 75  ? 6.61615   -4.80916  11.03998  1.000 18.51695 ?  74  TRP A CD2   1 
ATOM   581  N NE1   . TRP A 1 75  ? 7.30259   -5.57286  13.02694  1.000 19.40365 ?  74  TRP A NE1   1 
ATOM   582  C CE2   . TRP A 1 75  ? 6.24297   -4.99207  12.38153  1.000 18.09204 ?  74  TRP A CE2   1 
ATOM   583  C CE3   . TRP A 1 75  ? 5.71132   -4.20957  10.15494  1.000 16.93515 ?  74  TRP A CE3   1 
ATOM   584  C CZ2   . TRP A 1 75  ? 4.98593   -4.61804  12.86802  1.000 21.02309 ?  74  TRP A CZ2   1 
ATOM   585  C CZ3   . TRP A 1 75  ? 4.46037   -3.83120  10.63118  1.000 18.41725 ?  74  TRP A CZ3   1 
ATOM   586  C CH2   . TRP A 1 75  ? 4.10673   -4.04281  11.97676  1.000 19.68606 ?  74  TRP A CH2   1 
ATOM   587  N N     . LEU A 1 76  ? 8.97431   -5.08862  6.50461   1.000 17.34588 ?  75  LEU A N     1 
ATOM   588  C CA    . LEU A 1 76  ? 9.96919   -4.49077  5.63219   1.000 19.79205 ?  75  LEU A CA    1 
ATOM   589  C C     . LEU A 1 76  ? 10.07026  -3.03545  6.03892   1.000 21.19898 ?  75  LEU A C     1 
ATOM   590  O O     . LEU A 1 76  ? 9.04544   -2.36037  6.11834   1.000 19.54344 ?  75  LEU A O     1 
ATOM   591  C CB    . LEU A 1 76  ? 9.56412   -4.59225  4.15803   1.000 17.99868 ?  75  LEU A CB    1 
ATOM   592  C CG    . LEU A 1 76  ? 9.52967   -6.00766  3.62312   1.000 19.32536 ?  75  LEU A CG    1 
ATOM   593  C CD1   . LEU A 1 76  ? 8.72999   -6.01564  2.38534   1.000 22.88694 ?  75  LEU A CD1   1 
ATOM   594  C CD2   . LEU A 1 76  ? 10.92297  -6.48591  3.29093   1.000 28.12840 ?  75  LEU A CD2   1 
ATOM   595  N N     . ARG A 1 77  ? 11.29691  -2.56061  6.30316   1.000 18.83168 ?  76  ARG A N     1 
ATOM   596  C CA    . ARG A 1 77  ? 11.54395  -1.22710  6.84048   1.000 21.11895 ?  76  ARG A CA    1 
ATOM   597  C C     . ARG A 1 77  ? 12.23332  -0.33782  5.81818   1.000 25.32195 ?  76  ARG A C     1 
ATOM   598  O O     . ARG A 1 77  ? 13.18692  -0.76879  5.15428   1.000 25.27868 ?  76  ARG A O     1 
ATOM   599  C CB    . ARG A 1 77  ? 12.45090  -1.27911  8.07693   1.000 23.81974 ?  76  ARG A CB    1 
ATOM   600  C CG    . ARG A 1 77  ? 11.97109  -2.09296  9.22696   1.000 24.48500 ?  76  ARG A CG    1 
ATOM   601  C CD    . ARG A 1 77  ? 12.81493  -1.81097  10.48145  1.000 29.39493 ?  76  ARG A CD    1 
ATOM   602  N NE    . ARG A 1 77  ? 12.15252  -2.28047  11.68747  1.000 26.56210 ?  76  ARG A NE    1 
ATOM   603  C CZ    . ARG A 1 77  ? 11.98385  -3.56114  11.97200  1.000 26.91235 ?  76  ARG A CZ    1 
ATOM   604  N NH1   . ARG A 1 77  ? 12.45408  -4.47541  11.15051  1.000 30.29396 ?  76  ARG A NH1   1 
ATOM   605  N NH2   . ARG A 1 77  ? 11.34941  -3.92758  13.08121  1.000 31.98997 ?  76  ARG A NH2   1 
ATOM   606  N N     . TYR A 1 78  ? 11.80447  0.92320   5.74251   1.000 25.95631 ?  77  TYR A N     1 
ATOM   607  C CA    . TYR A 1 78  ? 12.63750  1.96588   5.14850   1.000 28.82733 ?  77  TYR A CA    1 
ATOM   608  C C     . TYR A 1 78  ? 12.79478  3.11177   6.13843   1.000 33.75346 ?  77  TYR A C     1 
ATOM   609  O O     . TYR A 1 78  ? 11.89915  3.37246   6.95386   1.000 29.72063 ?  77  TYR A O     1 
ATOM   610  C CB    . TYR A 1 78  ? 12.07174  2.49462   3.82836   1.000 30.15298 ?  77  TYR A CB    1 
ATOM   611  C CG    . TYR A 1 78  ? 10.73457  3.20323   3.91109   1.000 31.23189 ?  77  TYR A CG    1 
ATOM   612  C CD1   . TYR A 1 78  ? 10.65853  4.56656   4.16792   1.000 33.50633 ?  77  TYR A CD1   1 
ATOM   613  C CD2   . TYR A 1 78  ? 9.54206   2.51195   3.70527   1.000 27.84050 ?  77  TYR A CD2   1 
ATOM   614  C CE1   . TYR A 1 78  ? 9.43881   5.21981   4.23555   1.000 30.26471 ?  77  TYR A CE1   1 
ATOM   615  C CE2   . TYR A 1 78  ? 8.32788   3.15559   3.76882   1.000 28.95909 ?  77  TYR A CE2   1 
ATOM   616  C CZ    . TYR A 1 78  ? 8.28360   4.51221   4.04739   1.000 30.82557 ?  77  TYR A CZ    1 
ATOM   617  O OH    . TYR A 1 78  ? 7.08147   5.15455   4.09170   1.000 29.75069 ?  77  TYR A OH    1 
ATOM   618  N N     . LYS A 1 79  ? 13.95067  3.78051   6.07398   1.000 32.91992 ?  78  LYS A N     1 
ATOM   619  C CA    . LYS A 1 79  ? 14.21055  4.98870   6.85607   1.000 38.26663 ?  78  LYS A CA    1 
ATOM   620  C C     . LYS A 1 79  ? 13.92059  6.22369   6.01590   1.000 42.06319 ?  78  LYS A C     1 
ATOM   621  O O     . LYS A 1 79  ? 14.24928  6.26437   4.82574   1.000 43.64411 ?  78  LYS A O     1 
ATOM   622  C CB    . LYS A 1 79  ? 15.65781  5.04240   7.34947   1.000 38.13538 ?  78  LYS A CB    1 
ATOM   623  C CG    . LYS A 1 79  ? 16.21880  3.69233   7.74221   1.000 44.51911 ?  78  LYS A CG    1 
ATOM   624  C CD    . LYS A 1 79  ? 17.73722  3.61354   7.56058   1.000 48.84185 ?  78  LYS A CD    1 
ATOM   625  C CE    . LYS A 1 79  ? 18.20677  2.20583   7.12892   1.000 48.40583 ?  78  LYS A CE    1 
ATOM   626  N NZ    . LYS A 1 79  ? 19.70178  2.11723   6.99779   1.000 51.78266 ?  78  LYS A NZ    1 
ATOM   627  N N     . LEU A 1 80  ? 13.29611  7.23251   6.63734   1.000 42.11686 ?  79  LEU A N     1 
ATOM   628  C CA    . LEU A 1 80  ? 13.04861  8.49289   5.94440   1.000 42.16151 ?  79  LEU A CA    1 
ATOM   629  C C     . LEU A 1 80  ? 14.37358  9.13845   5.55588   1.000 45.81666 ?  79  LEU A C     1 
ATOM   630  O O     . LEU A 1 80  ? 15.42982  8.76994   6.07794   1.000 43.48809 ?  79  LEU A O     1 
ATOM   631  C CB    . LEU A 1 80  ? 12.26775  9.45375   6.83227   1.000 40.89095 ?  79  LEU A CB    1 
ATOM   632  C CG    . LEU A 1 80  ? 10.78089  9.18322   6.98072   1.000 41.60239 ?  79  LEU A CG    1 
ATOM   633  C CD1   . LEU A 1 80  ? 10.12344  10.36716  7.65525   1.000 38.56690 ?  79  LEU A CD1   1 
ATOM   634  C CD2   . LEU A 1 80  ? 10.18159  8.92405   5.61228   1.000 42.95842 ?  79  LEU A CD2   1 
ATOM   635  N N     . PRO A 1 81  ? 14.34423  10.08584  4.61405   1.000 52.19390 ?  80  PRO A N     1 
ATOM   636  C CA    . PRO A 1 81  ? 15.52505  10.92535  4.38669   1.000 52.85976 ?  80  PRO A CA    1 
ATOM   637  C C     . PRO A 1 81  ? 15.71019  11.89588  5.53739   1.000 54.02251 ?  80  PRO A C     1 
ATOM   638  O O     . PRO A 1 81  ? 14.75373  12.52493  6.00392   1.000 53.04224 ?  80  PRO A O     1 
ATOM   639  C CB    . PRO A 1 81  ? 15.20956  11.66707  3.07962   1.000 52.12886 ?  80  PRO A CB    1 
ATOM   640  C CG    . PRO A 1 81  ? 14.00381  11.00442  2.51396   1.000 54.08662 ?  80  PRO A CG    1 
ATOM   641  C CD    . PRO A 1 81  ? 13.26489  10.38839  3.66087   1.000 48.33157 ?  80  PRO A CD    1 
ATOM   642  N N     . LYS A 1 82  ? 16.96767  12.01008  5.97612   1.000 56.39219 ?  81  LYS A N     1 
ATOM   643  C CA    . LYS A 1 82  ? 17.33473  12.87151  7.09429   1.000 57.94554 ?  81  LYS A CA    1 
ATOM   644  C C     . LYS A 1 82  ? 16.59152  14.20774  7.07773   1.000 58.19609 ?  81  LYS A C     1 
ATOM   645  O O     . LYS A 1 82  ? 16.11172  14.66321  8.11913   1.000 59.28284 ?  81  LYS A O     1 
ATOM   646  C CB    . LYS A 1 82  ? 18.85196  13.09458  7.08017   1.000 59.54740 ?  81  LYS A CB    1 
ATOM   647  C CG    . LYS A 1 82  ? 19.33019  13.87377  5.85440   1.000 60.85208 ?  81  LYS A CG    1 
ATOM   648  C CD    . LYS A 1 82  ? 20.79196  13.65783  5.52655   1.000 61.99582 ?  81  LYS A CD    1 
ATOM   649  C CE    . LYS A 1 82  ? 20.93249  12.87941  4.23900   1.000 59.80411 ?  81  LYS A CE    1 
ATOM   650  N NZ    . LYS A 1 82  ? 22.35893  12.78106  3.86493   1.000 63.80562 ?  81  LYS A NZ    1 
ATOM   651  N N     . ARG A 1 83  ? 16.47514  14.83517  5.90289   1.000 57.82980 ?  82  ARG A N     1 
ATOM   652  C CA    . ARG A 1 83  ? 15.85030  16.15138  5.83388   1.000 60.85504 ?  82  ARG A CA    1 
ATOM   653  C C     . ARG A 1 83  ? 14.35406  16.06917  6.10783   1.000 63.06120 ?  82  ARG A C     1 
ATOM   654  O O     . ARG A 1 83  ? 13.75709  17.02463  6.63382   1.000 63.82765 ?  82  ARG A O     1 
ATOM   655  C CB    . ARG A 1 83  ? 16.11636  16.78810  4.46279   1.000 63.77921 ?  82  ARG A CB    1 
ATOM   656  C CG    . ARG A 1 83  ? 15.39497  18.11276  4.21681   1.000 69.60909 ?  82  ARG A CG    1 
ATOM   657  C CD    . ARG A 1 83  ? 15.90120  18.83864  2.96270   1.000 73.43841 ?  82  ARG A CD    1 
ATOM   658  N NE    . ARG A 1 83  ? 16.02933  20.28144  3.18706   1.000 74.91539 ?  82  ARG A NE    1 
ATOM   659  C CZ    . ARG A 1 83  ? 15.85558  21.21083  2.25145   1.000 74.87113 ?  82  ARG A CZ    1 
ATOM   660  N NH1   . ARG A 1 83  ? 15.53943  20.85902  1.00849   1.000 73.24781 ?  82  ARG A NH1   1 
ATOM   661  N NH2   . ARG A 1 83  ? 15.99405  22.49462  2.56304   1.000 74.83288 ?  82  ARG A NH2   1 
ATOM   662  N N     . LEU A 1 84  ? 13.73696  14.93479  5.77764   1.000 59.92013 ?  83  LEU A N     1 
ATOM   663  C CA    . LEU A 1 84  ? 12.30581  14.75896  5.97028   1.000 59.64105 ?  83  LEU A CA    1 
ATOM   664  C C     . LEU A 1 84  ? 11.96125  14.31390  7.38324   1.000 58.48424 ?  83  LEU A C     1 
ATOM   665  O O     . LEU A 1 84  ? 10.77554  14.31765  7.73828   1.000 57.46595 ?  83  LEU A O     1 
ATOM   666  C CB    . LEU A 1 84  ? 11.75991  13.75439  4.95134   1.000 56.10476 ?  83  LEU A CB    1 
ATOM   667  C CG    . LEU A 1 84  ? 11.28395  14.32748  3.61115   1.000 58.02295 ?  83  LEU A CG    1 
ATOM   668  C CD1   . LEU A 1 84  ? 10.62902  13.24141  2.75528   1.000 49.89816 ?  83  LEU A CD1   1 
ATOM   669  C CD2   . LEU A 1 84  ? 10.33564  15.52036  3.81524   1.000 58.16622 ?  83  LEU A CD2   1 
ATOM   670  N N     . VAL A 1 85  ? 12.96819  13.95854  8.19007   1.000 57.12786 ?  84  VAL A N     1 
ATOM   671  C CA    . VAL A 1 85  ? 12.74228  13.54442  9.57492   1.000 57.86989 ?  84  VAL A CA    1 
ATOM   672  C C     . VAL A 1 85  ? 12.14255  14.71360  10.34938  1.000 57.20443 ?  84  VAL A C     1 
ATOM   673  O O     . VAL A 1 85  ? 12.79510  15.74343  10.55335  1.000 55.62731 ?  84  VAL A O     1 
ATOM   674  C CB    . VAL A 1 85  ? 14.05095  13.05205  10.21407  1.000 54.00404 ?  84  VAL A CB    1 
ATOM   675  C CG1   . VAL A 1 85  ? 13.82457  12.63107  11.64478  1.000 50.76377 ?  84  VAL A CG1   1 
ATOM   676  C CG2   . VAL A 1 85  ? 14.61801  11.87835  9.44993   1.000 50.67183 ?  84  VAL A CG2   1 
ATOM   677  N N     . ARG A 1 86  ? 10.88743  14.56272  10.76842  1.000 58.57048 ?  85  ARG A N     1 
ATOM   678  C CA    . ARG A 1 86  ? 10.17343  15.58366  11.53678  1.000 60.73037 ?  85  ARG A CA    1 
ATOM   679  C C     . ARG A 1 86  ? 10.70735  15.57286  12.96520  1.000 56.55845 ?  85  ARG A C     1 
ATOM   680  O O     . ARG A 1 86  ? 10.26817  14.78983  13.80871  1.000 60.85780 ?  85  ARG A O     1 
ATOM   681  C CB    . ARG A 1 86  ? 8.66785   15.32375  11.52518  1.000 64.85426 ?  85  ARG A CB    1 
ATOM   682  C CG    . ARG A 1 86  ? 8.07527   14.96504  10.15638  1.000 67.47422 ?  85  ARG A CG    1 
ATOM   683  C CD    . ARG A 1 86  ? 6.55124   15.11648  10.12372  1.000 66.65858 ?  85  ARG A CD    1 
ATOM   684  N NE    . ARG A 1 86  ? 5.86517   13.98269  10.74958  1.000 72.51742 ?  85  ARG A NE    1 
ATOM   685  C CZ    . ARG A 1 86  ? 4.64087   13.56952  10.42418  1.000 70.91176 ?  85  ARG A CZ    1 
ATOM   686  N NH1   . ARG A 1 86  ? 3.95173   14.19531  9.47247   1.000 66.52817 ?  85  ARG A NH1   1 
ATOM   687  N NH2   . ARG A 1 86  ? 4.10059   12.53184  11.06009  1.000 71.64217 ?  85  ARG A NH2   1 
ATOM   688  N N     . TRP A 1 87  ? 11.66119  16.45105  13.25308  1.000 58.41910 ?  86  TRP A N     1 
ATOM   689  C CA    . TRP A 1 87  ? 12.14454  16.57622  14.62075  1.000 58.05554 ?  86  TRP A CA    1 
ATOM   690  C C     . TRP A 1 87  ? 11.24834  17.50993  15.43346  1.000 62.48542 ?  86  TRP A C     1 
ATOM   691  O O     . TRP A 1 87  ? 10.62463  18.43623  14.90099  1.000 65.15447 ?  86  TRP A O     1 
ATOM   692  C CB    . TRP A 1 87  ? 13.59266  17.06663  14.64959  1.000 57.19071 ?  86  TRP A CB    1 
ATOM   693  C CG    . TRP A 1 87  ? 14.57953  15.96286  14.36847  1.000 49.27359 ?  86  TRP A CG    1 
ATOM   694  C CD1   . TRP A 1 87  ? 15.41136  15.88148  13.29601  1.000 51.67181 ?  86  TRP A CD1   1 
ATOM   695  C CD2   . TRP A 1 87  ? 14.82552  14.77949  15.15418  1.000 45.71521 ?  86  TRP A CD2   1 
ATOM   696  N NE1   . TRP A 1 87  ? 16.15812  14.72413  13.35751  1.000 48.57426 ?  86  TRP A NE1   1 
ATOM   697  C CE2   . TRP A 1 87  ? 15.81693  14.03314  14.48605  1.000 43.22850 ?  86  TRP A CE2   1 
ATOM   698  C CE3   . TRP A 1 87  ? 14.30008  14.27521  16.34920  1.000 48.91338 ?  86  TRP A CE3   1 
ATOM   699  C CZ2   . TRP A 1 87  ? 16.29692  12.82164  14.97122  1.000 41.39805 ?  86  TRP A CZ2   1 
ATOM   700  C CZ3   . TRP A 1 87  ? 14.78903  13.06180  16.83439  1.000 40.31053 ?  86  TRP A CZ3   1 
ATOM   701  C CH2   . TRP A 1 87  ? 15.77140  12.35452  16.14622  1.000 39.91625 ?  86  TRP A CH2   1 
ATOM   702  N N     . ASP A 1 88  ? 11.21249  17.25639  16.74810  1.000 63.60535 ?  87  ASP A N     1 
ATOM   703  C CA    . ASP A 1 88  ? 10.25997  17.84086  17.69432  1.000 70.80102 ?  87  ASP A CA    1 
ATOM   704  C C     . ASP A 1 88  ? 8.83031   17.54250  17.27787  1.000 70.72932 ?  87  ASP A C     1 
ATOM   705  O O     . ASP A 1 88  ? 8.11147   18.42497  16.79565  1.000 72.05782 ?  87  ASP A O     1 
ATOM   706  C CB    . ASP A 1 88  ? 10.41352  19.35848  17.86283  1.000 70.65026 ?  87  ASP A CB    1 
ATOM   707  C CG    . ASP A 1 88  ? 9.72009   19.89196  19.14249  1.000 71.19301 ?  87  ASP A CG    1 
ATOM   708  O OD1   . ASP A 1 88  ? 8.46755   19.98832  19.15703  1.000 69.02646 -1 87  ASP A OD1   1 
ATOM   709  O OD2   . ASP A 1 88  ? 10.43091  20.21542  20.13142  1.000 69.43784 ?  87  ASP A OD2   1 
ATOM   710  N N     . THR A 1 89  ? 8.41546   16.30330  17.48175  1.000 70.74720 ?  88  THR A N     1 
ATOM   711  C CA    . THR A 1 89  ? 7.09817   15.80227  17.15993  1.000 67.77716 ?  88  THR A CA    1 
ATOM   712  C C     . THR A 1 89  ? 6.92027   14.64418  18.11584  1.000 71.46503 ?  88  THR A C     1 
ATOM   713  O O     . THR A 1 89  ? 7.90556   14.12235  18.62970  1.000 75.22207 ?  88  THR A O     1 
ATOM   714  C CB    . THR A 1 89  ? 7.01826   15.34057  15.70125  1.000 67.53608 ?  88  THR A CB    1 
ATOM   715  O OG1   . THR A 1 89  ? 8.24687   14.67971  15.38222  1.000 66.98816 ?  88  THR A OG1   1 
ATOM   716  C CG2   . THR A 1 89  ? 6.83474   16.50703  14.74364  1.000 65.81944 ?  88  THR A CG2   1 
ATOM   717  N N     . LYS A 1 90  ? 5.67981   14.26355  18.39901  1.000 73.19502 ?  89  LYS A N     1 
ATOM   718  C CA    . LYS A 1 90  ? 5.52578   13.06473  19.20817  1.000 74.22874 ?  89  LYS A CA    1 
ATOM   719  C C     . LYS A 1 90  ? 4.51318   12.14556  18.54245  1.000 73.13266 ?  89  LYS A C     1 
ATOM   720  O O     . LYS A 1 90  ? 3.38058   12.57024  18.25085  1.000 77.99218 ?  89  LYS A O     1 
ATOM   721  C CB    . LYS A 1 90  ? 5.10462   13.33864  20.66490  1.000 73.82208 ?  89  LYS A CB    1 
ATOM   722  C CG    . LYS A 1 90  ? 4.90497   12.02116  21.42553  1.000 72.57785 ?  89  LYS A CG    1 
ATOM   723  C CD    . LYS A 1 90  ? 5.04146   12.15553  22.91843  1.000 67.39055 ?  89  LYS A CD    1 
ATOM   724  C CE    . LYS A 1 90  ? 3.91476   11.42760  23.61788  1.000 65.43967 ?  89  LYS A CE    1 
ATOM   725  N NZ    . LYS A 1 90  ? 3.50503   12.11371  24.88026  1.000 70.77686 ?  89  LYS A NZ    1 
ATOM   726  N N     . PRO A 1 91  ? 4.88400   10.89768  18.26027  1.000 74.14862 ?  90  PRO A N     1 
ATOM   727  C CA    . PRO A 1 91  ? 6.27086   10.42396  18.43377  1.000 71.05176 ?  90  PRO A CA    1 
ATOM   728  C C     . PRO A 1 91  ? 7.16502   10.69659  17.19828  1.000 68.10059 ?  90  PRO A C     1 
ATOM   729  O O     . PRO A 1 91  ? 6.68156   10.60440  16.06704  1.000 67.51676 ?  90  PRO A O     1 
ATOM   730  C CB    . PRO A 1 91  ? 6.08417   8.91930   18.66442  1.000 72.20142 ?  90  PRO A CB    1 
ATOM   731  C CG    . PRO A 1 91  ? 4.79906   8.57706   17.94175  1.000 70.06405 ?  90  PRO A CG    1 
ATOM   732  C CD    . PRO A 1 91  ? 3.92685   9.80410   18.01910  1.000 73.94112 ?  90  PRO A CD    1 
ATOM   733  N N     . VAL A 1 92  ? 8.44377   11.04209  17.39722  1.000 64.36426 ?  91  VAL A N     1 
ATOM   734  C CA    . VAL A 1 92  ? 9.31104   11.22589  16.23099  1.000 55.54470 ?  91  VAL A CA    1 
ATOM   735  C C     . VAL A 1 92  ? 9.45378   9.89538   15.51090  1.000 49.56836 ?  91  VAL A C     1 
ATOM   736  O O     . VAL A 1 92  ? 9.53474   8.82035   16.12730  1.000 48.19315 ?  91  VAL A O     1 
ATOM   737  C CB    . VAL A 1 92  ? 10.68601  11.80916  16.61970  1.000 59.20242 ?  91  VAL A CB    1 
ATOM   738  C CG1   . VAL A 1 92  ? 11.65398  11.86289  15.42847  1.000 52.19068 ?  91  VAL A CG1   1 
ATOM   739  C CG2   . VAL A 1 92  ? 10.52778  13.20057  17.22093  1.000 62.07590 ?  91  VAL A CG2   1 
ATOM   740  N N     . CYS A 1 93  ? 9.44512   9.96271   14.20153  1.000 43.74434 ?  92  CYS A N     1 
ATOM   741  C CA    . CYS A 1 93  ? 9.43014   8.79745   13.35211  1.000 42.58420 ?  92  CYS A CA    1 
ATOM   742  C C     . CYS A 1 93  ? 10.58502  8.92188   12.37027  1.000 35.89847 ?  92  CYS A C     1 
ATOM   743  O O     . CYS A 1 93  ? 10.71715  9.95129   11.70046  1.000 37.20489 ?  92  CYS A O     1 
ATOM   744  C CB    . CYS A 1 93  ? 8.05961   8.70154   12.68008  1.000 44.53334 ?  92  CYS A CB    1 
ATOM   745  S SG    . CYS A 1 93  ? 8.00608   7.85408   11.14996  1.000 44.15302 ?  92  CYS A SG    1 
ATOM   746  N N     . ILE A 1 94  ? 11.44898  7.90019   12.34616  1.000 32.67199 ?  93  ILE A N     1 
ATOM   747  C CA    . ILE A 1 94  ? 12.60311  7.83551   11.45592  1.000 31.22777 ?  93  ILE A CA    1 
ATOM   748  C C     . ILE A 1 94  ? 12.37663  6.90936   10.27042  1.000 34.15259 ?  93  ILE A C     1 
ATOM   749  O O     . ILE A 1 94  ? 13.29082  6.71303   9.46726   1.000 27.94814 ?  93  ILE A O     1 
ATOM   750  C CB    . ILE A 1 94  ? 13.85690  7.38889   12.22654  1.000 33.23938 ?  93  ILE A CB    1 
ATOM   751  C CG1   . ILE A 1 94  ? 13.67054  5.96090   12.75045  1.000 33.65526 ?  93  ILE A CG1   1 
ATOM   752  C CG2   . ILE A 1 94  ? 14.10606  8.35826   13.37394  1.000 37.54936 ?  93  ILE A CG2   1 
ATOM   753  C CD1   . ILE A 1 94  ? 14.96860  5.20311   12.95004  1.000 37.06394 ?  93  ILE A CD1   1 
ATOM   754  N N     . GLY A 1 95  ? 11.19052  6.33734   10.14259  1.000 31.13040 ?  94  GLY A N     1 
ATOM   755  C CA    . GLY A 1 95  ? 10.84692  5.54062   8.98428   1.000 31.79173 ?  94  GLY A CA    1 
ATOM   756  C C     . GLY A 1 95  ? 9.59600   4.73734   9.27196   1.000 24.79298 ?  94  GLY A C     1 
ATOM   757  O O     . GLY A 1 95  ? 8.89694   4.96567   10.25828  1.000 23.05376 ?  94  GLY A O     1 
ATOM   758  N N     . GLN A 1 96  ? 9.32895   3.79109   8.38741   1.000 23.00482 ?  95  GLN A N     1 
ATOM   759  C CA    . GLN A 1 96  ? 8.18647   2.91197   8.56821   1.000 21.93120 ?  95  GLN A CA    1 
ATOM   760  C C     . GLN A 1 96  ? 8.62596   1.46340   8.52853   1.000 21.23639 ?  95  GLN A C     1 
ATOM   761  O O     . GLN A 1 96  ? 9.59747   1.10822   7.85794   1.000 19.66670 ?  95  GLN A O     1 
ATOM   762  C CB    . GLN A 1 96  ? 7.14651   3.13293   7.50866   1.000 24.51473 ?  95  GLN A CB    1 
ATOM   763  C CG    . GLN A 1 96  ? 6.90700   4.57497   7.25596   1.000 26.78198 ?  95  GLN A CG    1 
ATOM   764  C CD    . GLN A 1 96  ? 5.47795   4.91843   7.48729   1.000 35.12237 ?  95  GLN A CD    1 
ATOM   765  O OE1   . GLN A 1 96  ? 4.97636   4.76983   8.60646   1.000 34.03677 ?  95  GLN A OE1   1 
ATOM   766  N NE2   . GLN A 1 96  ? 4.77240   5.34063   6.41632   1.000 35.76096 ?  95  GLN A NE2   1 
ATOM   767  N N     . LYS A 1 97  ? 7.91249   0.63350   9.27270   1.000 16.97186 ?  96  LYS A N     1 
ATOM   768  C CA    . LYS A 1 97  ? 8.01307   -0.80716  9.12008   1.000 17.65107 ?  96  LYS A CA    1 
ATOM   769  C C     . LYS A 1 97  ? 6.64456   -1.25616  8.65077   1.000 16.01180 ?  96  LYS A C     1 
ATOM   770  O O     . LYS A 1 97  ? 5.64974   -0.91757  9.28913   1.000 14.44422 ?  96  LYS A O     1 
ATOM   771  C CB    . LYS A 1 97  ? 8.43005   -1.52820  10.41211  1.000 19.89434 ?  96  LYS A CB    1 
ATOM   772  C CG    . LYS A 1 97  ? 7.56400   -1.29230  11.61722  1.000 21.55408 ?  96  LYS A CG    1 
ATOM   773  C CD    . LYS A 1 97  ? 8.28320   -1.71068  12.88857  1.000 20.68673 ?  96  LYS A CD    1 
ATOM   774  C CE    . LYS A 1 97  ? 7.37274   -1.46636  14.10454  1.000 26.56629 ?  96  LYS A CE    1 
ATOM   775  N NZ    . LYS A 1 97  ? 8.04040   -1.76159  15.41005  1.000 31.30174 ?  96  LYS A NZ    1 
ATOM   776  N N     . GLN A 1 98  ? 6.60657   -1.99072  7.52354   1.000 16.66721 ?  97  GLN A N     1 
ATOM   777  C CA    . GLN A 1 98  ? 5.39417   -2.26034  6.74151   1.000 15.47372 ?  97  GLN A CA    1 
ATOM   778  C C     . GLN A 1 98  ? 5.10623   -3.75119  6.56625   1.000 15.41695 ?  97  GLN A C     1 
ATOM   779  O O     . GLN A 1 98  ? 6.00867   -4.52721  6.26646   1.000 14.03173 ?  97  GLN A O     1 
ATOM   780  C CB    . GLN A 1 98  ? 5.53075   -1.68118  5.33387   1.000 15.95086 ?  97  GLN A CB    1 
ATOM   781  C CG    . GLN A 1 98  ? 5.81936   -0.21529  5.28295   1.000 16.69198 ?  97  GLN A CG    1 
ATOM   782  C CD    . GLN A 1 98  ? 5.71074   0.30517   3.88442   1.000 22.64926 ?  97  GLN A CD    1 
ATOM   783  O OE1   . GLN A 1 98  ? 6.34901   -0.21467  2.95236   1.000 13.70748 ?  97  GLN A OE1   1 
ATOM   784  N NE2   . GLN A 1 98  ? 4.87507   1.33245   3.70628   1.000 23.56093 ?  97  GLN A NE2   1 
ATOM   785  N N     . LYS A 1 99  ? 3.84853   -4.15475  6.71654   1.000 13.41455 ?  98  LYS A N     1 
ATOM   786  C CA    . LYS A 1 99  ? 3.39591   -5.40972  6.12767   1.000 16.59320 ?  98  LYS A CA    1 
ATOM   787  C C     . LYS A 1 99  ? 2.60331   -5.08964  4.87880   1.000 12.01731 ?  98  LYS A C     1 
ATOM   788  O O     . LYS A 1 99  ? 1.99551   -4.03164  4.77395   1.000 13.19151 ?  98  LYS A O     1 
ATOM   789  C CB    . LYS A 1 99  ? 2.55124   -6.24417  7.09484   1.000 15.38091 ?  98  LYS A CB    1 
ATOM   790  C CG    . LYS A 1 99  ? 3.22301   -6.23466  8.48116   1.000 20.03241 ?  98  LYS A CG    1 
ATOM   791  C CD    . LYS A 1 99  ? 3.61255   -7.57736  9.07826   1.000 21.48331 ?  98  LYS A CD    1 
ATOM   792  C CE    . LYS A 1 99  ? 3.92395   -7.39560  10.58326  1.000 20.95926 ?  98  LYS A CE    1 
ATOM   793  N NZ    . LYS A 1 99  ? 5.19819   -7.94340  11.01831  1.000 27.85865 ?  98  LYS A NZ    1 
ATOM   794  N N     . TRP A 1 100 ? 2.65866   -6.00435  3.91073   1.000 13.42901 ?  99  TRP A N     1 
ATOM   795  C CA    . TRP A 1 100 ? 2.03005   -5.83913  2.61427   1.000 12.53684 ?  99  TRP A CA    1 
ATOM   796  C C     . TRP A 1 100 ? 1.05316   -6.97428  2.36089   1.000 11.33189 ?  99  TRP A C     1 
ATOM   797  O O     . TRP A 1 100 ? 1.29131   -8.11874  2.75471   1.000 11.82298 ?  99  TRP A O     1 
ATOM   798  C CB    . TRP A 1 100 ? 3.11032   -5.78987  1.53226   1.000 11.49478 ?  99  TRP A CB    1 
ATOM   799  C CG    . TRP A 1 100 ? 3.76200   -4.44654  1.54797   1.000 11.89825 ?  99  TRP A CG    1 
ATOM   800  C CD1   . TRP A 1 100 ? 4.80379   -4.03565  2.35944   1.000 14.35621 ?  99  TRP A CD1   1 
ATOM   801  C CD2   . TRP A 1 100 ? 3.38928   -3.31032  0.77201   1.000 12.19346 ?  99  TRP A CD2   1 
ATOM   802  N NE1   . TRP A 1 100 ? 5.10376   -2.73294  2.10846   1.000 14.21448 ?  99  TRP A NE1   1 
ATOM   803  C CE2   . TRP A 1 100 ? 4.25470   -2.25520  1.13469   1.000 12.19686 ?  99  TRP A CE2   1 
ATOM   804  C CE3   . TRP A 1 100 ? 2.38665   -3.07100  -0.18854  1.000 10.38431 ?  99  TRP A CE3   1 
ATOM   805  C CZ2   . TRP A 1 100 ? 4.15378   -0.98681  0.57794   1.000 14.29354 ?  99  TRP A CZ2   1 
ATOM   806  C CZ3   . TRP A 1 100 ? 2.30517   -1.81840  -0.76344  1.000 12.98355 ?  99  TRP A CZ3   1 
ATOM   807  C CH2   . TRP A 1 100 ? 3.19952   -0.79613  -0.40012  1.000 14.89579 ?  99  TRP A CH2   1 
ATOM   808  N N     . PHE A 1 101 ? -0.06274  -6.64537  1.73496   1.000 11.84740 ?  100 PHE A N     1 
ATOM   809  C CA    . PHE A 1 101 ? -1.05714  -7.62656  1.34022   1.000 10.35424 ?  100 PHE A CA    1 
ATOM   810  C C     . PHE A 1 101 ? -1.22769  -7.55619  -0.17077  1.000 10.85916 ?  100 PHE A C     1 
ATOM   811  O O     . PHE A 1 101 ? -1.28316  -6.46348  -0.74080  1.000 9.96914  ?  100 PHE A O     1 
ATOM   812  C CB    . PHE A 1 101 ? -2.38770  -7.34494  2.02844   1.000 8.60552  ?  100 PHE A CB    1 
ATOM   813  C CG    . PHE A 1 101 ? -2.39633  -7.71300  3.49243   1.000 10.67709 ?  100 PHE A CG    1 
ATOM   814  C CD1   . PHE A 1 101 ? -1.80697  -6.86702  4.43706   1.000 11.41376 ?  100 PHE A CD1   1 
ATOM   815  C CD2   . PHE A 1 101 ? -2.96378  -8.89808  3.91171   1.000 11.42782 ?  100 PHE A CD2   1 
ATOM   816  C CE1   . PHE A 1 101 ? -1.80324  -7.19328  5.77106   1.000 10.28001 ?  100 PHE A CE1   1 
ATOM   817  C CE2   . PHE A 1 101 ? -2.95454  -9.23944  5.23879   1.000 11.43258 ?  100 PHE A CE2   1 
ATOM   818  C CZ    . PHE A 1 101 ? -2.35452  -8.39790  6.17948   1.000 10.26788 ?  100 PHE A CZ    1 
ATOM   819  N N     . LEU A 1 102 ? -1.31474  -8.71879  -0.80921  1.000 9.44526  ?  101 LEU A N     1 
ATOM   820  C CA    . LEU A 1 102 ? -1.61767  -8.81442  -2.22298  1.000 10.33460 ?  101 LEU A CA    1 
ATOM   821  C C     . LEU A 1 102 ? -3.09238  -9.19397  -2.35057  1.000 10.89125 ?  101 LEU A C     1 
ATOM   822  O O     . LEU A 1 102 ? -3.49586  -10.25243 -1.87485  1.000 10.42895 ?  101 LEU A O     1 
ATOM   823  C CB    . LEU A 1 102 ? -0.72091  -9.85100  -2.91914  1.000 10.78692 ?  101 LEU A CB    1 
ATOM   824  C CG    . LEU A 1 102 ? -1.11866  -10.03221 -4.37829  1.000 11.88935 ?  101 LEU A CG    1 
ATOM   825  C CD1   . LEU A 1 102 ? -0.83587  -8.73370  -5.19962  1.000 11.19442 ?  101 LEU A CD1   1 
ATOM   826  C CD2   . LEU A 1 102 ? -0.37805  -11.31625 -4.90253  1.000 12.69108 ?  101 LEU A CD2   1 
ATOM   827  N N     . LEU A 1 103 ? -3.89135  -8.31745  -2.95309  1.000 9.07570  ?  102 LEU A N     1 
ATOM   828  C CA    . LEU A 1 103 ? -5.32034  -8.54241  -3.12834  1.000 12.84465 ?  102 LEU A CA    1 
ATOM   829  C C     . LEU A 1 103 ? -5.65848  -8.68254  -4.59192  1.000 15.21876 ?  102 LEU A C     1 
ATOM   830  O O     . LEU A 1 103 ? -5.20018  -7.88156  -5.40082  1.000 14.14179 ?  102 LEU A O     1 
ATOM   831  C CB    . LEU A 1 103 ? -6.15651  -7.37623  -2.60391  1.000 10.80255 ?  102 LEU A CB    1 
ATOM   832  C CG    . LEU A 1 103 ? -5.78202  -6.84693  -1.22465  1.000 14.84507 ?  102 LEU A CG    1 
ATOM   833  C CD1   . LEU A 1 103 ? -6.74666  -5.72138  -0.85447  1.000 12.09021 ?  102 LEU A CD1   1 
ATOM   834  C CD2   . LEU A 1 103 ? -5.84595  -8.00901  -0.23864  1.000 12.28425 ?  102 LEU A CD2   1 
ATOM   835  N N     . GLN A 1 104 ? -6.52108  -9.64947  -4.92142  1.000 14.05222 ?  103 GLN A N     1 
ATOM   836  C CA    . GLN A 1 104 ? -7.09081  -9.70105  -6.26347  1.000 15.53203 ?  103 GLN A CA    1 
ATOM   837  C C     . GLN A 1 104 ? -8.42130  -8.97880  -6.25857  1.000 16.15722 ?  103 GLN A C     1 
ATOM   838  O O     . GLN A 1 104 ? -9.28820  -9.28583  -5.42874  1.000 15.99525 ?  103 GLN A O     1 
ATOM   839  C CB    . GLN A 1 104 ? -7.32325  -11.13615 -6.73964  1.000 15.42969 ?  103 GLN A CB    1 
ATOM   840  C CG    . GLN A 1 104 ? -7.94928  -11.19831 -8.14206  1.000 15.36541 ?  103 GLN A CG    1 
ATOM   841  C CD    . GLN A 1 104 ? -8.22949  -12.63693 -8.55445  1.000 23.44928 ?  103 GLN A CD    1 
ATOM   842  O OE1   . GLN A 1 104 ? -7.96494  -13.56740 -7.78364  1.000 18.85308 ?  103 GLN A OE1   1 
ATOM   843  N NE2   . GLN A 1 104 ? -8.78635  -12.82540 -9.74533  1.000 25.72190 ?  103 GLN A NE2   1 
ATOM   844  N N     . LEU A 1 105 ? -8.58501  -8.03458  -7.18167  1.000 13.99271 ?  104 LEU A N     1 
ATOM   845  C CA    . LEU A 1 105 ? -9.86632  -7.36021  -7.34720  1.000 19.86435 ?  104 LEU A CA    1 
ATOM   846  C C     . LEU A 1 105 ? -10.82053 -8.29716  -8.06986  1.000 21.43137 ?  104 LEU A C     1 
ATOM   847  O O     . LEU A 1 105 ? -10.59519 -8.62695  -9.24175  1.000 17.51046 ?  104 LEU A O     1 
ATOM   848  C CB    . LEU A 1 105 ? -9.70284  -6.06236  -8.15629  1.000 17.97782 ?  104 LEU A CB    1 
ATOM   849  C CG    . LEU A 1 105 ? -11.02264 -5.33559  -8.44260  1.000 20.14487 ?  104 LEU A CG    1 
ATOM   850  C CD1   . LEU A 1 105 ? -11.68892 -4.86087  -7.14146  1.000 20.43116 ?  104 LEU A CD1   1 
ATOM   851  C CD2   . LEU A 1 105 ? -10.83577 -4.14883  -9.39404  1.000 22.52288 ?  104 LEU A CD2   1 
ATOM   852  N N     . VAL A 1 106 ? -11.90143 -8.69996  -7.40717  1.000 19.75782 ?  105 VAL A N     1 
ATOM   853  C CA    . VAL A 1 106 ? -12.84953 -9.61537  -8.03619  1.000 23.78097 ?  105 VAL A CA    1 
ATOM   854  C C     . VAL A 1 106 ? -14.17686 -8.95679  -8.42480  1.000 27.30234 ?  105 VAL A C     1 
ATOM   855  O O     . VAL A 1 106 ? -14.95159 -9.56936  -9.17801  1.000 31.02247 ?  105 VAL A O     1 
ATOM   856  C CB    . VAL A 1 106 ? -13.07684 -10.86314 -7.15907  1.000 23.15095 ?  105 VAL A CB    1 
ATOM   857  C CG1   . VAL A 1 106 ? -11.76258 -11.62932 -7.09487  1.000 20.46524 ?  105 VAL A CG1   1 
ATOM   858  C CG2   . VAL A 1 106 ? -13.46870 -10.46836 -5.79231  1.000 25.32652 ?  105 VAL A CG2   1 
ATOM   859  N N     . SER A 1 107 ? -14.45094 -7.73947  -7.96279  1.000 24.54411 ?  106 SER A N     1 
ATOM   860  C CA    . SER A 1 107 ? -15.51206 -6.86992  -8.45138  1.000 28.66209 ?  106 SER A CA    1 
ATOM   861  C C     . SER A 1 107 ? -15.03059 -6.07961  -9.67151  1.000 27.54520 ?  106 SER A C     1 
ATOM   862  O O     . SER A 1 107 ? -13.84209 -6.04992  -9.99624  1.000 28.03540 ?  106 SER A O     1 
ATOM   863  C CB    . SER A 1 107 ? -15.93078 -5.88424  -7.36681  1.000 24.76272 ?  106 SER A CB    1 
ATOM   864  O OG    . SER A 1 107 ? -16.38625 -6.54997  -6.21267  1.000 34.96411 ?  106 SER A OG    1 
ATOM   865  N N     . GLY A 1 108 ? -15.96124 -5.40354  -10.33755 1.000 25.55505 ?  107 GLY A N     1 
ATOM   866  C CA    . GLY A 1 108 ? -15.57217 -4.55945  -11.44369 1.000 29.44760 ?  107 GLY A CA    1 
ATOM   867  C C     . GLY A 1 108 ? -14.70909 -3.38740  -11.00403 1.000 29.05689 ?  107 GLY A C     1 
ATOM   868  O O     . GLY A 1 108 ? -14.69396 -2.99272  -9.83336  1.000 26.37403 ?  107 GLY A O     1 
ATOM   869  N N     . ASP A 1 109 ? -13.98347 -2.81703  -11.97594 1.000 29.75876 ?  108 ASP A N     1 
ATOM   870  C CA    . ASP A 1 109 ? -13.24178 -1.57433  -11.74605 1.000 28.77635 ?  108 ASP A CA    1 
ATOM   871  C C     . ASP A 1 109 ? -14.13580 -0.45237  -11.20938 1.000 29.52396 ?  108 ASP A C     1 
ATOM   872  O O     . ASP A 1 109 ? -13.64310 0.46643   -10.53850 1.000 26.42588 ?  108 ASP A O     1 
ATOM   873  C CB    . ASP A 1 109 ? -12.57420 -1.10592  -13.05017 1.000 28.52258 ?  108 ASP A CB    1 
ATOM   874  C CG    . ASP A 1 109 ? -11.45230 -2.03248  -13.52418 1.000 29.33694 ?  108 ASP A CG    1 
ATOM   875  O OD1   . ASP A 1 109 ? -11.15296 -3.06124  -12.88639 1.000 29.25810 ?  108 ASP A OD1   1 
ATOM   876  O OD2   . ASP A 1 109 ? -10.85289 -1.72608  -14.56713 1.000 31.15243 -1 108 ASP A OD2   1 
ATOM   877  N N     . ALA A 1 110 ? -15.44163 -0.48177  -11.51987 1.000 28.42358 ?  109 ALA A N     1 
ATOM   878  C CA    . ALA A 1 110 ? -16.33998 0.59521   -11.10148 1.000 31.99434 ?  109 ALA A CA    1 
ATOM   879  C C     . ALA A 1 110 ? -16.56061 0.62515   -9.59058  1.000 30.33906 ?  109 ALA A C     1 
ATOM   880  O O     . ALA A 1 110 ? -16.98792 1.65572   -9.05734  1.000 33.97486 ?  109 ALA A O     1 
ATOM   881  C CB    . ALA A 1 110 ? -17.69625 0.47870   -11.81481 1.000 31.70724 ?  109 ALA A CB    1 
ATOM   882  N N     . GLU A 1 111 ? -16.27260 -0.46862  -8.88325  1.000 29.25872 ?  110 GLU A N     1 
ATOM   883  C CA    . GLU A 1 111 ? -16.40574 -0.45602  -7.43095  1.000 29.08621 ?  110 GLU A CA    1 
ATOM   884  C C     . GLU A 1 111 ? -15.31064 0.36866   -6.75137  1.000 27.23263 ?  110 GLU A C     1 
ATOM   885  O O     . GLU A 1 111 ? -15.51668 0.84936   -5.63237  1.000 27.69989 ?  110 GLU A O     1 
ATOM   886  C CB    . GLU A 1 111 ? -16.41340 -1.89253  -6.91437  1.000 29.71335 ?  110 GLU A CB    1 
ATOM   887  C CG    . GLU A 1 111 ? -17.58069 -2.70688  -7.39675  1.000 30.93885 ?  110 GLU A CG    1 
ATOM   888  C CD    . GLU A 1 111 ? -18.89599 -2.32345  -6.73553  1.000 39.36529 ?  110 GLU A CD    1 
ATOM   889  O OE1   . GLU A 1 111 ? -18.89950 -1.60589  -5.70492  1.000 39.17602 ?  110 GLU A OE1   1 
ATOM   890  O OE2   . GLU A 1 111 ? -19.94641 -2.76586  -7.24774  1.000 44.18541 -1 110 GLU A OE2   1 
ATOM   891  N N     . ILE A 1 112 ? -14.15700 0.55976   -7.39509  1.000 26.41115 ?  111 ILE A N     1 
ATOM   892  C CA    . ILE A 1 112 ? -13.15841 1.45054   -6.83088  1.000 24.85726 ?  111 ILE A CA    1 
ATOM   893  C C     . ILE A 1 112 ? -13.76213 2.84162   -6.67986  1.000 29.35734 ?  111 ILE A C     1 
ATOM   894  O O     . ILE A 1 112 ? -14.26862 3.43129   -7.64102  1.000 30.12910 ?  111 ILE A O     1 
ATOM   895  C CB    . ILE A 1 112 ? -11.89353 1.47485   -7.68999  1.000 22.81759 ?  111 ILE A CB    1 
ATOM   896  C CG1   . ILE A 1 112 ? -11.18850 0.12024   -7.62380  1.000 22.09165 ?  111 ILE A CG1   1 
ATOM   897  C CG2   . ILE A 1 112 ? -10.93983 2.59447   -7.17909  1.000 25.78706 ?  111 ILE A CG2   1 
ATOM   898  C CD1   . ILE A 1 112 ? -10.13865 -0.09449  -8.72300  1.000 25.03268 ?  111 ILE A CD1   1 
ATOM   899  N N     . ASN A 1 113 ? -13.74001 3.36107   -5.46100  1.000 28.37432 ?  112 ASN A N     1 
ATOM   900  C CA    . ASN A 1 113 ? -14.32216 4.66146   -5.15683  1.000 28.76311 ?  112 ASN A CA    1 
ATOM   901  C C     . ASN A 1 113 ? -13.38772 5.32740   -4.16201  1.000 26.90787 ?  112 ASN A C     1 
ATOM   902  O O     . ASN A 1 113 ? -13.25898 4.85728   -3.02439  1.000 24.99549 ?  112 ASN A O     1 
ATOM   903  C CB    . ASN A 1 113 ? -15.73432 4.52412   -4.59051  1.000 31.07273 ?  112 ASN A CB    1 
ATOM   904  C CG    . ASN A 1 113 ? -16.23560 5.81575   -3.94547  1.000 31.54402 ?  112 ASN A CG    1 
ATOM   905  O OD1   . ASN A 1 113 ? -15.75627 6.89839   -4.25127  1.000 33.25562 ?  112 ASN A OD1   1 
ATOM   906  N ND2   . ASN A 1 113 ? -17.19839 5.69565   -3.03783  1.000 29.75537 ?  112 ASN A ND2   1 
ATOM   907  N N     . MET A 1 114 ? -12.73909 6.41280   -4.56973  1.000 22.68553 ?  113 MET A N     1 
ATOM   908  C CA    . MET A 1 114 ? -11.72217 6.99479   -3.71552  1.000 22.99717 ?  113 MET A CA    1 
ATOM   909  C C     . MET A 1 114 ? -12.24624 8.15048   -2.85697  1.000 23.48195 ?  113 MET A C     1 
ATOM   910  O O     . MET A 1 114 ? -11.47117 8.79151   -2.13697  1.000 24.28989 ?  113 MET A O     1 
ATOM   911  C CB    . MET A 1 114 ? -10.51267 7.38736   -4.55624  1.000 26.34933 ?  113 MET A CB    1 
ATOM   912  C CG    . MET A 1 114 ? -9.57773  6.12847   -4.75921  1.000 27.77387 ?  113 MET A CG    1 
ATOM   913  S SD    . MET A 1 114 ? -8.55658  6.21686   -6.22499  1.000 39.08930 ?  113 MET A SD    1 
ATOM   914  C CE    . MET A 1 114 ? -8.59995  7.95420   -6.29434  1.000 37.17530 ?  113 MET A CE    1 
ATOM   915  N N     . GLN A 1 115 ? -13.55554 8.34732   -2.82758  1.000 26.70609 ?  114 GLN A N     1 
ATOM   916  C CA    . GLN A 1 115 ? -14.17620 9.46433   -2.12472  1.000 30.58567 ?  114 GLN A CA    1 
ATOM   917  C C     . GLN A 1 115 ? -14.88860 9.06627   -0.82680  1.000 28.60161 ?  114 GLN A C     1 
ATOM   918  O O     . GLN A 1 115 ? -15.70673 9.83338   -0.31711  1.000 31.92398 ?  114 GLN A O     1 
ATOM   919  C CB    . GLN A 1 115 ? -15.14732 10.16046  -3.07982  1.000 34.59885 ?  114 GLN A CB    1 
ATOM   920  C CG    . GLN A 1 115 ? -14.53601 10.38290  -4.48059  1.000 41.49121 ?  114 GLN A CG    1 
ATOM   921  C CD    . GLN A 1 115 ? -15.19777 11.50597  -5.25125  1.000 51.28155 ?  114 GLN A CD    1 
ATOM   922  O OE1   . GLN A 1 115 ? -15.89431 11.26745  -6.24545  1.000 60.87367 ?  114 GLN A OE1   1 
ATOM   923  N NE2   . GLN A 1 115 ? -14.98994 12.74214  -4.79605  1.000 55.32517 ?  114 GLN A NE2   1 
ATOM   924  N N     . THR A 1 116 ? -14.58452 7.91226   -0.24068  1.000 28.26899 ?  115 THR A N     1 
ATOM   925  C CA    . THR A 1 116 ? -15.36005 7.52847   0.93890   1.000 24.74462 ?  115 THR A CA    1 
ATOM   926  C C     . THR A 1 116 ? -14.99168 8.31705   2.19892   1.000 27.79223 ?  115 THR A C     1 
ATOM   927  O O     . THR A 1 116 ? -15.82108 8.42252   3.11182   1.000 24.55823 ?  115 THR A O     1 
ATOM   928  C CB    . THR A 1 116 ? -15.17684 6.06355   1.24135   1.000 21.71034 ?  115 THR A CB    1 
ATOM   929  O OG1   . THR A 1 116 ? -13.83745 5.89293   1.70938   1.000 20.94322 ?  115 THR A OG1   1 
ATOM   930  C CG2   . THR A 1 116 ? -15.44939 5.23730   0.03275   1.000 20.85464 ?  115 THR A CG2   1 
ATOM   931  N N     . SER A 1 117 ? -13.74077 8.76891   2.33047   1.000 26.24263 ?  116 SER A N     1 
ATOM   932  C CA    . SER A 1 117 ? -13.33164 9.48819   3.52610   1.000 28.63921 ?  116 SER A CA    1 
ATOM   933  C C     . SER A 1 117 ? -13.56680 10.98766  3.28904   1.000 33.41263 ?  116 SER A C     1 
ATOM   934  O O     . SER A 1 117 ? -13.87461 11.40698  2.17256   1.000 31.80011 ?  116 SER A O     1 
ATOM   935  C CB    . SER A 1 117 ? -11.87044 9.14687   3.85899   1.000 29.47423 ?  116 SER A CB    1 
ATOM   936  O OG    . SER A 1 117 ? -11.17742 10.20665  4.48544   1.000 36.11657 ?  116 SER A OG    1 
ATOM   937  N N     . SER A 1 118 ? -13.49110 11.78665  4.36729   1.000 32.92455 ?  117 SER A N     1 
ATOM   938  C CA    . SER A 1 118 ? -13.63056 13.24399  4.28546   1.000 33.29022 ?  117 SER A CA    1 
ATOM   939  C C     . SER A 1 118 ? -12.33304 13.92906  3.86997   1.000 38.14483 ?  117 SER A C     1 
ATOM   940  O O     . SER A 1 118 ? -12.35452 15.05325  3.35377   1.000 39.93305 ?  117 SER A O     1 
ATOM   941  C CB    . SER A 1 118 ? -14.07620 13.81481  5.63770   1.000 36.11267 ?  117 SER A CB    1 
ATOM   942  O OG    . SER A 1 118 ? -13.38946 13.16127  6.69451   1.000 35.72836 ?  117 SER A OG    1 
ATOM   943  N N     . THR A 1 119 ? -11.19915 13.28489  4.08031   1.000 35.29105 ?  118 THR A N     1 
ATOM   944  C CA    . THR A 1 119 ? -9.93682  13.75552  3.53433   1.000 37.56661 ?  118 THR A CA    1 
ATOM   945  C C     . THR A 1 119 ? -9.39612  12.64403  2.64330   1.000 34.22412 ?  118 THR A C     1 
ATOM   946  O O     . THR A 1 119 ? -8.53480  11.85711  3.07518   1.000 33.19790 ?  118 THR A O     1 
ATOM   947  C CB    . THR A 1 119 ? -8.97511  14.13892  4.64965   1.000 41.34610 ?  118 THR A CB    1 
ATOM   948  O OG1   . THR A 1 119 ? -8.75514  13.00933  5.50592   1.000 42.61849 ?  118 THR A OG1   1 
ATOM   949  C CG2   . THR A 1 119 ? -9.59224  15.27919  5.46162   1.000 42.71050 ?  118 THR A CG2   1 
ATOM   950  N N     . PRO A 1 120 ? -9.89686  12.53734  1.40278   1.000 32.47094 ?  119 PRO A N     1 
ATOM   951  C CA    . PRO A 1 120 ? -9.49621  11.42217  0.52837   1.000 31.10586 ?  119 PRO A CA    1 
ATOM   952  C C     . PRO A 1 120 ? -8.00139  11.42725  0.24507   1.000 33.71883 ?  119 PRO A C     1 
ATOM   953  O O     . PRO A 1 120 ? -7.38399  12.47727  0.02205   1.000 30.52270 ?  119 PRO A O     1 
ATOM   954  C CB    . PRO A 1 120 ? -10.31899 11.64507  -0.74330  1.000 28.86285 ?  119 PRO A CB    1 
ATOM   955  C CG    . PRO A 1 120 ? -10.80737 13.04381  -0.64984  1.000 34.32517 ?  119 PRO A CG    1 
ATOM   956  C CD    . PRO A 1 120 ? -10.94555 13.36195  0.78919   1.000 28.90063 ?  119 PRO A CD    1 
ATOM   957  N N     . GLU A 1 121 ? -7.40972  10.23200  0.31082   1.000 31.01829 ?  120 GLU A N     1 
ATOM   958  C CA    . GLU A 1 121 ? -5.97233  10.11499  0.11248   1.000 31.72316 ?  120 GLU A CA    1 
ATOM   959  C C     . GLU A 1 121 ? -5.59084  10.25872  -1.35952  1.000 31.22638 ?  120 GLU A C     1 
ATOM   960  O O     . GLU A 1 121 ? -4.50924  10.77116  -1.66654  1.000 31.39464 ?  120 GLU A O     1 
ATOM   961  C CB    . GLU A 1 121 ? -5.48870  8.77575   0.67460   1.000 29.65812 ?  120 GLU A CB    1 
ATOM   962  C CG    . GLU A 1 121 ? -4.01665  8.48660   0.52174   1.000 32.54582 ?  120 GLU A CG    1 
ATOM   963  C CD    . GLU A 1 121 ? -3.20988  8.85928   1.74393   1.000 40.89439 ?  120 GLU A CD    1 
ATOM   964  O OE1   . GLU A 1 121 ? -3.76057  9.53362   2.65019   1.000 46.83971 ?  120 GLU A OE1   1 
ATOM   965  O OE2   . GLU A 1 121 ? -2.01514  8.48128   1.78746   1.000 43.25010 -1 120 GLU A OE2   1 
ATOM   966  N N     . PHE A 1 122 ? -6.44803  9.83015   -2.27599  1.000 29.96096 ?  121 PHE A N     1 
ATOM   967  C CA    . PHE A 1 122 ? -6.11105  9.82715   -3.69222  1.000 31.96740 ?  121 PHE A CA    1 
ATOM   968  C C     . PHE A 1 122 ? -7.22252  10.49056  -4.48601  1.000 31.70679 ?  121 PHE A C     1 
ATOM   969  O O     . PHE A 1 122 ? -8.35022  10.60404  -4.00450  1.000 32.18828 ?  121 PHE A O     1 
ATOM   970  C CB    . PHE A 1 122 ? -5.89271  8.39834   -4.21338  1.000 28.49861 ?  121 PHE A CB    1 
ATOM   971  C CG    . PHE A 1 122 ? -5.00067  7.59014   -3.37211  1.000 25.42021 ?  121 PHE A CG    1 
ATOM   972  C CD1   . PHE A 1 122 ? -3.63898  7.86745   -3.31358  1.000 25.29341 ?  121 PHE A CD1   1 
ATOM   973  C CD2   . PHE A 1 122 ? -5.51037  6.52965   -2.63901  1.000 27.17035 ?  121 PHE A CD2   1 
ATOM   974  C CE1   . PHE A 1 122 ? -2.81155  7.12899   -2.54850  1.000 24.98846 ?  121 PHE A CE1   1 
ATOM   975  C CE2   . PHE A 1 122 ? -4.68801  5.78640   -1.85537  1.000 23.02781 ?  121 PHE A CE2   1 
ATOM   976  C CZ    . PHE A 1 122 ? -3.33028  6.06591   -1.81132  1.000 22.61587 ?  121 PHE A CZ    1 
ATOM   977  N N     . ASP A 1 123 ? -6.90397  10.90892  -5.72515  1.000 28.27273 ?  122 ASP A N     1 
ATOM   978  C CA    . ASP A 1 123 ? -7.92383  11.42370  -6.62562  1.000 31.92199 ?  122 ASP A CA    1 
ATOM   979  C C     . ASP A 1 123 ? -7.97445  10.72552  -7.97600  1.000 35.23977 ?  122 ASP A C     1 
ATOM   980  O O     . ASP A 1 123 ? -8.74535  11.14823  -8.85065  1.000 35.80506 ?  122 ASP A O     1 
ATOM   981  C CB    . ASP A 1 123 ? -7.75988  12.93386  -6.84432  1.000 34.38797 ?  122 ASP A CB    1 
ATOM   982  C CG    . ASP A 1 123 ? -6.37379  13.32826  -7.34134  1.000 38.73128 ?  122 ASP A CG    1 
ATOM   983  O OD1   . ASP A 1 123 ? -5.71682  12.52563  -8.05292  1.000 36.68381 ?  122 ASP A OD1   1 
ATOM   984  O OD2   . ASP A 1 123 ? -5.94231  14.46995  -7.01234  1.000 39.43415 -1 122 ASP A OD2   1 
ATOM   985  N N     . GLY A 1 124 ? -7.18673  9.68082   -8.17727  1.000 31.86887 ?  123 GLY A N     1 
ATOM   986  C CA    . GLY A 1 124 ? -7.27020  8.91989   -9.40947  1.000 31.59031 ?  123 GLY A CA    1 
ATOM   987  C C     . GLY A 1 124 ? -6.50252  7.62601   -9.25670  1.000 23.72450 ?  123 GLY A C     1 
ATOM   988  O O     . GLY A 1 124 ? -5.87136  7.36648   -8.22962  1.000 23.76452 ?  123 GLY A O     1 
ATOM   989  N N     . TRP A 1 125 ? -6.60451  6.79318   -10.28421 1.000 21.26580 ?  124 TRP A N     1 
ATOM   990  C CA    . TRP A 1 125 ? -5.89234  5.53018   -10.27607 1.000 23.06309 ?  124 TRP A CA    1 
ATOM   991  C C     . TRP A 1 125 ? -5.80553  5.03040   -11.70056 1.000 22.03303 ?  124 TRP A C     1 
ATOM   992  O O     . TRP A 1 125 ? -6.59822  5.42211   -12.56223 1.000 22.19744 ?  124 TRP A O     1 
ATOM   993  C CB    . TRP A 1 125 ? -6.58434  4.48329   -9.36999  1.000 20.32577 ?  124 TRP A CB    1 
ATOM   994  C CG    . TRP A 1 125 ? -7.91000  4.02955   -9.88979  1.000 22.82180 ?  124 TRP A CG    1 
ATOM   995  C CD1   . TRP A 1 125 ? -9.12881  4.62399   -9.67177  1.000 26.75100 ?  124 TRP A CD1   1 
ATOM   996  C CD2   . TRP A 1 125 ? -8.16317  2.90243   -10.73853 1.000 22.66045 ?  124 TRP A CD2   1 
ATOM   997  N NE1   . TRP A 1 125 ? -10.11464 3.93463   -10.33535 1.000 25.53609 ?  124 TRP A NE1   1 
ATOM   998  C CE2   . TRP A 1 125 ? -9.55218  2.87389   -10.99571 1.000 23.55511 ?  124 TRP A CE2   1 
ATOM   999  C CE3   . TRP A 1 125 ? -7.35529  1.90812   -11.29669 1.000 19.95025 ?  124 TRP A CE3   1 
ATOM   1000 C CZ2   . TRP A 1 125 ? -10.13815 1.90306   -11.78832 1.000 24.45650 ?  124 TRP A CZ2   1 
ATOM   1001 C CZ3   . TRP A 1 125 ? -7.94902  0.93443   -12.08575 1.000 24.21971 ?  124 TRP A CZ3   1 
ATOM   1002 C CH2   . TRP A 1 125 ? -9.32757  0.93755   -12.31954 1.000 25.38825 ?  124 TRP A CH2   1 
ATOM   1003 N N     . ARG A 1 126 ? -4.93405  4.05020   -11.89823 1.000 17.89231 ?  125 ARG A N     1 
ATOM   1004 C CA    . ARG A 1 126 ? -4.81125  3.41040   -13.22525 1.000 22.33480 ?  125 ARG A CA    1 
ATOM   1005 C C     . ARG A 1 126 ? -4.09206  2.07552   -13.05069 1.000 20.92168 ?  125 ARG A C     1 
ATOM   1006 O O     . ARG A 1 126 ? -3.32084  1.93355   -12.08402 1.000 17.25055 ?  125 ARG A O     1 
ATOM   1007 C CB    . ARG A 1 126 ? -4.04925  4.31880   -14.19193 1.000 18.29614 ?  125 ARG A CB    1 
ATOM   1008 C CG    . ARG A 1 126 ? -2.64857  4.67254   -13.71857 1.000 22.93352 ?  125 ARG A CG    1 
ATOM   1009 C CD    . ARG A 1 126 ? -1.97250  5.65891   -14.64583 1.000 21.42417 ?  125 ARG A CD    1 
ATOM   1010 N NE    . ARG A 1 126 ? -1.27979  4.93720   -15.69302 1.000 28.73774 ?  125 ARG A NE    1 
ATOM   1011 C CZ    . ARG A 1 126 ? 0.03663   4.87339   -15.81581 1.000 27.82055 ?  125 ARG A CZ    1 
ATOM   1012 N NH1   . ARG A 1 126 ? 0.81262   5.51004   -14.95751 1.000 26.80263 ?  125 ARG A NH1   1 
ATOM   1013 N NH2   . ARG A 1 126 ? 0.57095   4.18075   -16.80453 1.000 28.86288 ?  125 ARG A NH2   1 
ATOM   1014 N N     . TRP A 1 127 ? -4.40905  1.12222   -13.92191 1.000 18.93297 ?  126 TRP A N     1 
ATOM   1015 C CA    . TRP A 1 127 ? -3.70389  -0.15934  -13.93396 1.000 18.48012 ?  126 TRP A CA    1 
ATOM   1016 C C     . TRP A 1 127 ? -2.29579  0.03882   -14.48790 1.000 21.82517 ?  126 TRP A C     1 
ATOM   1017 O O     . TRP A 1 127 ? -2.11166  0.69855   -15.51502 1.000 17.96304 ?  126 TRP A O     1 
ATOM   1018 C CB    . TRP A 1 127 ? -4.45150  -1.19884  -14.80266 1.000 16.71985 ?  126 TRP A CB    1 
ATOM   1019 C CG    . TRP A 1 127 ? -5.74894  -1.64938  -14.21267 1.000 19.50092 ?  126 TRP A CG    1 
ATOM   1020 C CD1   . TRP A 1 127 ? -7.00360  -1.40354  -14.69362 1.000 22.79165 ?  126 TRP A CD1   1 
ATOM   1021 C CD2   . TRP A 1 127 ? -5.91618  -2.38678  -12.99604 1.000 21.53507 ?  126 TRP A CD2   1 
ATOM   1022 N NE1   . TRP A 1 127 ? -7.94897  -1.96192  -13.84536 1.000 25.60161 ?  126 TRP A NE1   1 
ATOM   1023 C CE2   . TRP A 1 127 ? -7.30238  -2.57471  -12.80537 1.000 22.39319 ?  126 TRP A CE2   1 
ATOM   1024 C CE3   . TRP A 1 127 ? -5.01927  -2.92210  -12.05324 1.000 18.99166 ?  126 TRP A CE3   1 
ATOM   1025 C CZ2   . TRP A 1 127 ? -7.82528  -3.26745  -11.69198 1.000 23.01358 ?  126 TRP A CZ2   1 
ATOM   1026 C CZ3   . TRP A 1 127 ? -5.54168  -3.59998  -10.94284 1.000 17.70129 ?  126 TRP A CZ3   1 
ATOM   1027 C CH2   . TRP A 1 127 ? -6.92559  -3.75961  -10.77307 1.000 17.78940 ?  126 TRP A CH2   1 
ATOM   1028 N N     . VAL A 1 128 ? -1.30528  -0.56476  -13.83869 1.000 18.48280 ?  127 VAL A N     1 
ATOM   1029 C CA    . VAL A 1 128 ? 0.05896   -0.53238  -14.34207 1.000 17.62527 ?  127 VAL A CA    1 
ATOM   1030 C C     . VAL A 1 128 ? 0.62739   -1.93838  -14.25000 1.000 20.45037 ?  127 VAL A C     1 
ATOM   1031 O O     . VAL A 1 128 ? 0.17012   -2.75982  -13.45029 1.000 17.72261 ?  127 VAL A O     1 
ATOM   1032 C CB    . VAL A 1 128 ? 0.94758   0.48682   -13.58786 1.000 18.87311 ?  127 VAL A CB    1 
ATOM   1033 C CG1   . VAL A 1 128 ? 0.35035   1.88000   -13.68791 1.000 18.05973 ?  127 VAL A CG1   1 
ATOM   1034 C CG2   . VAL A 1 128 ? 1.14704   0.08837   -12.09952 1.000 15.28771 ?  127 VAL A CG2   1 
ATOM   1035 N N     . SER A 1 129 ? 1.64188   -2.22680  -15.08243 1.000 17.86056 ?  128 SER A N     1 
ATOM   1036 C CA    . SER A 1 129 ? 2.24348   -3.55252  -15.00597 1.000 19.92559 ?  128 SER A CA    1 
ATOM   1037 C C     . SER A 1 129 ? 2.87129   -3.71633  -13.63121 1.000 18.92900 ?  128 SER A C     1 
ATOM   1038 O O     . SER A 1 129 ? 3.25750   -2.73011  -12.99497 1.000 15.26685 ?  128 SER A O     1 
ATOM   1039 C CB    . SER A 1 129 ? 3.27708   -3.75989  -16.11813 1.000 19.55051 ?  128 SER A CB    1 
ATOM   1040 O OG    . SER A 1 129 ? 4.33628   -2.83795  -15.95938 1.000 24.38444 ?  128 SER A OG    1 
ATOM   1041 N N     . TYR A 1 130 ? 2.93568   -4.96744  -13.13785 1.000 14.93446 ?  129 TYR A N     1 
ATOM   1042 C CA    . TYR A 1 130 ? 3.16835   -5.14116  -11.70448 1.000 17.42312 ?  129 TYR A CA    1 
ATOM   1043 C C     . TYR A 1 130 ? 4.53176   -4.67324  -11.24064 1.000 17.64779 ?  129 TYR A C     1 
ATOM   1044 O O     . TYR A 1 130 ? 4.66532   -4.33946  -10.06089 1.000 15.99377 ?  129 TYR A O     1 
ATOM   1045 C CB    . TYR A 1 130 ? 2.95749   -6.60136  -11.25257 1.000 20.38831 ?  129 TYR A CB    1 
ATOM   1046 C CG    . TYR A 1 130 ? 3.97870   -7.58050  -11.79054 1.000 21.66540 ?  129 TYR A CG    1 
ATOM   1047 C CD1   . TYR A 1 130 ? 5.21483   -7.74286  -11.18030 1.000 22.15904 ?  129 TYR A CD1   1 
ATOM   1048 C CD2   . TYR A 1 130 ? 3.68434   -8.34763  -12.90999 1.000 26.51412 ?  129 TYR A CD2   1 
ATOM   1049 C CE1   . TYR A 1 130 ? 6.14755   -8.66255  -11.69210 1.000 23.72392 ?  129 TYR A CE1   1 
ATOM   1050 C CE2   . TYR A 1 130 ? 4.61137   -9.26159  -13.42537 1.000 29.44735 ?  129 TYR A CE2   1 
ATOM   1051 C CZ    . TYR A 1 130 ? 5.83968   -9.40090  -12.81051 1.000 25.54739 ?  129 TYR A CZ    1 
ATOM   1052 O OH    . TYR A 1 130 ? 6.73928   -10.31808 -13.33941 1.000 36.20943 ?  129 TYR A OH    1 
ATOM   1053 N N     . TRP A 1 131 ? 5.54251   -4.60934  -12.11191 1.000 17.61751 ?  130 TRP A N     1 
ATOM   1054 C CA    . TRP A 1 131 ? 6.84918   -4.11676  -11.66426 1.000 14.93884 ?  130 TRP A CA    1 
ATOM   1055 C C     . TRP A 1 131 ? 7.05502   -2.60152  -11.87325 1.000 14.19148 ?  130 TRP A C     1 
ATOM   1056 O O     . TRP A 1 131 ? 8.02869   -2.04062  -11.36631 1.000 16.59513 ?  130 TRP A O     1 
ATOM   1057 C CB    . TRP A 1 131 ? 7.96973   -4.88277  -12.37791 1.000 13.78913 ?  130 TRP A CB    1 
ATOM   1058 C CG    . TRP A 1 131 ? 9.29689   -4.83886  -11.63950 1.000 15.70333 ?  130 TRP A CG    1 
ATOM   1059 C CD1   . TRP A 1 131 ? 10.37252  -4.01804  -11.89383 1.000 12.59010 ?  130 TRP A CD1   1 
ATOM   1060 C CD2   . TRP A 1 131 ? 9.67340   -5.66344  -10.53853 1.000 14.97659 ?  130 TRP A CD2   1 
ATOM   1061 N NE1   . TRP A 1 131 ? 11.39834  -4.30558  -11.00610 1.000 13.50285 ?  130 TRP A NE1   1 
ATOM   1062 C CE2   . TRP A 1 131 ? 10.98769  -5.31027  -10.17141 1.000 13.24221 ?  130 TRP A CE2   1 
ATOM   1063 C CE3   . TRP A 1 131 ? 9.02628   -6.69490  -9.83387  1.000 15.75315 ?  130 TRP A CE3   1 
ATOM   1064 C CZ2   . TRP A 1 131 ? 11.65846  -5.93096  -9.12354  1.000 14.94785 ?  130 TRP A CZ2   1 
ATOM   1065 C CZ3   . TRP A 1 131 ? 9.69059   -7.30864  -8.81848  1.000 14.04134 ?  130 TRP A CZ3   1 
ATOM   1066 C CH2   . TRP A 1 131 ? 10.98934  -6.92463  -8.45250  1.000 15.10237 ?  130 TRP A CH2   1 
ATOM   1067 N N     . TYR A 1 132 ? 6.19074   -1.93313  -12.61062 1.000 13.54450 ?  131 TYR A N     1 
ATOM   1068 C CA    . TYR A 1 132 ? 6.33865   -0.49070  -12.79795 1.000 14.15100 ?  131 TYR A CA    1 
ATOM   1069 C C     . TYR A 1 132 ? 6.44648   0.28091   -11.48635 1.000 12.85828 ?  131 TYR A C     1 
ATOM   1070 O O     . TYR A 1 132 ? 7.28686   1.19257   -11.40882 1.000 13.56815 ?  131 TYR A O     1 
ATOM   1071 C CB    . TYR A 1 132 ? 5.17151   -0.01673  -13.67380 1.000 16.09495 ?  131 TYR A CB    1 
ATOM   1072 C CG    . TYR A 1 132 ? 5.03703   1.47312   -13.86645 1.000 15.52676 ?  131 TYR A CG    1 
ATOM   1073 C CD1   . TYR A 1 132 ? 4.26745   2.22790   -12.97700 1.000 15.65609 ?  131 TYR A CD1   1 
ATOM   1074 C CD2   . TYR A 1 132 ? 5.65541   2.12878   -14.92389 1.000 13.07213 ?  131 TYR A CD2   1 
ATOM   1075 C CE1   . TYR A 1 132 ? 4.11070   3.59868   -13.14094 1.000 15.02728 ?  131 TYR A CE1   1 
ATOM   1076 C CE2   . TYR A 1 132 ? 5.49189   3.49472   -15.10911 1.000 13.92087 ?  131 TYR A CE2   1 
ATOM   1077 C CZ    . TYR A 1 132 ? 4.73911   4.23237   -14.18886 1.000 16.54658 ?  131 TYR A CZ    1 
ATOM   1078 O OH    . TYR A 1 132 ? 4.56588   5.58694   -14.31796 1.000 15.82078 ?  131 TYR A OH    1 
ATOM   1079 N N     . PRO A 1 133 ? 5.68626   -0.03136  -10.42296 1.000 15.45040 ?  132 PRO A N     1 
ATOM   1080 C CA    . PRO A 1 133 ? 5.85191   0.72705   -9.17400  1.000 15.38846 ?  132 PRO A CA    1 
ATOM   1081 C C     . PRO A 1 133 ? 7.24318   0.64341   -8.59158  1.000 14.26601 ?  132 PRO A C     1 
ATOM   1082 O O     . PRO A 1 133 ? 7.71182   1.59155   -7.93971  1.000 16.79819 ?  132 PRO A O     1 
ATOM   1083 C CB    . PRO A 1 133 ? 4.81070   0.07895   -8.24138  1.000 15.31451 ?  132 PRO A CB    1 
ATOM   1084 C CG    . PRO A 1 133 ? 3.70822   -0.30434  -9.18752  1.000 14.88175 ?  132 PRO A CG    1 
ATOM   1085 C CD    . PRO A 1 133 ? 4.49280   -0.89886  -10.36368 1.000 13.89460 ?  132 PRO A CD    1 
ATOM   1086 N N     . VAL A 1 134 ? 7.93821   -0.45485  -8.84265  1.000 16.63621 ?  133 VAL A N     1 
ATOM   1087 C CA    . VAL A 1 134 ? 9.28971   -0.60561  -8.32025  1.000 14.45660 ?  133 VAL A CA    1 
ATOM   1088 C C     . VAL A 1 134 ? 10.19870  0.46411   -8.88501  1.000 17.35238 ?  133 VAL A C     1 
ATOM   1089 O O     . VAL A 1 134 ? 11.04153  1.01880   -8.17028  1.000 17.81576 ?  133 VAL A O     1 
ATOM   1090 C CB    . VAL A 1 134 ? 9.83593   -2.00170  -8.63547  1.000 15.31248 ?  133 VAL A CB    1 
ATOM   1091 C CG1   . VAL A 1 134 ? 11.19054  -2.13327  -8.00281  1.000 18.52409 ?  133 VAL A CG1   1 
ATOM   1092 C CG2   . VAL A 1 134 ? 8.89225   -3.06904  -8.08969  1.000 16.28467 ?  133 VAL A CG2   1 
ATOM   1093 N N     . ARG A 1 135 ? 10.04456  0.76759   -10.18326 1.000 16.05237 ?  134 ARG A N     1 
ATOM   1094 C CA    . ARG A 1 135 ? 10.85862  1.78220   -10.83439 1.000 16.45078 ?  134 ARG A CA    1 
ATOM   1095 C C     . ARG A 1 135 ? 10.40401  3.18819   -10.53156 1.000 19.95749 ?  134 ARG A C     1 
ATOM   1096 O O     . ARG A 1 135 ? 11.18145  4.12663   -10.72928 1.000 20.91702 ?  134 ARG A O     1 
ATOM   1097 C CB    . ARG A 1 135 ? 10.82382  1.62108   -12.35230 1.000 19.17910 ?  134 ARG A CB    1 
ATOM   1098 C CG    . ARG A 1 135 ? 11.24151  0.25209   -12.83735 1.000 17.72654 ?  134 ARG A CG    1 
ATOM   1099 C CD    . ARG A 1 135 ? 11.41539  0.24469   -14.34490 1.000 14.81972 ?  134 ARG A CD    1 
ATOM   1100 N NE    . ARG A 1 135 ? 10.14849  0.22420   -15.06732 1.000 15.46053 ?  134 ARG A NE    1 
ATOM   1101 C CZ    . ARG A 1 135 ? 9.45954   -0.88831  -15.32245 1.000 16.55338 ?  134 ARG A CZ    1 
ATOM   1102 N NH1   . ARG A 1 135 ? 9.91397   -2.06108  -14.88189 1.000 15.60676 ?  134 ARG A NH1   1 
ATOM   1103 N NH2   . ARG A 1 135 ? 8.31402   -0.82965  -16.01677 1.000 15.10175 ?  134 ARG A NH2   1 
ATOM   1104 N N     . GLN A 1 136 ? 9.14670   3.37811   -10.14711 1.000 16.80189 ?  135 GLN A N     1 
ATOM   1105 C CA    . GLN A 1 136 ? 8.59811   4.72727   -10.08193 1.000 20.90166 ?  135 GLN A CA    1 
ATOM   1106 C C     . GLN A 1 136 ? 8.43301   5.22812   -8.66402  1.000 26.57337 ?  135 GLN A C     1 
ATOM   1107 O O     . GLN A 1 136 ? 8.32865   6.44384   -8.46636  1.000 30.94836 ?  135 GLN A O     1 
ATOM   1108 C CB    . GLN A 1 136 ? 7.24899   4.81406   -10.82247 1.000 20.70725 ?  135 GLN A CB    1 
ATOM   1109 C CG    . GLN A 1 136 ? 7.38193   4.66633   -12.35003 1.000 19.98445 ?  135 GLN A CG    1 
ATOM   1110 C CD    . GLN A 1 136 ? 8.43192   5.58569   -12.94104 1.000 23.42793 ?  135 GLN A CD    1 
ATOM   1111 O OE1   . GLN A 1 136 ? 8.52941   6.74689   -12.56109 1.000 30.00222 ?  135 GLN A OE1   1 
ATOM   1112 N NE2   . GLN A 1 136 ? 9.25222   5.06185   -13.85034 1.000 26.62959 ?  135 GLN A NE2   1 
ATOM   1113 N N     . VAL A 1 137 ? 8.46662   4.33602   -7.66987  1.000 23.93533 ?  136 VAL A N     1 
ATOM   1114 C CA    . VAL A 1 137 ? 8.28166   4.78373   -6.29974  1.000 25.75801 ?  136 VAL A CA    1 
ATOM   1115 C C     . VAL A 1 137 ? 9.44917   5.65822   -5.87340  1.000 26.07375 ?  136 VAL A C     1 
ATOM   1116 O O     . VAL A 1 137 ? 10.61229  5.46359   -6.28272  1.000 24.82443 ?  136 VAL A O     1 
ATOM   1117 C CB    . VAL A 1 137 ? 8.10199   3.60612   -5.31696  1.000 23.15857 ?  136 VAL A CB    1 
ATOM   1118 C CG1   . VAL A 1 137 ? 9.45335   3.06751   -4.87607  1.000 22.04332 ?  136 VAL A CG1   1 
ATOM   1119 C CG2   . VAL A 1 137 ? 7.26618   4.08371   -4.12465  1.000 26.05575 ?  136 VAL A CG2   1 
ATOM   1120 N N     . VAL A 1 138 ? 9.12712   6.62971   -5.02100  1.000 33.55513 ?  137 VAL A N     1 
ATOM   1121 C CA    . VAL A 1 138 ? 10.10140  7.55491   -4.47537  1.000 29.73096 ?  137 VAL A CA    1 
ATOM   1122 C C     . VAL A 1 138 ? 11.29701  6.73271   -4.04759  1.000 30.60065 ?  137 VAL A C     1 
ATOM   1123 O O     . VAL A 1 138 ? 11.15421  5.58512   -3.60601  1.000 33.24067 ?  137 VAL A O     1 
ATOM   1124 C CB    . VAL A 1 138 ? 9.50646   8.38229   -3.31103  1.000 38.86504 ?  137 VAL A CB    1 
ATOM   1125 C CG1   . VAL A 1 138 ? 9.60825   7.62835   -1.98705  1.000 33.47242 ?  137 VAL A CG1   1 
ATOM   1126 C CG2   . VAL A 1 138 ? 10.19396  9.75983   -3.21216  1.000 34.73140 ?  137 VAL A CG2   1 
ATOM   1127 N N     . SER A 1 139 ? 12.48305  7.30905   -4.21042  1.000 33.06377 ?  138 SER A N     1 
ATOM   1128 C CA    . SER A 1 139 ? 13.74127  6.57711   -4.07734  1.000 35.64870 ?  138 SER A CA    1 
ATOM   1129 C C     . SER A 1 139 ? 13.84629  5.75285   -2.78906  1.000 37.61096 ?  138 SER A C     1 
ATOM   1130 O O     . SER A 1 139 ? 14.22977  4.57914   -2.83167  1.000 35.38505 ?  138 SER A O     1 
ATOM   1131 C CB    . SER A 1 139 ? 14.90595  7.57122   -4.16432  1.000 36.84605 ?  138 SER A CB    1 
ATOM   1132 O OG    . SER A 1 139 ? 16.13056  6.97746   -3.75657  1.000 45.83631 ?  138 SER A OG    1 
ATOM   1133 N N     . PHE A 1 140 ? 13.57471  6.36455   -1.62294  1.000 37.16436 ?  139 PHE A N     1 
ATOM   1134 C CA    . PHE A 1 140 ? 13.90981  5.68824   -0.36191  1.000 34.65769 ?  139 PHE A CA    1 
ATOM   1135 C C     . PHE A 1 140 ? 12.96899  4.52352   -0.03037  1.000 33.32615 ?  139 PHE A C     1 
ATOM   1136 O O     . PHE A 1 140 ? 13.18489  3.84891   0.98008   1.000 33.96362 ?  139 PHE A O     1 
ATOM   1137 C CB    . PHE A 1 140 ? 13.93392  6.69387   0.80945   1.000 38.21830 ?  139 PHE A CB    1 
ATOM   1138 C CG    . PHE A 1 140 ? 12.66004  7.49343   0.97359   1.000 39.65495 ?  139 PHE A CG    1 
ATOM   1139 C CD1   . PHE A 1 140 ? 11.63092  7.04023   1.78800   1.000 38.24036 ?  139 PHE A CD1   1 
ATOM   1140 C CD2   . PHE A 1 140 ? 12.50124  8.70670   0.32745   1.000 41.41860 ?  139 PHE A CD2   1 
ATOM   1141 C CE1   . PHE A 1 140 ? 10.47121  7.76153   1.92630   1.000 39.72660 ?  139 PHE A CE1   1 
ATOM   1142 C CE2   . PHE A 1 140 ? 11.33729  9.44912   0.47441   1.000 40.80150 ?  139 PHE A CE2   1 
ATOM   1143 C CZ    . PHE A 1 140 ? 10.31614  8.97538   1.26625   1.000 44.60135 ?  139 PHE A CZ    1 
ATOM   1144 N N     . LYS A 1 141 ? 11.93893  4.29058   -0.83700  1.000 32.02289 ?  140 LYS A N     1 
ATOM   1145 C CA    . LYS A 1 141 ? 11.03261  3.15860   -0.70348  1.000 28.24115 ?  140 LYS A CA    1 
ATOM   1146 C C     . LYS A 1 141 ? 11.39912  1.99149   -1.61365  1.000 28.82785 ?  140 LYS A C     1 
ATOM   1147 O O     . LYS A 1 141 ? 10.74892  0.94260   -1.54939  1.000 24.68325 ?  140 LYS A O     1 
ATOM   1148 C CB    . LYS A 1 141 ? 9.59513   3.60049   -0.99706  1.000 29.25758 ?  140 LYS A CB    1 
ATOM   1149 C CG    . LYS A 1 141 ? 9.03687   4.65760   -0.03083  1.000 32.09338 ?  140 LYS A CG    1 
ATOM   1150 C CD    . LYS A 1 141 ? 7.52105   4.82574   -0.21836  1.000 30.40302 ?  140 LYS A CD    1 
ATOM   1151 C CE    . LYS A 1 141 ? 6.91589   5.80048   0.80313   1.000 29.99115 ?  140 LYS A CE    1 
ATOM   1152 N NZ    . LYS A 1 141 ? 5.43190   5.94884   0.65204   1.000 27.20210 ?  140 LYS A NZ    1 
ATOM   1153 N N     . ARG A 1 142 ? 12.44831  2.11724   -2.43094  1.000 27.39403 ?  141 ARG A N     1 
ATOM   1154 C CA    . ARG A 1 142 ? 12.57666  1.20277   -3.56221  1.000 22.99347 ?  141 ARG A CA    1 
ATOM   1155 C C     . ARG A 1 142 ? 13.01385  -0.19498  -3.13540  1.000 20.20981 ?  141 ARG A C     1 
ATOM   1156 O O     . ARG A 1 142 ? 12.54819  -1.19609  -3.69528  1.000 23.80017 ?  141 ARG A O     1 
ATOM   1157 C CB    . ARG A 1 142 ? 13.54176  1.79293   -4.58519  1.000 28.44907 ?  141 ARG A CB    1 
ATOM   1158 C CG    . ARG A 1 142 ? 12.96216  1.79778   -5.92465  1.000 29.03232 ?  141 ARG A CG    1 
ATOM   1159 C CD    . ARG A 1 142 ? 13.75605  2.62862   -6.88230  1.000 31.16700 ?  141 ARG A CD    1 
ATOM   1160 N NE    . ARG A 1 142 ? 12.94330  3.72940   -7.36274  1.000 25.46320 ?  141 ARG A NE    1 
ATOM   1161 C CZ    . ARG A 1 142 ? 13.46839  4.86283   -7.80761  1.000 36.56885 ?  141 ARG A CZ    1 
ATOM   1162 N NH1   . ARG A 1 142 ? 14.80344  5.00239   -7.81889  1.000 40.83745 ?  141 ARG A NH1   1 
ATOM   1163 N NH2   . ARG A 1 142 ? 12.67647  5.84500   -8.23857  1.000 35.14258 ?  141 ARG A NH2   1 
ATOM   1164 N N     . ASP A 1 143 ? 13.91608  -0.29267  -2.17227  1.000 21.98700 ?  142 ASP A N     1 
ATOM   1165 C CA    . ASP A 1 143 ? 14.29817  -1.60022  -1.66651  1.000 24.76850 ?  142 ASP A CA    1 
ATOM   1166 C C     . ASP A 1 143 ? 13.09792  -2.33877  -1.08407  1.000 22.79048 ?  142 ASP A C     1 
ATOM   1167 O O     . ASP A 1 143 ? 12.99553  -3.56383  -1.21569  1.000 20.63373 ?  142 ASP A O     1 
ATOM   1168 C CB    . ASP A 1 143 ? 15.39435  -1.45717  -0.61487  1.000 26.42889 ?  142 ASP A CB    1 
ATOM   1169 C CG    . ASP A 1 143 ? 16.70938  -1.04803  -1.22889  1.000 38.01337 ?  142 ASP A CG    1 
ATOM   1170 O OD1   . ASP A 1 143 ? 16.97103  -1.44942  -2.40123  1.000 35.98708 ?  142 ASP A OD1   1 
ATOM   1171 O OD2   . ASP A 1 143 ? 17.45861  -0.30770  -0.55448  1.000 39.66000 -1 142 ASP A OD2   1 
ATOM   1172 N N     . VAL A 1 144 ? 12.20388  -1.61895  -0.39498  1.000 20.26497 ?  143 VAL A N     1 
ATOM   1173 C CA    . VAL A 1 144 ? 11.01237  -2.27315  0.11833   1.000 16.15168 ?  143 VAL A CA    1 
ATOM   1174 C C     . VAL A 1 144 ? 10.14994  -2.76620  -1.03818  1.000 16.76029 ?  143 VAL A C     1 
ATOM   1175 O O     . VAL A 1 144 ? 9.66964   -3.90761  -1.03484  1.000 16.13375 ?  143 VAL A O     1 
ATOM   1176 C CB    . VAL A 1 144 ? 10.22891  -1.32706  1.05116   1.000 18.22308 ?  143 VAL A CB    1 
ATOM   1177 C CG1   . VAL A 1 144 ? 8.81533   -1.89977  1.32844   1.000 17.47383 ?  143 VAL A CG1   1 
ATOM   1178 C CG2   . VAL A 1 144 ? 11.00349  -1.10589  2.34632   1.000 17.64275 ?  143 VAL A CG2   1 
ATOM   1179 N N     . TYR A 1 145 ? 9.92750   -1.90924  -2.03931  1.000 14.58817 ?  144 TYR A N     1 
ATOM   1180 C CA    . TYR A 1 145 ? 9.01441   -2.27533  -3.11069  1.000 18.76239 ?  144 TYR A CA    1 
ATOM   1181 C C     . TYR A 1 145 ? 9.56829   -3.45392  -3.92283  1.000 17.24295 ?  144 TYR A C     1 
ATOM   1182 O O     . TYR A 1 145 ? 8.81334   -4.35092  -4.32400  1.000 15.52324 ?  144 TYR A O     1 
ATOM   1183 C CB    . TYR A 1 145 ? 8.74035   -1.04355  -3.98236  1.000 16.33681 ?  144 TYR A CB    1 
ATOM   1184 C CG    . TYR A 1 145 ? 7.50852   -0.15432  -3.65549  1.000 20.76309 ?  144 TYR A CG    1 
ATOM   1185 C CD1   . TYR A 1 145 ? 7.23468   0.34228   -2.36749  1.000 21.19302 ?  144 TYR A CD1   1 
ATOM   1186 C CD2   . TYR A 1 145 ? 6.64916   0.22607   -4.67747  1.000 20.99501 ?  144 TYR A CD2   1 
ATOM   1187 C CE1   . TYR A 1 145 ? 6.07107   1.16321   -2.11657  1.000 19.43669 ?  144 TYR A CE1   1 
ATOM   1188 C CE2   . TYR A 1 145 ? 5.51738   1.06104   -4.44962  1.000 20.14425 ?  144 TYR A CE2   1 
ATOM   1189 C CZ    . TYR A 1 145 ? 5.21745   1.53437   -3.18194  1.000 24.09674 ?  144 TYR A CZ    1 
ATOM   1190 O OH    . TYR A 1 145 ? 4.05705   2.38440   -3.06315  1.000 20.64964 ?  144 TYR A OH    1 
ATOM   1191 N N     . ARG A 1 146 ? 10.88952  -3.48683  -4.13528  1.000 16.46460 ?  145 ARG A N     1 
ATOM   1192 C CA    . ARG A 1 146 ? 11.54575  -4.63800  -4.75302  1.000 16.17546 ?  145 ARG A CA    1 
ATOM   1193 C C     . ARG A 1 146 ? 11.21379  -5.93395  -4.02896  1.000 15.88930 ?  145 ARG A C     1 
ATOM   1194 O O     . ARG A 1 146 ? 10.86040  -6.94201  -4.65733  1.000 15.77718 ?  145 ARG A O     1 
ATOM   1195 C CB    . ARG A 1 146 ? 13.05947  -4.43230  -4.75501  1.000 21.06300 ?  145 ARG A CB    1 
ATOM   1196 C CG    . ARG A 1 146 ? 13.55269  -3.62185  -5.93120  1.000 18.47724 ?  145 ARG A CG    1 
ATOM   1197 C CD    . ARG A 1 146 ? 15.03817  -3.75047  -6.01683  1.000 22.84456 ?  145 ARG A CD    1 
ATOM   1198 N NE    . ARG A 1 146 ? 15.71265  -2.75911  -5.23843  1.000 26.37130 ?  145 ARG A NE    1 
ATOM   1199 C CZ    . ARG A 1 146 ? 16.05015  -1.56287  -5.70567  1.000 26.65097 ?  145 ARG A CZ    1 
ATOM   1200 N NH1   . ARG A 1 146 ? 15.75560  -1.22850  -6.93509  1.000 26.25061 ?  145 ARG A NH1   1 
ATOM   1201 N NH2   . ARG A 1 146 ? 16.67383  -0.70970  -4.92512  1.000 25.07908 ?  145 ARG A NH2   1 
ATOM   1202 N N     . ARG A 1 147 ? 11.32829  -5.92818  -2.69936  1.000 15.89235 ?  146 ARG A N     1 
ATOM   1203 C CA    . ARG A 1 147 ? 11.06140  -7.13899  -1.93361  1.000 17.74730 ?  146 ARG A CA    1 
ATOM   1204 C C     . ARG A 1 147 ? 9.58298   -7.47812  -1.96367  1.000 14.95434 ?  146 ARG A C     1 
ATOM   1205 O O     . ARG A 1 147 ? 9.21367   -8.64303  -2.11346  1.000 15.28259 ?  146 ARG A O     1 
ATOM   1206 C CB    . ARG A 1 147 ? 11.54191  -6.94855  -0.48896  1.000 18.31544 ?  146 ARG A CB    1 
ATOM   1207 C CG    . ARG A 1 147 ? 13.05356  -7.02418  -0.31190  1.000 22.71925 ?  146 ARG A CG    1 
ATOM   1208 C CD    . ARG A 1 147 ? 13.47133  -6.25754  0.99982   1.000 32.31523 ?  146 ARG A CD    1 
ATOM   1209 N NE    . ARG A 1 147 ? 14.79122  -5.67411  0.82057   1.000 38.72022 ?  146 ARG A NE    1 
ATOM   1210 C CZ    . ARG A 1 147 ? 15.86992  -6.39587  0.57576   1.000 44.02762 ?  146 ARG A CZ    1 
ATOM   1211 N NH1   . ARG A 1 147 ? 17.03618  -5.79321  0.39263   1.000 43.67347 ?  146 ARG A NH1   1 
ATOM   1212 N NH2   . ARG A 1 147 ? 15.79961  -7.73449  0.52931   1.000 43.39254 ?  146 ARG A NH2   1 
ATOM   1213 N N     . VAL A 1 148 ? 8.72952   -6.46231  -1.91485  1.000 14.00011 ?  147 VAL A N     1 
ATOM   1214 C CA    . VAL A 1 148 ? 7.30237   -6.73970  -1.94467  1.000 11.83357 ?  147 VAL A CA    1 
ATOM   1215 C C     . VAL A 1 148 ? 6.93601   -7.41046  -3.25899  1.000 14.39402 ?  147 VAL A C     1 
ATOM   1216 O O     . VAL A 1 148 ? 6.43529   -8.53807  -3.28209  1.000 13.79444 ?  147 VAL A O     1 
ATOM   1217 C CB    . VAL A 1 148 ? 6.50839   -5.44906  -1.70517  1.000 13.42945 ?  147 VAL A CB    1 
ATOM   1218 C CG1   . VAL A 1 148 ? 5.03869   -5.68579  -1.93839  1.000 13.80651 ?  147 VAL A CG1   1 
ATOM   1219 C CG2   . VAL A 1 148 ? 6.74534   -5.01942  -0.28218  1.000 13.26590 ?  147 VAL A CG2   1 
ATOM   1220 N N     . MET A 1 149 ? 7.27816   -6.76836  -4.37984  1.000 13.52079 ?  148 MET A N     1 
ATOM   1221 C CA    . MET A 1 149 ? 6.85467   -7.30667  -5.67089  1.000 13.59623 ?  148 MET A CA    1 
ATOM   1222 C C     . MET A 1 149 ? 7.55104   -8.63802  -6.01470  1.000 15.63459 ?  148 MET A C     1 
ATOM   1223 O O     . MET A 1 149 ? 6.96338   -9.49042  -6.69188  1.000 15.41416 ?  148 MET A O     1 
ATOM   1224 C CB    . MET A 1 149 ? 7.06742   -6.24108  -6.74203  1.000 16.92090 ?  148 MET A CB    1 
ATOM   1225 C CG    . MET A 1 149 ? 6.13861   -4.98507  -6.55478  1.000 16.88714 ?  148 MET A CG    1 
ATOM   1226 S SD    . MET A 1 149 ? 4.41970   -5.38567  -6.06563  1.000 18.93254 ?  148 MET A SD    1 
ATOM   1227 C CE    . MET A 1 149 ? 3.83867   -6.28240  -7.47168  1.000 12.20449 ?  148 MET A CE    1 
ATOM   1228 N N     . ALA A 1 150 ? 8.78692   -8.84797  -5.58498  1.000 11.90137 ?  149 ALA A N     1 
ATOM   1229 C CA    . ALA A 1 150 ? 9.38993   -10.16911 -5.83154  1.000 15.42973 ?  149 ALA A CA    1 
ATOM   1230 C C     . ALA A 1 150 ? 8.62830   -11.26230 -5.09119  1.000 20.13172 ?  149 ALA A C     1 
ATOM   1231 O O     . ALA A 1 150 ? 8.46957   -12.37327 -5.60788  1.000 20.54389 ?  149 ALA A O     1 
ATOM   1232 C CB    . ALA A 1 150 ? 10.85722  -10.18143 -5.39588  1.000 15.46286 ?  149 ALA A CB    1 
ATOM   1233 N N     . ALA A 1 151 ? 8.08936   -10.94773 -3.90429  1.000 15.44402 ?  150 ALA A N     1 
ATOM   1234 C CA    . ALA A 1 151 ? 7.30600   -11.95240 -3.18445  1.000 20.14081 ?  150 ALA A CA    1 
ATOM   1235 C C     . ALA A 1 151 ? 5.97045   -12.21148 -3.87721  1.000 19.23726 ?  150 ALA A C     1 
ATOM   1236 O O     . ALA A 1 151 ? 5.49780   -13.35643 -3.92513  1.000 23.44888 ?  150 ALA A O     1 
ATOM   1237 C CB    . ALA A 1 151 ? 7.11121   -11.50564 -1.72072  1.000 17.37827 ?  150 ALA A CB    1 
ATOM   1238 N N     . PHE A 1 152 ? 5.35700   -11.17341 -4.45025  1.000 17.83842 ?  151 PHE A N     1 
ATOM   1239 C CA    . PHE A 1 152 ? 4.01867   -11.28039 -5.02560  1.000 18.59115 ?  151 PHE A CA    1 
ATOM   1240 C C     . PHE A 1 152 ? 4.01373   -11.64367 -6.50489  1.000 19.65711 ?  151 PHE A C     1 
ATOM   1241 O O     . PHE A 1 152 ? 2.96042   -12.03680 -7.02587  1.000 19.78717 ?  151 PHE A O     1 
ATOM   1242 C CB    . PHE A 1 152 ? 3.24056   -9.95808  -4.86645  1.000 16.52096 ?  151 PHE A CB    1 
ATOM   1243 C CG    . PHE A 1 152 ? 2.92847   -9.57762  -3.43350  1.000 15.53406 ?  151 PHE A CG    1 
ATOM   1244 C CD1   . PHE A 1 152 ? 2.95184   -10.52681 -2.39965  1.000 13.14516 ?  151 PHE A CD1   1 
ATOM   1245 C CD2   . PHE A 1 152 ? 2.61428   -8.24766  -3.12265  1.000 13.53119 ?  151 PHE A CD2   1 
ATOM   1246 C CE1   . PHE A 1 152 ? 2.64265   -10.15284 -1.06735  1.000 12.42800 ?  151 PHE A CE1   1 
ATOM   1247 C CE2   . PHE A 1 152 ? 2.32340   -7.86121  -1.80560  1.000 10.43697 ?  151 PHE A CE2   1 
ATOM   1248 C CZ    . PHE A 1 152 ? 2.33483   -8.81199  -0.76957  1.000 11.90114 ?  151 PHE A CZ    1 
ATOM   1249 N N     . ALA A 1 153 ? 5.14907   -11.49927 -7.19226  1.000 22.08958 ?  152 ALA A N     1 
ATOM   1250 C CA    . ALA A 1 153 ? 5.18785   -11.60424 -8.65131  1.000 21.76467 ?  152 ALA A CA    1 
ATOM   1251 C C     . ALA A 1 153 ? 4.60619   -12.92445 -9.14157  1.000 18.40356 ?  152 ALA A C     1 
ATOM   1252 O O     . ALA A 1 153 ? 3.76525   -12.93113 -10.04062 1.000 25.47531 ?  152 ALA A O     1 
ATOM   1253 C CB    . ALA A 1 153 ? 6.63519   -11.45167 -9.15037  1.000 20.62261 ?  152 ALA A CB    1 
ATOM   1254 N N     . SER A 1 154 ? 5.06077   -14.04457 -8.57806  1.000 24.32409 ?  153 SER A N     1 
ATOM   1255 C CA    . SER A 1 154 ? 4.60260   -15.36766 -9.00832  1.000 26.35152 ?  153 SER A CA    1 
ATOM   1256 C C     . SER A 1 154 ? 3.08338   -15.48047 -8.91281  1.000 27.85167 ?  153 SER A C     1 
ATOM   1257 O O     . SER A 1 154 ? 2.42332   -15.98610 -9.83283  1.000 23.01857 ?  153 SER A O     1 
ATOM   1258 C CB    . SER A 1 154 ? 5.22983   -16.45455 -8.13677  1.000 25.95788 ?  153 SER A CB    1 
ATOM   1259 O OG    . SER A 1 154 ? 6.61141   -16.24115 -7.91896  1.000 41.38826 ?  153 SER A OG    1 
ATOM   1260 N N     . VAL A 1 155 ? 2.52398   -15.05388 -7.76723  1.000 22.96227 ?  154 VAL A N     1 
ATOM   1261 C CA    . VAL A 1 155 ? 1.08326   -15.15379 -7.55530  1.000 18.54185 ?  154 VAL A CA    1 
ATOM   1262 C C     . VAL A 1 155 ? 0.33435   -14.33808 -8.59612  1.000 20.32362 ?  154 VAL A C     1 
ATOM   1263 O O     . VAL A 1 155 ? -0.61516  -14.82161 -9.22928  1.000 21.05911 ?  154 VAL A O     1 
ATOM   1264 C CB    . VAL A 1 155 ? 0.72058   -14.70182 -6.13177  1.000 22.14575 ?  154 VAL A CB    1 
ATOM   1265 C CG1   . VAL A 1 155 ? -0.70803  -15.07912 -5.80665  1.000 22.66912 ?  154 VAL A CG1   1 
ATOM   1266 C CG2   . VAL A 1 155 ? 1.71518   -15.25397 -5.10083  1.000 19.41528 ?  154 VAL A CG2   1 
ATOM   1267 N N     . VAL A 1 156 ? 0.72660   -13.07048 -8.76981  1.000 18.57762 ?  155 VAL A N     1 
ATOM   1268 C CA    . VAL A 1 156 ? 0.02632   -12.21700 -9.72675  1.000 17.46279 ?  155 VAL A CA    1 
ATOM   1269 C C     . VAL A 1 156 ? -0.02509  -12.90650 -11.08934 1.000 25.38649 ?  155 VAL A C     1 
ATOM   1270 O O     . VAL A 1 156 ? -1.08727  -13.01759 -11.72762 1.000 21.13073 ?  155 VAL A O     1 
ATOM   1271 C CB    . VAL A 1 156 ? 0.69365   -10.83929 -9.82353  1.000 18.51142 ?  155 VAL A CB    1 
ATOM   1272 C CG1   . VAL A 1 156 ? 0.18801   -10.13377 -11.06296 1.000 16.48983 ?  155 VAL A CG1   1 
ATOM   1273 C CG2   . VAL A 1 156 ? 0.40591   -9.96307  -8.53054  1.000 15.24913 ?  155 VAL A CG2   1 
ATOM   1274 N N     . MET A 1 157 ? 1.12047   -13.43052 -11.51773 1.000 22.19561 ?  156 MET A N     1 
ATOM   1275 C CA    . MET A 1 157 ? 1.21986   -14.00953 -12.85078 1.000 25.27045 ?  156 MET A CA    1 
ATOM   1276 C C     . MET A 1 157 ? 0.44674   -15.31267 -12.97725 1.000 23.63636 ?  156 MET A C     1 
ATOM   1277 O O     . MET A 1 157 ? -0.02213  -15.64848 -14.07139 1.000 25.42882 ?  156 MET A O     1 
ATOM   1278 C CB    . MET A 1 157 ? 2.68911   -14.24186 -13.18766 1.000 21.60812 ?  156 MET A CB    1 
ATOM   1279 C CG    . MET A 1 157 ? 3.45826   -12.95738 -13.47140 1.000 30.42240 ?  156 MET A CG    1 
ATOM   1280 S SD    . MET A 1 157 ? 4.96934   -13.35609 -14.38712 1.000 50.91915 ?  156 MET A SD    1 
ATOM   1281 C CE    . MET A 1 157 ? 4.27279   -13.84535 -15.94818 1.000 33.79811 ?  156 MET A CE    1 
ATOM   1282 N N     . SER A 1 158 ? 0.32083   -16.06605 -11.88413 1.000 26.31749 ?  157 SER A N     1 
ATOM   1283 C CA    . SER A 1 158 ? -0.42509  -17.31457 -11.91768 1.000 23.54113 ?  157 SER A CA    1 
ATOM   1284 C C     . SER A 1 158 ? -1.90764  -17.09726 -12.20947 1.000 24.65700 ?  157 SER A C     1 
ATOM   1285 O O     . SER A 1 158 ? -2.62719  -18.07159 -12.47650 1.000 25.05195 ?  157 SER A O     1 
ATOM   1286 C CB    . SER A 1 158 ? -0.23304  -18.05004 -10.58942 1.000 23.87911 ?  157 SER A CB    1 
ATOM   1287 O OG    . SER A 1 158 ? -1.06603  -17.51791 -9.53432  1.000 23.27711 ?  157 SER A OG    1 
ATOM   1288 N N     . LEU A 1 159 ? -2.38153  -15.85368 -12.18098 1.000 22.96476 ?  158 LEU A N     1 
ATOM   1289 C CA    . LEU A 1 159 ? -3.77128  -15.58465 -12.52907 1.000 24.72675 ?  158 LEU A CA    1 
ATOM   1290 C C     . LEU A 1 159 ? -4.00202  -15.40267 -14.02623 1.000 25.54234 ?  158 LEU A C     1 
ATOM   1291 O O     . LEU A 1 159 ? -5.14522  -15.47377 -14.47621 1.000 24.12411 ?  158 LEU A O     1 
ATOM   1292 C CB    . LEU A 1 159 ? -4.26292  -14.32854 -11.80792 1.000 24.05111 ?  158 LEU A CB    1 
ATOM   1293 C CG    . LEU A 1 159 ? -4.17464  -14.26411 -10.27713 1.000 25.10737 ?  158 LEU A CG    1 
ATOM   1294 C CD1   . LEU A 1 159 ? -4.84294  -12.98480 -9.80211  1.000 23.26954 ?  158 LEU A CD1   1 
ATOM   1295 C CD2   . LEU A 1 159 ? -4.88061  -15.43104 -9.68157  1.000 21.29179 ?  158 LEU A CD2   1 
ATOM   1296 N N     . GLN A 1 160 ? -2.96783  -15.16872 -14.81312 1.000 24.81715 ?  159 GLN A N     1 
ATOM   1297 C CA    . GLN A 1 160 ? -3.19813  -14.73121 -16.18566 0.870 26.32286 ?  159 GLN A CA    1 
ATOM   1298 C C     . GLN A 1 160 ? -3.45028  -15.91841 -17.10160 1.000 27.96265 ?  159 GLN A C     1 
ATOM   1299 O O     . GLN A 1 160 ? -2.88691  -16.97898 -16.85387 1.000 26.93093 ?  159 GLN A O     1 
ATOM   1300 C CB    . GLN A 1 160 ? -2.00246  -13.91902 -16.70733 0.910 27.43502 ?  159 GLN A CB    1 
ATOM   1301 C CG    . GLN A 1 160 ? -1.43217  -12.95715 -15.68595 1.000 28.11526 ?  159 GLN A CG    1 
ATOM   1302 C CD    . GLN A 1 160 ? -0.29636  -12.12912 -16.25864 0.640 28.45249 ?  159 GLN A CD    1 
ATOM   1303 O OE1   . GLN A 1 160 ? 0.80273   -12.13121 -15.72527 1.000 28.94856 ?  159 GLN A OE1   1 
ATOM   1304 N NE2   . GLN A 1 160 ? -0.56234  -11.42792 -17.36446 1.000 30.01600 ?  159 GLN A NE2   1 
HETATM 1305 P PG    . G2P B 2 .   ? -0.05411  10.32460  6.01477   0.660 57.82679 ?  201 G2P A PG    1 
HETATM 1306 O O1G   . G2P B 2 .   ? -1.35156  10.46774  5.20107   0.660 52.00958 ?  201 G2P A O1G   1 
HETATM 1307 O O2G   . G2P B 2 .   ? -0.27979  9.39423   7.23122   0.660 46.45911 ?  201 G2P A O2G   1 
HETATM 1308 O O3G   . G2P B 2 .   ? 0.34737   11.67920  6.45731   0.660 54.14097 ?  201 G2P A O3G   1 
HETATM 1309 O O3B   . G2P B 2 .   ? 1.08584   9.65686   5.10899   0.660 51.01857 ?  201 G2P A O3B   1 
HETATM 1310 P PB    . G2P B 2 .   ? 2.61256   9.99874   4.90554   0.660 46.69144 ?  201 G2P A PB    1 
HETATM 1311 O O1B   . G2P B 2 .   ? 2.77562   10.74817  3.54431   0.660 44.55424 ?  201 G2P A O1B   1 
HETATM 1312 O O2B   . G2P B 2 .   ? 3.06983   10.88215  6.07496   0.660 49.58600 ?  201 G2P A O2B   1 
HETATM 1313 C C3A   . G2P B 2 .   ? 3.71373   8.42072   4.92517   0.660 38.63046 ?  201 G2P A C3A   1 
HETATM 1314 P PA    . G2P B 2 .   ? 4.92115   8.41969   3.53230   0.660 34.93909 ?  201 G2P A PA    1 
HETATM 1315 O O1A   . G2P B 2 .   ? 6.17234   7.59455   3.96566   0.660 36.11167 ?  201 G2P A O1A   1 
HETATM 1316 O O2A   . G2P B 2 .   ? 4.24585   7.81353   2.32409   0.660 33.95116 ?  201 G2P A O2A   1 
HETATM 1317 O "O5'" . G2P B 2 .   ? 5.42183   9.83478   3.07228   0.660 38.08675 ?  201 G2P A "O5'" 1 
HETATM 1318 C "C5'" . G2P B 2 .   ? 6.20855   10.61740  4.01228   0.660 40.39542 ?  201 G2P A "C5'" 1 
HETATM 1319 C "C4'" . G2P B 2 .   ? 6.57230   11.94520  3.35728   0.660 43.76824 ?  201 G2P A "C4'" 1 
HETATM 1320 O "O4'" . G2P B 2 .   ? 7.54497   11.73103  2.29776   0.660 40.77740 ?  201 G2P A "O4'" 1 
HETATM 1321 C "C3'" . G2P B 2 .   ? 5.37767   12.61246  2.67930   0.660 43.44070 ?  201 G2P A "C3'" 1 
HETATM 1322 O "O3'" . G2P B 2 .   ? 4.68837   13.45779  3.60470   0.660 42.89906 ?  201 G2P A "O3'" 1 
HETATM 1323 C "C2'" . G2P B 2 .   ? 6.00081   13.38455  1.50903   0.660 42.76335 ?  201 G2P A "C2'" 1 
HETATM 1324 O "O2'" . G2P B 2 .   ? 6.59082   14.61809  1.91313   0.660 41.88541 ?  201 G2P A "O2'" 1 
HETATM 1325 C "C1'" . G2P B 2 .   ? 7.18548   12.48086  1.14966   0.660 43.03525 ?  201 G2P A "C1'" 1 
HETATM 1326 N N9    . G2P B 2 .   ? 6.79376   11.57452  0.00921   0.660 41.28139 ?  201 G2P A N9    1 
HETATM 1327 C C8    . G2P B 2 .   ? 6.11373   10.30701  -0.14168  0.660 40.54612 ?  201 G2P A C8    1 
HETATM 1328 N N7    . G2P B 2 .   ? 6.07680   10.01982  -1.46371  0.660 39.18095 ?  201 G2P A N7    1 
HETATM 1329 C C5    . G2P B 2 .   ? 6.64120   10.92409  -2.28295  0.660 41.57211 ?  201 G2P A C5    1 
HETATM 1330 C C6    . G2P B 2 .   ? 6.88730   11.13170  -3.77450  0.660 41.41659 ?  201 G2P A C6    1 
HETATM 1331 O O6    . G2P B 2 .   ? 6.51593   10.31350  -4.60779  0.660 41.07765 ?  201 G2P A O6    1 
HETATM 1332 N N1    . G2P B 2 .   ? 7.52195   12.24678  -4.10368  0.660 38.98802 ?  201 G2P A N1    1 
HETATM 1333 C C2    . G2P B 2 .   ? 7.97850   13.23620  -3.16020  0.660 42.71930 ?  201 G2P A C2    1 
HETATM 1334 N N2    . G2P B 2 .   ? 8.66355   14.42295  -3.62088  0.660 46.62095 ?  201 G2P A N2    1 
HETATM 1335 N N3    . G2P B 2 .   ? 7.77612   13.06204  -1.83917  0.660 41.57784 ?  201 G2P A N3    1 
HETATM 1336 C C4    . G2P B 2 .   ? 7.15362   12.00198  -1.35182  0.660 43.36618 ?  201 G2P A C4    1 
HETATM 1337 S S     . SO4 C 3 .   ? -8.86049  -13.71408 4.75790   0.460 27.28995 ?  202 SO4 A S     1 
HETATM 1338 O O1    . SO4 C 3 .   ? -8.35593  -14.27410 3.50237   0.460 18.09826 ?  202 SO4 A O1    1 
HETATM 1339 O O2    . SO4 C 3 .   ? -9.54876  -12.43755 4.48372   0.460 19.27035 ?  202 SO4 A O2    1 
HETATM 1340 O O3    . SO4 C 3 .   ? -9.89700  -14.60834 5.30960   0.460 27.04108 -1 202 SO4 A O3    1 
HETATM 1341 O O4    . SO4 C 3 .   ? -7.80144  -13.64191 5.71644   0.460 9.19987  ?  202 SO4 A O4    1 
HETATM 1342 S S     . SO4 D 3 .   ? 7.39736   -13.38238 3.98646   0.580 38.38967 ?  203 SO4 A S     1 
HETATM 1343 O O1    . SO4 D 3 .   ? 7.53447   -13.13497 2.53117   0.580 33.34543 ?  203 SO4 A O1    1 
HETATM 1344 O O2    . SO4 D 3 .   ? 7.54164   -12.08350 4.73533   0.580 21.02466 ?  203 SO4 A O2    1 
HETATM 1345 O O3    . SO4 D 3 .   ? 6.14389   -14.06548 4.10778   0.580 9.08565  -1 203 SO4 A O3    1 
HETATM 1346 O O4    . SO4 D 3 .   ? 8.38676   -14.37717 4.48392   0.580 29.97397 ?  203 SO4 A O4    1 
HETATM 1347 S S     . SO4 E 3 .   ? -9.67112  -8.87393  -15.00051 0.490 34.03780 ?  204 SO4 A S     1 
HETATM 1348 O O1    . SO4 E 3 .   ? -8.40999  -9.32022  -15.58549 0.490 30.10771 ?  204 SO4 A O1    1 
HETATM 1349 O O2    . SO4 E 3 .   ? -9.88591  -7.46791  -15.34580 0.490 37.32971 ?  204 SO4 A O2    1 
HETATM 1350 O O3    . SO4 E 3 .   ? -9.58353  -9.03933  -13.54649 0.490 25.47386 -1 204 SO4 A O3    1 
HETATM 1351 O O4    . SO4 E 3 .   ? -10.80318 -9.67308  -15.51535 0.490 30.66340 ?  204 SO4 A O4    1 
HETATM 1352 S S     . SO4 F 3 .   ? -9.44909  -15.72136 -11.16273 0.510 13.21881 ?  205 SO4 A S     1 
HETATM 1353 O O1    . SO4 F 3 .   ? -10.66736 -15.46895 -11.87592 0.510 27.48446 ?  205 SO4 A O1    1 
HETATM 1354 O O2    . SO4 F 3 .   ? -8.41987  -14.71989 -11.31647 0.510 28.15928 ?  205 SO4 A O2    1 
HETATM 1355 O O3    . SO4 F 3 .   ? -9.83605  -15.78791 -9.76770  0.510 28.73929 ?  205 SO4 A O3    1 
HETATM 1356 O O4    . SO4 F 3 .   ? -8.94635  -16.97300 -11.67869 0.510 31.09624 ?  205 SO4 A O4    1 
HETATM 1357 O O     . HOH G 4 .   ? -9.93682  -8.43475  9.24736   1.000 24.06488 ?  301 HOH A O     1 
HETATM 1358 O O     . HOH G 4 .   ? -7.69958  -16.57555 -13.61505 1.000 24.42696 ?  302 HOH A O     1 
HETATM 1359 O O     . HOH G 4 .   ? 8.33063   8.55045   -11.01748 1.000 31.99965 ?  303 HOH A O     1 
HETATM 1360 O O     . HOH G 4 .   ? 1.87076   7.60267   2.08517   1.000 36.57566 ?  304 HOH A O     1 
HETATM 1361 O O     . HOH G 4 .   ? -8.13138  -16.26119 -8.12957  1.000 21.70246 ?  305 HOH A O     1 
HETATM 1362 O O     . HOH G 4 .   ? -7.23716  -0.34404  17.57882  1.000 17.50208 ?  306 HOH A O     1 
HETATM 1363 O O     . HOH G 4 .   ? -1.93228  6.45124   8.07343   1.000 27.47788 ?  307 HOH A O     1 
HETATM 1364 O O     . HOH G 4 .   ? -17.77575 1.10757   -4.72879  1.000 36.41566 ?  308 HOH A O     1 
HETATM 1365 O O     . HOH G 4 .   ? -2.79556  -10.86894 -13.04253 1.000 23.46610 ?  309 HOH A O     1 
HETATM 1366 O O     . HOH G 4 .   ? -10.59828 -11.14827 7.92214   0.730 19.86398 ?  310 HOH A O     1 
HETATM 1367 O O     . HOH G 4 .   ? 9.80232   12.31210  11.00776  1.000 52.82095 ?  311 HOH A O     1 
HETATM 1368 O O     . HOH G 4 .   ? 15.30356  8.22641   9.26009   1.000 35.08067 ?  312 HOH A O     1 
HETATM 1369 O O     . HOH G 4 .   ? -7.47772  -15.56067 1.49353   1.000 15.47561 ?  313 HOH A O     1 
HETATM 1370 O O     . HOH G 4 .   ? 2.58921   3.15451   -0.74777  1.000 25.37990 ?  314 HOH A O     1 
HETATM 1371 O O     . HOH G 4 .   ? 16.53275  8.16217   -1.52456  1.000 41.95567 ?  315 HOH A O     1 
HETATM 1372 O O     . HOH G 4 .   ? 1.21528   3.54917   12.54601  1.000 25.30963 ?  316 HOH A O     1 
HETATM 1373 O O     . HOH G 4 .   ? -17.47246 -1.77077  -2.16005  1.000 28.45406 ?  317 HOH A O     1 
HETATM 1374 O O     . HOH G 4 .   ? 6.77965   -6.89930  4.75559   1.000 25.40421 ?  318 HOH A O     1 
HETATM 1375 O O     . HOH G 4 .   ? -2.04228  -17.78162 -19.21699 1.000 43.13582 ?  319 HOH A O     1 
HETATM 1376 O O     . HOH G 4 .   ? -9.36607  -5.02722  -14.44988 1.000 30.79203 ?  320 HOH A O     1 
HETATM 1377 O O     . HOH G 4 .   ? -12.21928 -5.69976  -12.06511 1.000 30.75859 ?  321 HOH A O     1 
HETATM 1378 O O     . HOH G 4 .   ? 2.68215   2.63992   -17.26693 1.000 21.96756 ?  322 HOH A O     1 
HETATM 1379 O O     . HOH G 4 .   ? -7.98595  -5.93289  17.08429  1.000 20.41364 ?  323 HOH A O     1 
HETATM 1380 O O     . HOH G 4 .   ? -9.30190  -10.18336 -11.14945 1.000 26.40359 ?  324 HOH A O     1 
HETATM 1381 O O     . HOH G 4 .   ? -9.63084  -1.76451  13.53887  1.000 15.94063 ?  325 HOH A O     1 
HETATM 1382 O O     . HOH G 4 .   ? -4.36482  15.09425  -9.12959  1.000 32.34340 ?  326 HOH A O     1 
HETATM 1383 O O     . HOH G 4 .   ? -14.07997 -3.51524  -14.58210 1.000 31.02208 ?  327 HOH A O     1 
HETATM 1384 O O     . HOH G 4 .   ? -18.18086 7.12371   3.32288   1.000 20.52105 ?  328 HOH A O     1 
HETATM 1385 O O     . HOH G 4 .   ? -8.95239  7.92663   -1.51432  1.000 26.71048 ?  329 HOH A O     1 
HETATM 1386 O O     . HOH G 4 .   ? -11.60305 8.50918   0.56635   1.000 25.64158 ?  330 HOH A O     1 
HETATM 1387 O O     . HOH G 4 .   ? -11.78200 -10.77835 1.25113   1.000 19.89069 ?  331 HOH A O     1 
HETATM 1388 O O     . HOH G 4 .   ? 1.04950   -9.56697  7.14511   1.000 17.10728 ?  332 HOH A O     1 
HETATM 1389 O O     . HOH G 4 .   ? -17.22013 2.37159   -2.09770  1.000 24.71965 ?  333 HOH A O     1 
HETATM 1390 O O     . HOH G 4 .   ? -8.05097  1.69660   15.82758  1.000 22.13434 ?  334 HOH A O     1 
HETATM 1391 O O     . HOH G 4 .   ? 2.73644   -10.56743 -16.89382 1.000 33.41019 ?  335 HOH A O     1 
HETATM 1392 O O     . HOH G 4 .   ? -13.16096 -11.22525 6.00308   1.000 33.36345 ?  336 HOH A O     1 
HETATM 1393 O O     . HOH G 4 .   ? -12.24190 6.31549   -0.50717  1.000 24.44606 ?  337 HOH A O     1 
HETATM 1394 O O     . HOH G 4 .   ? 2.87333   16.35991  -7.64051  1.000 38.50717 ?  338 HOH A O     1 
HETATM 1395 O O     . HOH G 4 .   ? 6.22846   7.56845   -4.32907  1.000 32.55331 ?  339 HOH A O     1 
HETATM 1396 O O     . HOH G 4 .   ? -4.04836  -15.79218 1.30598   1.000 17.29313 ?  340 HOH A O     1 
HETATM 1397 O O     . HOH G 4 .   ? 4.40679   -13.08324 0.46229   1.000 21.94352 ?  341 HOH A O     1 
HETATM 1398 O O     . HOH G 4 .   ? -2.64097  -1.49107  -5.23256  1.000 12.80196 ?  342 HOH A O     1 
HETATM 1399 O O     . HOH G 4 .   ? 1.66499   5.83005   5.43221   1.000 25.63976 ?  343 HOH A O     1 
HETATM 1400 O O     . HOH G 4 .   ? -12.52857 -3.22369  3.15308   1.000 14.81580 ?  344 HOH A O     1 
HETATM 1401 O O     . HOH G 4 .   ? -10.89337 -4.24998  9.56187   1.000 13.23188 ?  345 HOH A O     1 
HETATM 1402 O O     . HOH G 4 .   ? 5.13035   7.38489   -1.77747  1.000 34.61926 ?  346 HOH A O     1 
HETATM 1403 O O     . HOH G 4 .   ? -4.86376  3.36816   7.30876   1.000 27.56608 ?  347 HOH A O     1 
HETATM 1404 O O     . HOH G 4 .   ? -8.31485  8.27858   2.14574   1.000 24.36789 ?  348 HOH A O     1 
HETATM 1405 O O     . HOH G 4 .   ? -13.84204 3.47726   -10.44392 1.000 31.73225 ?  349 HOH A O     1 
HETATM 1406 O O     . HOH G 4 .   ? 2.91855   -10.86423 11.06023  1.000 13.80211 ?  350 HOH A O     1 
HETATM 1407 O O     . HOH G 4 .   ? 11.25699  5.78797   -15.73785 1.000 13.95672 ?  351 HOH A O     1 
HETATM 1408 O O     . HOH G 4 .   ? -11.02777 11.46786  -4.57607  1.000 37.07863 ?  352 HOH A O     1 
HETATM 1409 O O     . HOH G 4 .   ? 3.86134   -14.39390 -1.76340  1.000 20.55142 ?  353 HOH A O     1 
HETATM 1410 O O     . HOH G 4 .   ? 3.17037   -18.09111 -11.68895 1.000 30.34370 ?  354 HOH A O     1 
HETATM 1411 O O     . HOH G 4 .   ? 5.89184   -5.19036  -14.93965 1.000 20.90195 ?  355 HOH A O     1 
HETATM 1412 O O     . HOH G 4 .   ? 11.45012  -14.97238 9.68833   1.000 35.19104 ?  356 HOH A O     1 
HETATM 1413 O O     . HOH G 4 .   ? 2.20785   -7.63260  -16.62096 1.000 24.87688 ?  357 HOH A O     1 
HETATM 1414 O O     . HOH G 4 .   ? 7.66581   -5.22143  15.95448  1.000 23.12815 ?  358 HOH A O     1 
HETATM 1415 O O     . HOH G 4 .   ? -13.24583 7.64554   -7.24784  1.000 29.97469 ?  359 HOH A O     1 
HETATM 1416 O O     . HOH G 4 .   ? -1.06145  11.44950  -0.17444  1.000 42.24424 ?  360 HOH A O     1 
HETATM 1417 O O     . HOH G 4 .   ? -16.94580 -2.35391  -13.31770 1.000 34.93218 ?  361 HOH A O     1 
HETATM 1418 O O     . HOH G 4 .   ? -0.66962  -8.18545  12.81727  1.000 13.27723 ?  362 HOH A O     1 
HETATM 1419 O O     . HOH G 4 .   ? 16.23523  -3.12678  -9.22784  1.000 20.73072 ?  363 HOH A O     1 
HETATM 1420 O O     . HOH G 4 .   ? 17.09831  1.79697   -3.26775  1.000 37.71793 ?  364 HOH A O     1 
HETATM 1421 O O     . HOH G 4 .   ? -6.01116  1.87727   -16.38806 1.000 29.12243 ?  365 HOH A O     1 
HETATM 1422 O O     . HOH G 4 .   ? 13.62935  4.43892   -12.50872 1.000 33.86616 ?  366 HOH A O     1 
HETATM 1423 O O     . HOH G 4 .   ? 13.50054  0.81540   0.98682   1.000 29.62326 ?  367 HOH A O     1 
HETATM 1424 O O     . HOH G 4 .   ? -16.63246 5.33776   -8.00724  1.000 36.81362 ?  368 HOH A O     1 
HETATM 1425 O O     . HOH G 4 .   ? 0.15825   -17.10717 -0.39455  1.000 22.85322 ?  369 HOH A O     1 
HETATM 1426 O O     . HOH G 4 .   ? -17.94779 -7.23381  2.42784   1.000 29.39127 ?  370 HOH A O     1 
HETATM 1427 O O     . HOH G 4 .   ? 10.33669  -5.64441  15.46850  1.000 39.54681 ?  371 HOH A O     1 
HETATM 1428 O O     . HOH G 4 .   ? -8.17538  15.36286  0.87245   1.000 39.10195 ?  372 HOH A O     1 
HETATM 1429 O O     . HOH G 4 .   ? 10.28113  -20.35871 7.35330   1.000 35.08551 ?  373 HOH A O     1 
HETATM 1430 O O     . HOH G 4 .   ? -4.65106  -17.30919 -19.40258 1.000 32.90756 ?  374 HOH A O     1 
HETATM 1431 O O     . HOH G 4 .   ? -1.46802  4.42548   13.34019  1.000 27.03387 ?  375 HOH A O     1 
HETATM 1432 O O     . HOH G 4 .   ? 0.34026   -2.92586  -18.26316 1.000 27.92524 ?  376 HOH A O     1 
HETATM 1433 O O     . HOH G 4 .   ? 5.25167   8.74482   -8.46238  1.000 28.34277 ?  377 HOH A O     1 
HETATM 1434 O O     . HOH G 4 .   ? -5.90388  2.73501   18.82155  1.000 28.86430 ?  378 HOH A O     1 
HETATM 1435 O O     . HOH G 4 .   ? 2.29340   -0.05304  -17.26205 1.000 27.65577 ?  379 HOH A O     1 
HETATM 1436 O O     . HOH G 4 .   ? 6.93973   -2.93481  -17.91397 1.000 22.39398 ?  380 HOH A O     1 
HETATM 1437 O O     . HOH G 4 .   ? 4.27091   7.30065   -11.66990 1.000 18.33304 ?  381 HOH A O     1 
HETATM 1438 O O     . HOH G 4 .   ? 13.70504  -4.64546  6.29876   1.000 27.42630 ?  382 HOH A O     1 
HETATM 1439 O O     . HOH G 4 .   ? -19.05171 -5.76149  -9.56282  1.000 40.20011 ?  383 HOH A O     1 
HETATM 1440 O O     . HOH G 4 .   ? 13.94054  -2.37094  -11.35602 1.000 8.18202  ?  384 HOH A O     1 
HETATM 1441 O O     . HOH G 4 .   ? -6.82651  6.17358   5.70800   1.000 31.49588 ?  385 HOH A O     1 
HETATM 1442 O O     . HOH G 4 .   ? -2.39639  -6.36084  -19.73407 1.000 37.55442 ?  386 HOH A O     1 
HETATM 1443 O O     . HOH G 4 .   ? -4.49507  5.00847   10.63514  1.000 28.54338 ?  387 HOH A O     1 
HETATM 1444 O O     . HOH G 4 .   ? 1.01627   -9.83306  -19.72958 1.000 37.85611 ?  388 HOH A O     1 
HETATM 1445 O O     . HOH G 4 .   ? 12.25175  9.81579   -6.35270  1.000 35.27761 ?  389 HOH A O     1 
HETATM 1446 O O     . HOH G 4 .   ? 14.07972  0.01009   -9.52635  1.000 21.12556 ?  390 HOH A O     1 
HETATM 1447 O O     . HOH G 4 .   ? -2.37627  -9.72475  10.55165  0.50  0.13145  ?  391 HOH A O     1 
HETATM 1448 O O     . HOH G 4 .   ? 9.96697   11.84986  20.27439  0.50  60.55656 ?  392 HOH A O     1 
HETATM 1449 O O     . HOH G 4 .   ? -13.27665 -8.46903  -12.28635 1.000 34.85417 ?  393 HOH A O     1 
HETATM 1450 O O     . HOH G 4 .   ? 9.58687   -20.20663 10.61260  1.000 34.26237 ?  394 HOH A O     1 
HETATM 1451 O O     . HOH G 4 .   ? -9.40498  8.43871   6.80282   1.000 32.97150 ?  395 HOH A O     1 
HETATM 1452 O O     . HOH G 4 .   ? -16.52086 -8.07789  8.03204   1.000 32.49591 ?  396 HOH A O     1 
HETATM 1453 O O     . HOH G 4 .   ? -14.76944 -12.58357 -2.31578  1.000 38.87879 ?  397 HOH A O     1 
HETATM 1454 O O     . HOH G 4 .   ? 10.50519  12.05661  -5.91985  1.000 35.55651 ?  398 HOH A O     1 
HETATM 1455 O O     . HOH G 4 .   ? -9.60916  7.20917   -12.70489 1.000 38.38783 ?  399 HOH A O     1 
HETATM 1456 O O     . HOH G 4 .   ? -12.32771 6.32975   -8.99229  1.000 36.39741 ?  400 HOH A O     1 
HETATM 1457 O O     . HOH G 4 .   ? 7.08563   7.93379   7.36862   1.000 34.19315 ?  401 HOH A O     1 
HETATM 1458 O O     . HOH G 4 .   ? -8.94919  16.16690  -8.06148  1.000 36.58128 ?  402 HOH A O     1 
HETATM 1459 O O     . HOH G 4 .   ? -8.22792  7.72715   4.17341   0.730 26.00340 ?  403 HOH A O     1 
HETATM 1460 O O     . HOH G 4 .   ? 17.63054  2.64902   -7.89809  1.000 36.63632 ?  404 HOH A O     1 
HETATM 1461 O O     . HOH G 4 .   ? -5.47573  -0.63095  22.17381  1.000 32.81963 ?  405 HOH A O     1 
HETATM 1462 O O     . HOH G 4 .   ? 12.92578  -10.16831 0.44985   1.000 36.88297 ?  406 HOH A O     1 
HETATM 1463 O O     . HOH G 4 .   ? 7.39485   -14.35119 -11.55596 1.000 33.37609 ?  407 HOH A O     1 
HETATM 1464 O O     . HOH G 4 .   ? -16.00858 15.97962  2.59114   1.000 39.80896 ?  408 HOH A O     1 
HETATM 1465 O O     . HOH G 4 .   ? -3.29831  -0.18323  -20.04452 1.000 38.51734 ?  409 HOH A O     1 
HETATM 1466 O O     . HOH G 4 .   ? -5.53014  -0.62411  -18.67953 1.000 35.36447 ?  410 HOH A O     1 
HETATM 1467 O O     . HOH G 4 .   ? 0.31415   -0.63122  -19.08937 1.000 37.48983 ?  411 HOH A O     1 
HETATM 1468 O O     . HOH G 4 .   ? -0.05173  -5.23727  -20.21200 1.000 34.94404 ?  412 HOH A O     1 
HETATM 1469 O O     . HOH G 4 .   ? -11.94432 5.71990   -13.79445 1.000 46.81396 ?  413 HOH A O     1 
HETATM 1470 O O     . HOH G 4 .   ? -19.67655 9.21371   -3.53965  1.000 35.13915 ?  414 HOH A O     1 
HETATM 1471 O O     . HOH G 4 .   ? -16.74023 15.97613  8.33151   1.000 23.00147 ?  415 HOH A O     1 
HETATM 1472 O O     . HOH G 4 .   ? 13.83008  12.50895  -1.19978  1.000 54.74106 ?  416 HOH A O     1 
HETATM 1473 O O     . HOH G 4 .   ? 18.74968  7.00183   14.59105  1.000 51.41251 ?  417 HOH A O     1 
# 
loop_
_pdbx_poly_seq_scheme.asym_id 
_pdbx_poly_seq_scheme.entity_id 
_pdbx_poly_seq_scheme.seq_id 
_pdbx_poly_seq_scheme.mon_id 
_pdbx_poly_seq_scheme.ndb_seq_num 
_pdbx_poly_seq_scheme.pdb_seq_num 
_pdbx_poly_seq_scheme.auth_seq_num 
_pdbx_poly_seq_scheme.pdb_mon_id 
_pdbx_poly_seq_scheme.auth_mon_id 
_pdbx_poly_seq_scheme.pdb_strand_id 
_pdbx_poly_seq_scheme.pdb_ins_code 
_pdbx_poly_seq_scheme.hetero 
A 1 1   SER 1   0   ?   ?   ?   A . n 
A 1 2   MET 2   1   ?   ?   ?   A . n 
A 1 3   ILE 3   2   ?   ?   ?   A . n 
A 1 4   ASP 4   3   3   ASP ASP A . n 
A 1 5   ASP 5   4   4   ASP ASP A . n 
A 1 6   ASP 6   5   5   ASP ASP A . n 
A 1 7   GLY 7   6   6   GLY GLY A . n 
A 1 8   TYR 8   7   7   TYR TYR A . n 
A 1 9   ARG 9   8   8   ARG ARG A . n 
A 1 10  PRO 10  9   9   PRO PRO A . n 
A 1 11  ASN 11  10  10  ASN ASN A . n 
A 1 12  VAL 12  11  11  VAL VAL A . n 
A 1 13  GLY 13  12  12  GLY GLY A . n 
A 1 14  ILE 14  13  13  ILE ILE A . n 
A 1 15  VAL 15  14  14  VAL VAL A . n 
A 1 16  ILE 16  15  15  ILE ILE A . n 
A 1 17  CYS 17  16  16  CYS CYS A . n 
A 1 18  ASN 18  17  17  ASN ASN A . n 
A 1 19  ARG 19  18  18  ARG ARG A . n 
A 1 20  GLN 20  19  19  GLN GLN A . n 
A 1 21  GLY 21  20  20  GLY GLY A . n 
A 1 22  GLN 22  21  21  GLN GLN A . n 
A 1 23  VAL 23  22  22  VAL VAL A . n 
A 1 24  MET 24  23  23  MET MET A . n 
A 1 25  TRP 25  24  24  TRP TRP A . n 
A 1 26  ALA 26  25  25  ALA ALA A . n 
A 1 27  ARG 27  26  26  ARG ARG A . n 
A 1 28  ARG 28  27  27  ARG ARG A . n 
A 1 29  PHE 29  28  28  PHE PHE A . n 
A 1 30  GLY 30  29  29  GLY GLY A . n 
A 1 31  GLN 31  30  30  GLN GLN A . n 
A 1 32  HIS 32  31  31  HIS HIS A . n 
A 1 33  SER 33  32  32  SER SER A . n 
A 1 34  TRP 34  33  33  TRP TRP A . n 
A 1 35  GLN 35  34  34  GLN GLN A . n 
A 1 36  PHE 36  35  35  PHE PHE A . n 
A 1 37  PRO 37  36  36  PRO PRO A . n 
A 1 38  GLN 38  37  37  GLN GLN A . n 
A 1 39  GLY 39  38  38  GLY GLY A . n 
A 1 40  GLY 40  39  39  GLY GLY A . n 
A 1 41  ILE 41  40  40  ILE ILE A . n 
A 1 42  ASN 42  41  41  ASN ASN A . n 
A 1 43  PRO 43  42  42  PRO PRO A . n 
A 1 44  GLY 44  43  43  GLY GLY A . n 
A 1 45  GLU 45  44  44  GLU GLU A . n 
A 1 46  SER 46  45  45  SER SER A . n 
A 1 47  ALA 47  46  46  ALA ALA A . n 
A 1 48  GLU 48  47  47  GLU GLU A . n 
A 1 49  GLN 49  48  48  GLN GLN A . n 
A 1 50  ALA 50  49  49  ALA ALA A . n 
A 1 51  MET 51  50  50  MET MET A . n 
A 1 52  TYR 52  51  51  TYR TYR A . n 
A 1 53  ARG 53  52  52  ARG ARG A . n 
A 1 54  GLU 54  53  53  GLU GLU A . n 
A 1 55  LEU 55  54  54  LEU LEU A . n 
A 1 56  PHE 56  55  55  PHE PHE A . n 
A 1 57  GLU 57  56  56  GLU GLU A . n 
A 1 58  GLU 58  57  57  GLU GLU A . n 
A 1 59  VAL 59  58  58  VAL VAL A . n 
A 1 60  GLY 60  59  59  GLY GLY A . n 
A 1 61  LEU 61  60  60  LEU LEU A . n 
A 1 62  SER 62  61  61  SER SER A . n 
A 1 63  ARG 63  62  62  ARG ARG A . n 
A 1 64  LYS 64  63  63  LYS LYS A . n 
A 1 65  ASP 65  64  64  ASP ASP A . n 
A 1 66  VAL 66  65  65  VAL VAL A . n 
A 1 67  ARG 67  66  66  ARG ARG A . n 
A 1 68  ILE 68  67  67  ILE ILE A . n 
A 1 69  LEU 69  68  68  LEU LEU A . n 
A 1 70  ALA 70  69  69  ALA ALA A . n 
A 1 71  SER 71  70  70  SER SER A . n 
A 1 72  THR 72  71  71  THR THR A . n 
A 1 73  ARG 73  72  72  ARG ARG A . n 
A 1 74  ASN 74  73  73  ASN ASN A . n 
A 1 75  TRP 75  74  74  TRP TRP A . n 
A 1 76  LEU 76  75  75  LEU LEU A . n 
A 1 77  ARG 77  76  76  ARG ARG A . n 
A 1 78  TYR 78  77  77  TYR TYR A . n 
A 1 79  LYS 79  78  78  LYS LYS A . n 
A 1 80  LEU 80  79  79  LEU LEU A . n 
A 1 81  PRO 81  80  80  PRO PRO A . n 
A 1 82  LYS 82  81  81  LYS LYS A . n 
A 1 83  ARG 83  82  82  ARG ARG A . n 
A 1 84  LEU 84  83  83  LEU LEU A . n 
A 1 85  VAL 85  84  84  VAL VAL A . n 
A 1 86  ARG 86  85  85  ARG ARG A . n 
A 1 87  TRP 87  86  86  TRP TRP A . n 
A 1 88  ASP 88  87  87  ASP ASP A . n 
A 1 89  THR 89  88  88  THR THR A . n 
A 1 90  LYS 90  89  89  LYS LYS A . n 
A 1 91  PRO 91  90  90  PRO PRO A . n 
A 1 92  VAL 92  91  91  VAL VAL A . n 
A 1 93  CYS 93  92  92  CYS CYS A . n 
A 1 94  ILE 94  93  93  ILE ILE A . n 
A 1 95  GLY 95  94  94  GLY GLY A . n 
A 1 96  GLN 96  95  95  GLN GLN A . n 
A 1 97  LYS 97  96  96  LYS LYS A . n 
A 1 98  GLN 98  97  97  GLN GLN A . n 
A 1 99  LYS 99  98  98  LYS LYS A . n 
A 1 100 TRP 100 99  99  TRP TRP A . n 
A 1 101 PHE 101 100 100 PHE PHE A . n 
A 1 102 LEU 102 101 101 LEU LEU A . n 
A 1 103 LEU 103 102 102 LEU LEU A . n 
A 1 104 GLN 104 103 103 GLN GLN A . n 
A 1 105 LEU 105 104 104 LEU LEU A . n 
A 1 106 VAL 106 105 105 VAL VAL A . n 
A 1 107 SER 107 106 106 SER SER A . n 
A 1 108 GLY 108 107 107 GLY GLY A . n 
A 1 109 ASP 109 108 108 ASP ASP A . n 
A 1 110 ALA 110 109 109 ALA ALA A . n 
A 1 111 GLU 111 110 110 GLU GLU A . n 
A 1 112 ILE 112 111 111 ILE ILE A . n 
A 1 113 ASN 113 112 112 ASN ASN A . n 
A 1 114 MET 114 113 113 MET MET A . n 
A 1 115 GLN 115 114 114 GLN GLN A . n 
A 1 116 THR 116 115 115 THR THR A . n 
A 1 117 SER 117 116 116 SER SER A . n 
A 1 118 SER 118 117 117 SER SER A . n 
A 1 119 THR 119 118 118 THR THR A . n 
A 1 120 PRO 120 119 119 PRO PRO A . n 
A 1 121 GLU 121 120 120 GLU GLU A . n 
A 1 122 PHE 122 121 121 PHE PHE A . n 
A 1 123 ASP 123 122 122 ASP ASP A . n 
A 1 124 GLY 124 123 123 GLY GLY A . n 
A 1 125 TRP 125 124 124 TRP TRP A . n 
A 1 126 ARG 126 125 125 ARG ARG A . n 
A 1 127 TRP 127 126 126 TRP TRP A . n 
A 1 128 VAL 128 127 127 VAL VAL A . n 
A 1 129 SER 129 128 128 SER SER A . n 
A 1 130 TYR 130 129 129 TYR TYR A . n 
A 1 131 TRP 131 130 130 TRP TRP A . n 
A 1 132 TYR 132 131 131 TYR TYR A . n 
A 1 133 PRO 133 132 132 PRO PRO A . n 
A 1 134 VAL 134 133 133 VAL VAL A . n 
A 1 135 ARG 135 134 134 ARG ARG A . n 
A 1 136 GLN 136 135 135 GLN GLN A . n 
A 1 137 VAL 137 136 136 VAL VAL A . n 
A 1 138 VAL 138 137 137 VAL VAL A . n 
A 1 139 SER 139 138 138 SER SER A . n 
A 1 140 PHE 140 139 139 PHE PHE A . n 
A 1 141 LYS 141 140 140 LYS LYS A . n 
A 1 142 ARG 142 141 141 ARG ARG A . n 
A 1 143 ASP 143 142 142 ASP ASP A . n 
A 1 144 VAL 144 143 143 VAL VAL A . n 
A 1 145 TYR 145 144 144 TYR TYR A . n 
A 1 146 ARG 146 145 145 ARG ARG A . n 
A 1 147 ARG 147 146 146 ARG ARG A . n 
A 1 148 VAL 148 147 147 VAL VAL A . n 
A 1 149 MET 149 148 148 MET MET A . n 
A 1 150 ALA 150 149 149 ALA ALA A . n 
A 1 151 ALA 151 150 150 ALA ALA A . n 
A 1 152 PHE 152 151 151 PHE PHE A . n 
A 1 153 ALA 153 152 152 ALA ALA A . n 
A 1 154 SER 154 153 153 SER SER A . n 
A 1 155 VAL 155 154 154 VAL VAL A . n 
A 1 156 VAL 156 155 155 VAL VAL A . n 
A 1 157 MET 157 156 156 MET MET A . n 
A 1 158 SER 158 157 157 SER SER A . n 
A 1 159 LEU 159 158 158 LEU LEU A . n 
A 1 160 GLN 160 159 159 GLN GLN A . n 
A 1 161 GLU 161 160 ?   ?   ?   A . n 
# 
loop_
_pdbx_nonpoly_scheme.asym_id 
_pdbx_nonpoly_scheme.entity_id 
_pdbx_nonpoly_scheme.mon_id 
_pdbx_nonpoly_scheme.ndb_seq_num 
_pdbx_nonpoly_scheme.pdb_seq_num 
_pdbx_nonpoly_scheme.auth_seq_num 
_pdbx_nonpoly_scheme.pdb_mon_id 
_pdbx_nonpoly_scheme.auth_mon_id 
_pdbx_nonpoly_scheme.pdb_strand_id 
_pdbx_nonpoly_scheme.pdb_ins_code 
B 2 G2P 1   201 1   G2P G2P A . 
C 3 SO4 1   202 1   SO4 SO4 A . 
D 3 SO4 1   203 2   SO4 SO4 A . 
E 3 SO4 1   204 4   SO4 SO4 A . 
F 3 SO4 1   205 5   SO4 SO4 A . 
G 4 HOH 1   301 79  HOH HOH A . 
G 4 HOH 2   302 53  HOH HOH A . 
G 4 HOH 3   303 138 HOH HOH A . 
G 4 HOH 4   304 182 HOH HOH A . 
G 4 HOH 5   305 37  HOH HOH A . 
G 4 HOH 6   306 186 HOH HOH A . 
G 4 HOH 7   307 38  HOH HOH A . 
G 4 HOH 8   308 62  HOH HOH A . 
G 4 HOH 9   309 120 HOH HOH A . 
G 4 HOH 10  310 36  HOH HOH A . 
G 4 HOH 11  311 140 HOH HOH A . 
G 4 HOH 12  312 21  HOH HOH A . 
G 4 HOH 13  313 13  HOH HOH A . 
G 4 HOH 14  314 16  HOH HOH A . 
G 4 HOH 15  315 145 HOH HOH A . 
G 4 HOH 16  316 29  HOH HOH A . 
G 4 HOH 17  317 55  HOH HOH A . 
G 4 HOH 18  318 8   HOH HOH A . 
G 4 HOH 19  319 134 HOH HOH A . 
G 4 HOH 20  320 117 HOH HOH A . 
G 4 HOH 21  321 144 HOH HOH A . 
G 4 HOH 22  322 48  HOH HOH A . 
G 4 HOH 23  323 14  HOH HOH A . 
G 4 HOH 24  324 57  HOH HOH A . 
G 4 HOH 25  325 5   HOH HOH A . 
G 4 HOH 26  326 44  HOH HOH A . 
G 4 HOH 27  327 68  HOH HOH A . 
G 4 HOH 28  328 26  HOH HOH A . 
G 4 HOH 29  329 17  HOH HOH A . 
G 4 HOH 30  330 81  HOH HOH A . 
G 4 HOH 31  331 110 HOH HOH A . 
G 4 HOH 32  332 40  HOH HOH A . 
G 4 HOH 33  333 24  HOH HOH A . 
G 4 HOH 34  334 183 HOH HOH A . 
G 4 HOH 35  335 42  HOH HOH A . 
G 4 HOH 36  336 69  HOH HOH A . 
G 4 HOH 37  337 52  HOH HOH A . 
G 4 HOH 38  338 129 HOH HOH A . 
G 4 HOH 39  339 15  HOH HOH A . 
G 4 HOH 40  340 9   HOH HOH A . 
G 4 HOH 41  341 148 HOH HOH A . 
G 4 HOH 42  342 10  HOH HOH A . 
G 4 HOH 43  343 179 HOH HOH A . 
G 4 HOH 44  344 4   HOH HOH A . 
G 4 HOH 45  345 2   HOH HOH A . 
G 4 HOH 46  346 19  HOH HOH A . 
G 4 HOH 47  347 11  HOH HOH A . 
G 4 HOH 48  348 34  HOH HOH A . 
G 4 HOH 49  349 87  HOH HOH A . 
G 4 HOH 50  350 20  HOH HOH A . 
G 4 HOH 51  351 3   HOH HOH A . 
G 4 HOH 52  352 54  HOH HOH A . 
G 4 HOH 53  353 92  HOH HOH A . 
G 4 HOH 54  354 121 HOH HOH A . 
G 4 HOH 55  355 184 HOH HOH A . 
G 4 HOH 56  356 141 HOH HOH A . 
G 4 HOH 57  357 12  HOH HOH A . 
G 4 HOH 58  358 113 HOH HOH A . 
G 4 HOH 59  359 41  HOH HOH A . 
G 4 HOH 60  360 131 HOH HOH A . 
G 4 HOH 61  361 139 HOH HOH A . 
G 4 HOH 62  362 22  HOH HOH A . 
G 4 HOH 63  363 90  HOH HOH A . 
G 4 HOH 64  364 123 HOH HOH A . 
G 4 HOH 65  365 32  HOH HOH A . 
G 4 HOH 66  366 80  HOH HOH A . 
G 4 HOH 67  367 6   HOH HOH A . 
G 4 HOH 68  368 74  HOH HOH A . 
G 4 HOH 69  369 51  HOH HOH A . 
G 4 HOH 70  370 72  HOH HOH A . 
G 4 HOH 71  371 170 HOH HOH A . 
G 4 HOH 72  372 60  HOH HOH A . 
G 4 HOH 73  373 174 HOH HOH A . 
G 4 HOH 74  374 76  HOH HOH A . 
G 4 HOH 75  375 85  HOH HOH A . 
G 4 HOH 76  376 75  HOH HOH A . 
G 4 HOH 77  377 45  HOH HOH A . 
G 4 HOH 78  378 23  HOH HOH A . 
G 4 HOH 79  379 47  HOH HOH A . 
G 4 HOH 80  380 185 HOH HOH A . 
G 4 HOH 81  381 115 HOH HOH A . 
G 4 HOH 82  382 97  HOH HOH A . 
G 4 HOH 83  383 98  HOH HOH A . 
G 4 HOH 84  384 89  HOH HOH A . 
G 4 HOH 85  385 50  HOH HOH A . 
G 4 HOH 86  386 147 HOH HOH A . 
G 4 HOH 87  387 43  HOH HOH A . 
G 4 HOH 88  388 181 HOH HOH A . 
G 4 HOH 89  389 28  HOH HOH A . 
G 4 HOH 90  390 165 HOH HOH A . 
G 4 HOH 91  391 180 HOH HOH A . 
G 4 HOH 92  392 64  HOH HOH A . 
G 4 HOH 93  393 130 HOH HOH A . 
G 4 HOH 94  394 193 HOH HOH A . 
G 4 HOH 95  395 58  HOH HOH A . 
G 4 HOH 96  396 27  HOH HOH A . 
G 4 HOH 97  397 128 HOH HOH A . 
G 4 HOH 98  398 178 HOH HOH A . 
G 4 HOH 99  399 86  HOH HOH A . 
G 4 HOH 100 400 105 HOH HOH A . 
G 4 HOH 101 401 100 HOH HOH A . 
G 4 HOH 102 402 102 HOH HOH A . 
G 4 HOH 103 403 83  HOH HOH A . 
G 4 HOH 104 404 187 HOH HOH A . 
G 4 HOH 105 405 190 HOH HOH A . 
G 4 HOH 106 406 66  HOH HOH A . 
G 4 HOH 107 407 71  HOH HOH A . 
G 4 HOH 108 408 191 HOH HOH A . 
G 4 HOH 109 409 189 HOH HOH A . 
G 4 HOH 110 410 61  HOH HOH A . 
G 4 HOH 111 411 156 HOH HOH A . 
G 4 HOH 112 412 77  HOH HOH A . 
G 4 HOH 113 413 158 HOH HOH A . 
G 4 HOH 114 414 132 HOH HOH A . 
G 4 HOH 115 415 106 HOH HOH A . 
G 4 HOH 116 416 192 HOH HOH A . 
G 4 HOH 117 417 59  HOH HOH A . 
# 
_pdbx_struct_assembly.id                   1 
_pdbx_struct_assembly.details              author_defined_assembly 
_pdbx_struct_assembly.method_details       ? 
_pdbx_struct_assembly.oligomeric_details   monomeric 
_pdbx_struct_assembly.oligomeric_count     1 
# 
_pdbx_struct_assembly_gen.assembly_id       1 
_pdbx_struct_assembly_gen.oper_expression   1 
_pdbx_struct_assembly_gen.asym_id_list      A,B,C,D,E,F,G 
# 
_pdbx_struct_oper_list.id                   1 
_pdbx_struct_oper_list.type                 'identity operation' 
_pdbx_struct_oper_list.name                 1_555 
_pdbx_struct_oper_list.symmetry_operation   x,y,z 
_pdbx_struct_oper_list.matrix[1][1]         1.0000000000 
_pdbx_struct_oper_list.matrix[1][2]         0.0000000000 
_pdbx_struct_oper_list.matrix[1][3]         0.0000000000 
_pdbx_struct_oper_list.vector[1]            0.0000000000 
_pdbx_struct_oper_list.matrix[2][1]         0.0000000000 
_pdbx_struct_oper_list.matrix[2][2]         1.0000000000 
_pdbx_struct_oper_list.matrix[2][3]         0.0000000000 
_pdbx_struct_oper_list.vector[2]            0.0000000000 
_pdbx_struct_oper_list.matrix[3][1]         0.0000000000 
_pdbx_struct_oper_list.matrix[3][2]         0.0000000000 
_pdbx_struct_oper_list.matrix[3][3]         1.0000000000 
_pdbx_struct_oper_list.vector[3]            0.0000000000 
# 
loop_
_pdbx_struct_special_symmetry.id 
_pdbx_struct_special_symmetry.PDB_model_num 
_pdbx_struct_special_symmetry.auth_asym_id 
_pdbx_struct_special_symmetry.auth_comp_id 
_pdbx_struct_special_symmetry.auth_seq_id 
_pdbx_struct_special_symmetry.PDB_ins_code 
_pdbx_struct_special_symmetry.label_asym_id 
_pdbx_struct_special_symmetry.label_comp_id 
_pdbx_struct_special_symmetry.label_seq_id 
1 1 A HOH 391 ? G HOH . 
2 1 A HOH 392 ? G HOH . 
# 
loop_
_pdbx_audit_revision_history.ordinal 
_pdbx_audit_revision_history.data_content_type 
_pdbx_audit_revision_history.major_revision 
_pdbx_audit_revision_history.minor_revision 
_pdbx_audit_revision_history.revision_date 
1 'Structure model' 1 0 2020-02-05 
2 'Structure model' 1 1 2020-04-22 
3 'Structure model' 1 2 2023-10-11 
# 
_pdbx_audit_revision_details.ordinal             1 
_pdbx_audit_revision_details.revision_ordinal    1 
_pdbx_audit_revision_details.data_content_type   'Structure model' 
_pdbx_audit_revision_details.provider            repository 
_pdbx_audit_revision_details.type                'Initial release' 
_pdbx_audit_revision_details.description         ? 
_pdbx_audit_revision_details.details             ? 
# 
loop_
_pdbx_audit_revision_group.ordinal 
_pdbx_audit_revision_group.revision_ordinal 
_pdbx_audit_revision_group.data_content_type 
_pdbx_audit_revision_group.group 
1 2 'Structure model' 'Database references'    
2 3 'Structure model' 'Data collection'        
3 3 'Structure model' 'Database references'    
4 3 'Structure model' 'Refinement description' 
# 
loop_
_pdbx_audit_revision_category.ordinal 
_pdbx_audit_revision_category.revision_ordinal 
_pdbx_audit_revision_category.data_content_type 
_pdbx_audit_revision_category.category 
1 2 'Structure model' citation                      
2 3 'Structure model' chem_comp_atom                
3 3 'Structure model' chem_comp_bond                
4 3 'Structure model' database_2                    
5 3 'Structure model' pdbx_initial_refinement_model 
# 
loop_
_pdbx_audit_revision_item.ordinal 
_pdbx_audit_revision_item.revision_ordinal 
_pdbx_audit_revision_item.data_content_type 
_pdbx_audit_revision_item.item 
1 2 'Structure model' '_citation.journal_volume'            
2 2 'Structure model' '_citation.page_first'                
3 2 'Structure model' '_citation.page_last'                 
4 3 'Structure model' '_database_2.pdbx_DOI'                
5 3 'Structure model' '_database_2.pdbx_database_accession' 
# 
loop_
_space_group_symop.id 
_space_group_symop.operation_xyz 
1 x,y,z          
2 -y,x-y,z+1/3   
3 -x+y,-x,z+2/3  
4 x-y,-y,-z+2/3  
5 -x,-x+y,-z+1/3 
6 y,x,-z         
# 
loop_
_software.citation_id 
_software.classification 
_software.compiler_name 
_software.compiler_version 
_software.contact_author 
_software.contact_author_email 
_software.date 
_software.description 
_software.dependencies 
_software.hardware 
_software.language 
_software.location 
_software.mods 
_software.name 
_software.os 
_software.os_version 
_software.type 
_software.version 
_software.pdbx_ordinal 
? refinement       ? ? ? ? ? ? ? ? ? ? ? PHENIX ? ? ? 1.16_3546 1 
? 'data reduction' ? ? ? ? ? ? ? ? ? ? ? XDS    ? ? ? .         2 
? 'data scaling'   ? ? ? ? ? ? ? ? ? ? ? XDS    ? ? ? .         3 
? 'model building' ? ? ? ? ? ? ? ? ? ? ? Coot   ? ? ? .         4 
? phasing          ? ? ? ? ? ? ? ? ? ? ? PHENIX ? ? ? .         5 
# 
_pdbx_entry_details.entry_id                 6VCN 
_pdbx_entry_details.nonpolymer_details       ? 
_pdbx_entry_details.sequence_details         ? 
_pdbx_entry_details.compound_details         ? 
_pdbx_entry_details.source_details           ? 
_pdbx_entry_details.has_ligand_of_interest   Y 
# 
loop_
_pdbx_validate_torsion.id 
_pdbx_validate_torsion.PDB_model_num 
_pdbx_validate_torsion.auth_comp_id 
_pdbx_validate_torsion.auth_asym_id 
_pdbx_validate_torsion.auth_seq_id 
_pdbx_validate_torsion.PDB_ins_code 
_pdbx_validate_torsion.label_alt_id 
_pdbx_validate_torsion.phi 
_pdbx_validate_torsion.psi 
1 1 ASN A 17 ? ? -109.30 -166.37 
2 1 ASP A 87 ? ? 57.32   74.38   
# 
loop_
_pdbx_distant_solvent_atoms.id 
_pdbx_distant_solvent_atoms.PDB_model_num 
_pdbx_distant_solvent_atoms.auth_atom_id 
_pdbx_distant_solvent_atoms.label_alt_id 
_pdbx_distant_solvent_atoms.auth_asym_id 
_pdbx_distant_solvent_atoms.auth_comp_id 
_pdbx_distant_solvent_atoms.auth_seq_id 
_pdbx_distant_solvent_atoms.PDB_ins_code 
_pdbx_distant_solvent_atoms.neighbor_macromolecule_distance 
_pdbx_distant_solvent_atoms.neighbor_ligand_distance 
1 1 O ? A HOH 416 ? .    6.02 
2 1 O ? A HOH 417 ? 6.72 .    
# 
loop_
_pdbx_unobs_or_zero_occ_residues.id 
_pdbx_unobs_or_zero_occ_residues.PDB_model_num 
_pdbx_unobs_or_zero_occ_residues.polymer_flag 
_pdbx_unobs_or_zero_occ_residues.occupancy_flag 
_pdbx_unobs_or_zero_occ_residues.auth_asym_id 
_pdbx_unobs_or_zero_occ_residues.auth_comp_id 
_pdbx_unobs_or_zero_occ_residues.auth_seq_id 
_pdbx_unobs_or_zero_occ_residues.PDB_ins_code 
_pdbx_unobs_or_zero_occ_residues.label_asym_id 
_pdbx_unobs_or_zero_occ_residues.label_comp_id 
_pdbx_unobs_or_zero_occ_residues.label_seq_id 
1 1 Y 1 A SER 0   ? A SER 1   
2 1 Y 1 A MET 1   ? A MET 2   
3 1 Y 1 A ILE 2   ? A ILE 3   
4 1 Y 1 A GLU 160 ? A GLU 161 
# 
loop_
_chem_comp_atom.comp_id 
_chem_comp_atom.atom_id 
_chem_comp_atom.type_symbol 
_chem_comp_atom.pdbx_aromatic_flag 
_chem_comp_atom.pdbx_stereo_config 
_chem_comp_atom.pdbx_ordinal 
ALA N      N N N 1   
ALA CA     C N S 2   
ALA C      C N N 3   
ALA O      O N N 4   
ALA CB     C N N 5   
ALA OXT    O N N 6   
ALA H      H N N 7   
ALA H2     H N N 8   
ALA HA     H N N 9   
ALA HB1    H N N 10  
ALA HB2    H N N 11  
ALA HB3    H N N 12  
ALA HXT    H N N 13  
ARG N      N N N 14  
ARG CA     C N S 15  
ARG C      C N N 16  
ARG O      O N N 17  
ARG CB     C N N 18  
ARG CG     C N N 19  
ARG CD     C N N 20  
ARG NE     N N N 21  
ARG CZ     C N N 22  
ARG NH1    N N N 23  
ARG NH2    N N N 24  
ARG OXT    O N N 25  
ARG H      H N N 26  
ARG H2     H N N 27  
ARG HA     H N N 28  
ARG HB2    H N N 29  
ARG HB3    H N N 30  
ARG HG2    H N N 31  
ARG HG3    H N N 32  
ARG HD2    H N N 33  
ARG HD3    H N N 34  
ARG HE     H N N 35  
ARG HH11   H N N 36  
ARG HH12   H N N 37  
ARG HH21   H N N 38  
ARG HH22   H N N 39  
ARG HXT    H N N 40  
ASN N      N N N 41  
ASN CA     C N S 42  
ASN C      C N N 43  
ASN O      O N N 44  
ASN CB     C N N 45  
ASN CG     C N N 46  
ASN OD1    O N N 47  
ASN ND2    N N N 48  
ASN OXT    O N N 49  
ASN H      H N N 50  
ASN H2     H N N 51  
ASN HA     H N N 52  
ASN HB2    H N N 53  
ASN HB3    H N N 54  
ASN HD21   H N N 55  
ASN HD22   H N N 56  
ASN HXT    H N N 57  
ASP N      N N N 58  
ASP CA     C N S 59  
ASP C      C N N 60  
ASP O      O N N 61  
ASP CB     C N N 62  
ASP CG     C N N 63  
ASP OD1    O N N 64  
ASP OD2    O N N 65  
ASP OXT    O N N 66  
ASP H      H N N 67  
ASP H2     H N N 68  
ASP HA     H N N 69  
ASP HB2    H N N 70  
ASP HB3    H N N 71  
ASP HD2    H N N 72  
ASP HXT    H N N 73  
CYS N      N N N 74  
CYS CA     C N R 75  
CYS C      C N N 76  
CYS O      O N N 77  
CYS CB     C N N 78  
CYS SG     S N N 79  
CYS OXT    O N N 80  
CYS H      H N N 81  
CYS H2     H N N 82  
CYS HA     H N N 83  
CYS HB2    H N N 84  
CYS HB3    H N N 85  
CYS HG     H N N 86  
CYS HXT    H N N 87  
G2P PG     P N N 88  
G2P O1G    O N N 89  
G2P O2G    O N N 90  
G2P O3G    O N N 91  
G2P O3B    O N N 92  
G2P PB     P N R 93  
G2P O1B    O N N 94  
G2P O2B    O N N 95  
G2P C3A    C N N 96  
G2P PA     P N S 97  
G2P O1A    O N N 98  
G2P O2A    O N N 99  
G2P "O5'"  O N N 100 
G2P "C5'"  C N N 101 
G2P "C4'"  C N R 102 
G2P "O4'"  O N N 103 
G2P "C3'"  C N S 104 
G2P "O3'"  O N N 105 
G2P "C2'"  C N R 106 
G2P "O2'"  O N N 107 
G2P "C1'"  C N R 108 
G2P N9     N Y N 109 
G2P C8     C Y N 110 
G2P N7     N Y N 111 
G2P C5     C Y N 112 
G2P C6     C Y N 113 
G2P O6     O N N 114 
G2P N1     N Y N 115 
G2P C2     C Y N 116 
G2P N2     N N N 117 
G2P N3     N Y N 118 
G2P C4     C Y N 119 
G2P H3A1   H N N 120 
G2P H3A2   H N N 121 
G2P "H5'1" H N N 122 
G2P "H5'2" H N N 123 
G2P "H4'"  H N N 124 
G2P "H3'"  H N N 125 
G2P HA     H N N 126 
G2P "H2'"  H N N 127 
G2P HB     H N N 128 
G2P "H1'"  H N N 129 
G2P H8     H N N 130 
G2P H1     H N N 131 
G2P H2N1   H N N 132 
G2P H2N2   H N N 133 
G2P HO1    H N N 134 
G2P HO2    H N N 135 
G2P HO3    H N N 136 
G2P HO4    H N N 137 
GLN N      N N N 138 
GLN CA     C N S 139 
GLN C      C N N 140 
GLN O      O N N 141 
GLN CB     C N N 142 
GLN CG     C N N 143 
GLN CD     C N N 144 
GLN OE1    O N N 145 
GLN NE2    N N N 146 
GLN OXT    O N N 147 
GLN H      H N N 148 
GLN H2     H N N 149 
GLN HA     H N N 150 
GLN HB2    H N N 151 
GLN HB3    H N N 152 
GLN HG2    H N N 153 
GLN HG3    H N N 154 
GLN HE21   H N N 155 
GLN HE22   H N N 156 
GLN HXT    H N N 157 
GLU N      N N N 158 
GLU CA     C N S 159 
GLU C      C N N 160 
GLU O      O N N 161 
GLU CB     C N N 162 
GLU CG     C N N 163 
GLU CD     C N N 164 
GLU OE1    O N N 165 
GLU OE2    O N N 166 
GLU OXT    O N N 167 
GLU H      H N N 168 
GLU H2     H N N 169 
GLU HA     H N N 170 
GLU HB2    H N N 171 
GLU HB3    H N N 172 
GLU HG2    H N N 173 
GLU HG3    H N N 174 
GLU HE2    H N N 175 
GLU HXT    H N N 176 
GLY N      N N N 177 
GLY CA     C N N 178 
GLY C      C N N 179 
GLY O      O N N 180 
GLY OXT    O N N 181 
GLY H      H N N 182 
GLY H2     H N N 183 
GLY HA2    H N N 184 
GLY HA3    H N N 185 
GLY HXT    H N N 186 
HIS N      N N N 187 
HIS CA     C N S 188 
HIS C      C N N 189 
HIS O      O N N 190 
HIS CB     C N N 191 
HIS CG     C Y N 192 
HIS ND1    N Y N 193 
HIS CD2    C Y N 194 
HIS CE1    C Y N 195 
HIS NE2    N Y N 196 
HIS OXT    O N N 197 
HIS H      H N N 198 
HIS H2     H N N 199 
HIS HA     H N N 200 
HIS HB2    H N N 201 
HIS HB3    H N N 202 
HIS HD1    H N N 203 
HIS HD2    H N N 204 
HIS HE1    H N N 205 
HIS HE2    H N N 206 
HIS HXT    H N N 207 
HOH O      O N N 208 
HOH H1     H N N 209 
HOH H2     H N N 210 
ILE N      N N N 211 
ILE CA     C N S 212 
ILE C      C N N 213 
ILE O      O N N 214 
ILE CB     C N S 215 
ILE CG1    C N N 216 
ILE CG2    C N N 217 
ILE CD1    C N N 218 
ILE OXT    O N N 219 
ILE H      H N N 220 
ILE H2     H N N 221 
ILE HA     H N N 222 
ILE HB     H N N 223 
ILE HG12   H N N 224 
ILE HG13   H N N 225 
ILE HG21   H N N 226 
ILE HG22   H N N 227 
ILE HG23   H N N 228 
ILE HD11   H N N 229 
ILE HD12   H N N 230 
ILE HD13   H N N 231 
ILE HXT    H N N 232 
LEU N      N N N 233 
LEU CA     C N S 234 
LEU C      C N N 235 
LEU O      O N N 236 
LEU CB     C N N 237 
LEU CG     C N N 238 
LEU CD1    C N N 239 
LEU CD2    C N N 240 
LEU OXT    O N N 241 
LEU H      H N N 242 
LEU H2     H N N 243 
LEU HA     H N N 244 
LEU HB2    H N N 245 
LEU HB3    H N N 246 
LEU HG     H N N 247 
LEU HD11   H N N 248 
LEU HD12   H N N 249 
LEU HD13   H N N 250 
LEU HD21   H N N 251 
LEU HD22   H N N 252 
LEU HD23   H N N 253 
LEU HXT    H N N 254 
LYS N      N N N 255 
LYS CA     C N S 256 
LYS C      C N N 257 
LYS O      O N N 258 
LYS CB     C N N 259 
LYS CG     C N N 260 
LYS CD     C N N 261 
LYS CE     C N N 262 
LYS NZ     N N N 263 
LYS OXT    O N N 264 
LYS H      H N N 265 
LYS H2     H N N 266 
LYS HA     H N N 267 
LYS HB2    H N N 268 
LYS HB3    H N N 269 
LYS HG2    H N N 270 
LYS HG3    H N N 271 
LYS HD2    H N N 272 
LYS HD3    H N N 273 
LYS HE2    H N N 274 
LYS HE3    H N N 275 
LYS HZ1    H N N 276 
LYS HZ2    H N N 277 
LYS HZ3    H N N 278 
LYS HXT    H N N 279 
MET N      N N N 280 
MET CA     C N S 281 
MET C      C N N 282 
MET O      O N N 283 
MET CB     C N N 284 
MET CG     C N N 285 
MET SD     S N N 286 
MET CE     C N N 287 
MET OXT    O N N 288 
MET H      H N N 289 
MET H2     H N N 290 
MET HA     H N N 291 
MET HB2    H N N 292 
MET HB3    H N N 293 
MET HG2    H N N 294 
MET HG3    H N N 295 
MET HE1    H N N 296 
MET HE2    H N N 297 
MET HE3    H N N 298 
MET HXT    H N N 299 
PHE N      N N N 300 
PHE CA     C N S 301 
PHE C      C N N 302 
PHE O      O N N 303 
PHE CB     C N N 304 
PHE CG     C Y N 305 
PHE CD1    C Y N 306 
PHE CD2    C Y N 307 
PHE CE1    C Y N 308 
PHE CE2    C Y N 309 
PHE CZ     C Y N 310 
PHE OXT    O N N 311 
PHE H      H N N 312 
PHE H2     H N N 313 
PHE HA     H N N 314 
PHE HB2    H N N 315 
PHE HB3    H N N 316 
PHE HD1    H N N 317 
PHE HD2    H N N 318 
PHE HE1    H N N 319 
PHE HE2    H N N 320 
PHE HZ     H N N 321 
PHE HXT    H N N 322 
PRO N      N N N 323 
PRO CA     C N S 324 
PRO C      C N N 325 
PRO O      O N N 326 
PRO CB     C N N 327 
PRO CG     C N N 328 
PRO CD     C N N 329 
PRO OXT    O N N 330 
PRO H      H N N 331 
PRO HA     H N N 332 
PRO HB2    H N N 333 
PRO HB3    H N N 334 
PRO HG2    H N N 335 
PRO HG3    H N N 336 
PRO HD2    H N N 337 
PRO HD3    H N N 338 
PRO HXT    H N N 339 
SER N      N N N 340 
SER CA     C N S 341 
SER C      C N N 342 
SER O      O N N 343 
SER CB     C N N 344 
SER OG     O N N 345 
SER OXT    O N N 346 
SER H      H N N 347 
SER H2     H N N 348 
SER HA     H N N 349 
SER HB2    H N N 350 
SER HB3    H N N 351 
SER HG     H N N 352 
SER HXT    H N N 353 
SO4 S      S N N 354 
SO4 O1     O N N 355 
SO4 O2     O N N 356 
SO4 O3     O N N 357 
SO4 O4     O N N 358 
THR N      N N N 359 
THR CA     C N S 360 
THR C      C N N 361 
THR O      O N N 362 
THR CB     C N R 363 
THR OG1    O N N 364 
THR CG2    C N N 365 
THR OXT    O N N 366 
THR H      H N N 367 
THR H2     H N N 368 
THR HA     H N N 369 
THR HB     H N N 370 
THR HG1    H N N 371 
THR HG21   H N N 372 
THR HG22   H N N 373 
THR HG23   H N N 374 
THR HXT    H N N 375 
TRP N      N N N 376 
TRP CA     C N S 377 
TRP C      C N N 378 
TRP O      O N N 379 
TRP CB     C N N 380 
TRP CG     C Y N 381 
TRP CD1    C Y N 382 
TRP CD2    C Y N 383 
TRP NE1    N Y N 384 
TRP CE2    C Y N 385 
TRP CE3    C Y N 386 
TRP CZ2    C Y N 387 
TRP CZ3    C Y N 388 
TRP CH2    C Y N 389 
TRP OXT    O N N 390 
TRP H      H N N 391 
TRP H2     H N N 392 
TRP HA     H N N 393 
TRP HB2    H N N 394 
TRP HB3    H N N 395 
TRP HD1    H N N 396 
TRP HE1    H N N 397 
TRP HE3    H N N 398 
TRP HZ2    H N N 399 
TRP HZ3    H N N 400 
TRP HH2    H N N 401 
TRP HXT    H N N 402 
TYR N      N N N 403 
TYR CA     C N S 404 
TYR C      C N N 405 
TYR O      O N N 406 
TYR CB     C N N 407 
TYR CG     C Y N 408 
TYR CD1    C Y N 409 
TYR CD2    C Y N 410 
TYR CE1    C Y N 411 
TYR CE2    C Y N 412 
TYR CZ     C Y N 413 
TYR OH     O N N 414 
TYR OXT    O N N 415 
TYR H      H N N 416 
TYR H2     H N N 417 
TYR HA     H N N 418 
TYR HB2    H N N 419 
TYR HB3    H N N 420 
TYR HD1    H N N 421 
TYR HD2    H N N 422 
TYR HE1    H N N 423 
TYR HE2    H N N 424 
TYR HH     H N N 425 
TYR HXT    H N N 426 
VAL N      N N N 427 
VAL CA     C N S 428 
VAL C      C N N 429 
VAL O      O N N 430 
VAL CB     C N N 431 
VAL CG1    C N N 432 
VAL CG2    C N N 433 
VAL OXT    O N N 434 
VAL H      H N N 435 
VAL H2     H N N 436 
VAL HA     H N N 437 
VAL HB     H N N 438 
VAL HG11   H N N 439 
VAL HG12   H N N 440 
VAL HG13   H N N 441 
VAL HG21   H N N 442 
VAL HG22   H N N 443 
VAL HG23   H N N 444 
VAL HXT    H N N 445 
# 
loop_
_chem_comp_bond.comp_id 
_chem_comp_bond.atom_id_1 
_chem_comp_bond.atom_id_2 
_chem_comp_bond.value_order 
_chem_comp_bond.pdbx_aromatic_flag 
_chem_comp_bond.pdbx_stereo_config 
_chem_comp_bond.pdbx_ordinal 
ALA N     CA     sing N N 1   
ALA N     H      sing N N 2   
ALA N     H2     sing N N 3   
ALA CA    C      sing N N 4   
ALA CA    CB     sing N N 5   
ALA CA    HA     sing N N 6   
ALA C     O      doub N N 7   
ALA C     OXT    sing N N 8   
ALA CB    HB1    sing N N 9   
ALA CB    HB2    sing N N 10  
ALA CB    HB3    sing N N 11  
ALA OXT   HXT    sing N N 12  
ARG N     CA     sing N N 13  
ARG N     H      sing N N 14  
ARG N     H2     sing N N 15  
ARG CA    C      sing N N 16  
ARG CA    CB     sing N N 17  
ARG CA    HA     sing N N 18  
ARG C     O      doub N N 19  
ARG C     OXT    sing N N 20  
ARG CB    CG     sing N N 21  
ARG CB    HB2    sing N N 22  
ARG CB    HB3    sing N N 23  
ARG CG    CD     sing N N 24  
ARG CG    HG2    sing N N 25  
ARG CG    HG3    sing N N 26  
ARG CD    NE     sing N N 27  
ARG CD    HD2    sing N N 28  
ARG CD    HD3    sing N N 29  
ARG NE    CZ     sing N N 30  
ARG NE    HE     sing N N 31  
ARG CZ    NH1    sing N N 32  
ARG CZ    NH2    doub N N 33  
ARG NH1   HH11   sing N N 34  
ARG NH1   HH12   sing N N 35  
ARG NH2   HH21   sing N N 36  
ARG NH2   HH22   sing N N 37  
ARG OXT   HXT    sing N N 38  
ASN N     CA     sing N N 39  
ASN N     H      sing N N 40  
ASN N     H2     sing N N 41  
ASN CA    C      sing N N 42  
ASN CA    CB     sing N N 43  
ASN CA    HA     sing N N 44  
ASN C     O      doub N N 45  
ASN C     OXT    sing N N 46  
ASN CB    CG     sing N N 47  
ASN CB    HB2    sing N N 48  
ASN CB    HB3    sing N N 49  
ASN CG    OD1    doub N N 50  
ASN CG    ND2    sing N N 51  
ASN ND2   HD21   sing N N 52  
ASN ND2   HD22   sing N N 53  
ASN OXT   HXT    sing N N 54  
ASP N     CA     sing N N 55  
ASP N     H      sing N N 56  
ASP N     H2     sing N N 57  
ASP CA    C      sing N N 58  
ASP CA    CB     sing N N 59  
ASP CA    HA     sing N N 60  
ASP C     O      doub N N 61  
ASP C     OXT    sing N N 62  
ASP CB    CG     sing N N 63  
ASP CB    HB2    sing N N 64  
ASP CB    HB3    sing N N 65  
ASP CG    OD1    doub N N 66  
ASP CG    OD2    sing N N 67  
ASP OD2   HD2    sing N N 68  
ASP OXT   HXT    sing N N 69  
CYS N     CA     sing N N 70  
CYS N     H      sing N N 71  
CYS N     H2     sing N N 72  
CYS CA    C      sing N N 73  
CYS CA    CB     sing N N 74  
CYS CA    HA     sing N N 75  
CYS C     O      doub N N 76  
CYS C     OXT    sing N N 77  
CYS CB    SG     sing N N 78  
CYS CB    HB2    sing N N 79  
CYS CB    HB3    sing N N 80  
CYS SG    HG     sing N N 81  
CYS OXT   HXT    sing N N 82  
G2P PG    O1G    sing N N 83  
G2P PG    O2G    doub N N 84  
G2P PG    O3G    sing N N 85  
G2P PG    O3B    sing N N 86  
G2P O3B   PB     sing N N 87  
G2P PB    O1B    sing N N 88  
G2P PB    O2B    doub N N 89  
G2P PB    C3A    sing N N 90  
G2P C3A   PA     sing N N 91  
G2P C3A   H3A1   sing N N 92  
G2P C3A   H3A2   sing N N 93  
G2P PA    O1A    sing N N 94  
G2P PA    O2A    doub N N 95  
G2P PA    "O5'"  sing N N 96  
G2P "O5'" "C5'"  sing N N 97  
G2P "C5'" "C4'"  sing N N 98  
G2P "C5'" "H5'1" sing N N 99  
G2P "C5'" "H5'2" sing N N 100 
G2P "C4'" "O4'"  sing N N 101 
G2P "C4'" "C3'"  sing N N 102 
G2P "C4'" "H4'"  sing N N 103 
G2P "O4'" "C1'"  sing N N 104 
G2P "C3'" "O3'"  sing N N 105 
G2P "C3'" "C2'"  sing N N 106 
G2P "C3'" "H3'"  sing N N 107 
G2P "O3'" HA     sing N N 108 
G2P "C2'" "O2'"  sing N N 109 
G2P "C2'" "C1'"  sing N N 110 
G2P "C2'" "H2'"  sing N N 111 
G2P "O2'" HB     sing N N 112 
G2P "C1'" N9     sing N N 113 
G2P "C1'" "H1'"  sing N N 114 
G2P N9    C8     sing Y N 115 
G2P N9    C4     sing Y N 116 
G2P C8    N7     doub Y N 117 
G2P C8    H8     sing N N 118 
G2P N7    C5     sing Y N 119 
G2P C5    C6     sing Y N 120 
G2P C5    C4     doub Y N 121 
G2P C6    O6     doub N N 122 
G2P C6    N1     sing Y N 123 
G2P N1    C2     sing Y N 124 
G2P N1    H1     sing N N 125 
G2P C2    N2     sing N N 126 
G2P C2    N3     doub Y N 127 
G2P N2    H2N1   sing N N 128 
G2P N2    H2N2   sing N N 129 
G2P N3    C4     sing Y N 130 
G2P HO1   O1G    sing N N 131 
G2P HO2   O3G    sing N N 132 
G2P HO3   O1A    sing N N 133 
G2P HO4   O1B    sing N N 134 
GLN N     CA     sing N N 135 
GLN N     H      sing N N 136 
GLN N     H2     sing N N 137 
GLN CA    C      sing N N 138 
GLN CA    CB     sing N N 139 
GLN CA    HA     sing N N 140 
GLN C     O      doub N N 141 
GLN C     OXT    sing N N 142 
GLN CB    CG     sing N N 143 
GLN CB    HB2    sing N N 144 
GLN CB    HB3    sing N N 145 
GLN CG    CD     sing N N 146 
GLN CG    HG2    sing N N 147 
GLN CG    HG3    sing N N 148 
GLN CD    OE1    doub N N 149 
GLN CD    NE2    sing N N 150 
GLN NE2   HE21   sing N N 151 
GLN NE2   HE22   sing N N 152 
GLN OXT   HXT    sing N N 153 
GLU N     CA     sing N N 154 
GLU N     H      sing N N 155 
GLU N     H2     sing N N 156 
GLU CA    C      sing N N 157 
GLU CA    CB     sing N N 158 
GLU CA    HA     sing N N 159 
GLU C     O      doub N N 160 
GLU C     OXT    sing N N 161 
GLU CB    CG     sing N N 162 
GLU CB    HB2    sing N N 163 
GLU CB    HB3    sing N N 164 
GLU CG    CD     sing N N 165 
GLU CG    HG2    sing N N 166 
GLU CG    HG3    sing N N 167 
GLU CD    OE1    doub N N 168 
GLU CD    OE2    sing N N 169 
GLU OE2   HE2    sing N N 170 
GLU OXT   HXT    sing N N 171 
GLY N     CA     sing N N 172 
GLY N     H      sing N N 173 
GLY N     H2     sing N N 174 
GLY CA    C      sing N N 175 
GLY CA    HA2    sing N N 176 
GLY CA    HA3    sing N N 177 
GLY C     O      doub N N 178 
GLY C     OXT    sing N N 179 
GLY OXT   HXT    sing N N 180 
HIS N     CA     sing N N 181 
HIS N     H      sing N N 182 
HIS N     H2     sing N N 183 
HIS CA    C      sing N N 184 
HIS CA    CB     sing N N 185 
HIS CA    HA     sing N N 186 
HIS C     O      doub N N 187 
HIS C     OXT    sing N N 188 
HIS CB    CG     sing N N 189 
HIS CB    HB2    sing N N 190 
HIS CB    HB3    sing N N 191 
HIS CG    ND1    sing Y N 192 
HIS CG    CD2    doub Y N 193 
HIS ND1   CE1    doub Y N 194 
HIS ND1   HD1    sing N N 195 
HIS CD2   NE2    sing Y N 196 
HIS CD2   HD2    sing N N 197 
HIS CE1   NE2    sing Y N 198 
HIS CE1   HE1    sing N N 199 
HIS NE2   HE2    sing N N 200 
HIS OXT   HXT    sing N N 201 
HOH O     H1     sing N N 202 
HOH O     H2     sing N N 203 
ILE N     CA     sing N N 204 
ILE N     H      sing N N 205 
ILE N     H2     sing N N 206 
ILE CA    C      sing N N 207 
ILE CA    CB     sing N N 208 
ILE CA    HA     sing N N 209 
ILE C     O      doub N N 210 
ILE C     OXT    sing N N 211 
ILE CB    CG1    sing N N 212 
ILE CB    CG2    sing N N 213 
ILE CB    HB     sing N N 214 
ILE CG1   CD1    sing N N 215 
ILE CG1   HG12   sing N N 216 
ILE CG1   HG13   sing N N 217 
ILE CG2   HG21   sing N N 218 
ILE CG2   HG22   sing N N 219 
ILE CG2   HG23   sing N N 220 
ILE CD1   HD11   sing N N 221 
ILE CD1   HD12   sing N N 222 
ILE CD1   HD13   sing N N 223 
ILE OXT   HXT    sing N N 224 
LEU N     CA     sing N N 225 
LEU N     H      sing N N 226 
LEU N     H2     sing N N 227 
LEU CA    C      sing N N 228 
LEU CA    CB     sing N N 229 
LEU CA    HA     sing N N 230 
LEU C     O      doub N N 231 
LEU C     OXT    sing N N 232 
LEU CB    CG     sing N N 233 
LEU CB    HB2    sing N N 234 
LEU CB    HB3    sing N N 235 
LEU CG    CD1    sing N N 236 
LEU CG    CD2    sing N N 237 
LEU CG    HG     sing N N 238 
LEU CD1   HD11   sing N N 239 
LEU CD1   HD12   sing N N 240 
LEU CD1   HD13   sing N N 241 
LEU CD2   HD21   sing N N 242 
LEU CD2   HD22   sing N N 243 
LEU CD2   HD23   sing N N 244 
LEU OXT   HXT    sing N N 245 
LYS N     CA     sing N N 246 
LYS N     H      sing N N 247 
LYS N     H2     sing N N 248 
LYS CA    C      sing N N 249 
LYS CA    CB     sing N N 250 
LYS CA    HA     sing N N 251 
LYS C     O      doub N N 252 
LYS C     OXT    sing N N 253 
LYS CB    CG     sing N N 254 
LYS CB    HB2    sing N N 255 
LYS CB    HB3    sing N N 256 
LYS CG    CD     sing N N 257 
LYS CG    HG2    sing N N 258 
LYS CG    HG3    sing N N 259 
LYS CD    CE     sing N N 260 
LYS CD    HD2    sing N N 261 
LYS CD    HD3    sing N N 262 
LYS CE    NZ     sing N N 263 
LYS CE    HE2    sing N N 264 
LYS CE    HE3    sing N N 265 
LYS NZ    HZ1    sing N N 266 
LYS NZ    HZ2    sing N N 267 
LYS NZ    HZ3    sing N N 268 
LYS OXT   HXT    sing N N 269 
MET N     CA     sing N N 270 
MET N     H      sing N N 271 
MET N     H2     sing N N 272 
MET CA    C      sing N N 273 
MET CA    CB     sing N N 274 
MET CA    HA     sing N N 275 
MET C     O      doub N N 276 
MET C     OXT    sing N N 277 
MET CB    CG     sing N N 278 
MET CB    HB2    sing N N 279 
MET CB    HB3    sing N N 280 
MET CG    SD     sing N N 281 
MET CG    HG2    sing N N 282 
MET CG    HG3    sing N N 283 
MET SD    CE     sing N N 284 
MET CE    HE1    sing N N 285 
MET CE    HE2    sing N N 286 
MET CE    HE3    sing N N 287 
MET OXT   HXT    sing N N 288 
PHE N     CA     sing N N 289 
PHE N     H      sing N N 290 
PHE N     H2     sing N N 291 
PHE CA    C      sing N N 292 
PHE CA    CB     sing N N 293 
PHE CA    HA     sing N N 294 
PHE C     O      doub N N 295 
PHE C     OXT    sing N N 296 
PHE CB    CG     sing N N 297 
PHE CB    HB2    sing N N 298 
PHE CB    HB3    sing N N 299 
PHE CG    CD1    doub Y N 300 
PHE CG    CD2    sing Y N 301 
PHE CD1   CE1    sing Y N 302 
PHE CD1   HD1    sing N N 303 
PHE CD2   CE2    doub Y N 304 
PHE CD2   HD2    sing N N 305 
PHE CE1   CZ     doub Y N 306 
PHE CE1   HE1    sing N N 307 
PHE CE2   CZ     sing Y N 308 
PHE CE2   HE2    sing N N 309 
PHE CZ    HZ     sing N N 310 
PHE OXT   HXT    sing N N 311 
PRO N     CA     sing N N 312 
PRO N     CD     sing N N 313 
PRO N     H      sing N N 314 
PRO CA    C      sing N N 315 
PRO CA    CB     sing N N 316 
PRO CA    HA     sing N N 317 
PRO C     O      doub N N 318 
PRO C     OXT    sing N N 319 
PRO CB    CG     sing N N 320 
PRO CB    HB2    sing N N 321 
PRO CB    HB3    sing N N 322 
PRO CG    CD     sing N N 323 
PRO CG    HG2    sing N N 324 
PRO CG    HG3    sing N N 325 
PRO CD    HD2    sing N N 326 
PRO CD    HD3    sing N N 327 
PRO OXT   HXT    sing N N 328 
SER N     CA     sing N N 329 
SER N     H      sing N N 330 
SER N     H2     sing N N 331 
SER CA    C      sing N N 332 
SER CA    CB     sing N N 333 
SER CA    HA     sing N N 334 
SER C     O      doub N N 335 
SER C     OXT    sing N N 336 
SER CB    OG     sing N N 337 
SER CB    HB2    sing N N 338 
SER CB    HB3    sing N N 339 
SER OG    HG     sing N N 340 
SER OXT   HXT    sing N N 341 
SO4 S     O1     doub N N 342 
SO4 S     O2     doub N N 343 
SO4 S     O3     sing N N 344 
SO4 S     O4     sing N N 345 
THR N     CA     sing N N 346 
THR N     H      sing N N 347 
THR N     H2     sing N N 348 
THR CA    C      sing N N 349 
THR CA    CB     sing N N 350 
THR CA    HA     sing N N 351 
THR C     O      doub N N 352 
THR C     OXT    sing N N 353 
THR CB    OG1    sing N N 354 
THR CB    CG2    sing N N 355 
THR CB    HB     sing N N 356 
THR OG1   HG1    sing N N 357 
THR CG2   HG21   sing N N 358 
THR CG2   HG22   sing N N 359 
THR CG2   HG23   sing N N 360 
THR OXT   HXT    sing N N 361 
TRP N     CA     sing N N 362 
TRP N     H      sing N N 363 
TRP N     H2     sing N N 364 
TRP CA    C      sing N N 365 
TRP CA    CB     sing N N 366 
TRP CA    HA     sing N N 367 
TRP C     O      doub N N 368 
TRP C     OXT    sing N N 369 
TRP CB    CG     sing N N 370 
TRP CB    HB2    sing N N 371 
TRP CB    HB3    sing N N 372 
TRP CG    CD1    doub Y N 373 
TRP CG    CD2    sing Y N 374 
TRP CD1   NE1    sing Y N 375 
TRP CD1   HD1    sing N N 376 
TRP CD2   CE2    doub Y N 377 
TRP CD2   CE3    sing Y N 378 
TRP NE1   CE2    sing Y N 379 
TRP NE1   HE1    sing N N 380 
TRP CE2   CZ2    sing Y N 381 
TRP CE3   CZ3    doub Y N 382 
TRP CE3   HE3    sing N N 383 
TRP CZ2   CH2    doub Y N 384 
TRP CZ2   HZ2    sing N N 385 
TRP CZ3   CH2    sing Y N 386 
TRP CZ3   HZ3    sing N N 387 
TRP CH2   HH2    sing N N 388 
TRP OXT   HXT    sing N N 389 
TYR N     CA     sing N N 390 
TYR N     H      sing N N 391 
TYR N     H2     sing N N 392 
TYR CA    C      sing N N 393 
TYR CA    CB     sing N N 394 
TYR CA    HA     sing N N 395 
TYR C     O      doub N N 396 
TYR C     OXT    sing N N 397 
TYR CB    CG     sing N N 398 
TYR CB    HB2    sing N N 399 
TYR CB    HB3    sing N N 400 
TYR CG    CD1    doub Y N 401 
TYR CG    CD2    sing Y N 402 
TYR CD1   CE1    sing Y N 403 
TYR CD1   HD1    sing N N 404 
TYR CD2   CE2    doub Y N 405 
TYR CD2   HD2    sing N N 406 
TYR CE1   CZ     doub Y N 407 
TYR CE1   HE1    sing N N 408 
TYR CE2   CZ     sing Y N 409 
TYR CE2   HE2    sing N N 410 
TYR CZ    OH     sing N N 411 
TYR OH    HH     sing N N 412 
TYR OXT   HXT    sing N N 413 
VAL N     CA     sing N N 414 
VAL N     H      sing N N 415 
VAL N     H2     sing N N 416 
VAL CA    C      sing N N 417 
VAL CA    CB     sing N N 418 
VAL CA    HA     sing N N 419 
VAL C     O      doub N N 420 
VAL C     OXT    sing N N 421 
VAL CB    CG1    sing N N 422 
VAL CB    CG2    sing N N 423 
VAL CB    HB     sing N N 424 
VAL CG1   HG11   sing N N 425 
VAL CG1   HG12   sing N N 426 
VAL CG1   HG13   sing N N 427 
VAL CG2   HG21   sing N N 428 
VAL CG2   HG22   sing N N 429 
VAL CG2   HG23   sing N N 430 
VAL OXT   HXT    sing N N 431 
# 
_pdbx_audit_support.funding_organization   'National Institutes of Health/National Human Genome Research Institute (NIH/NHGRI)' 
_pdbx_audit_support.country                'United States' 
_pdbx_audit_support.grant_number           R01GM112940 
_pdbx_audit_support.ordinal                1 
# 
_pdbx_entity_instance_feature.ordinal        1 
_pdbx_entity_instance_feature.comp_id        G2P 
_pdbx_entity_instance_feature.asym_id        ? 
_pdbx_entity_instance_feature.seq_num        ? 
_pdbx_entity_instance_feature.auth_comp_id   G2P 
_pdbx_entity_instance_feature.auth_asym_id   ? 
_pdbx_entity_instance_feature.auth_seq_num   ? 
_pdbx_entity_instance_feature.feature_type   'SUBJECT OF INVESTIGATION' 
_pdbx_entity_instance_feature.details        ? 
# 
loop_
_pdbx_entity_nonpoly.entity_id 
_pdbx_entity_nonpoly.name 
_pdbx_entity_nonpoly.comp_id 
2 'PHOSPHOMETHYLPHOSPHONIC ACID GUANYLATE ESTER' G2P 
3 'SULFATE ION'                                  SO4 
4 water                                          HOH 
# 
_pdbx_initial_refinement_model.id               1 
_pdbx_initial_refinement_model.entity_id_list   ? 
_pdbx_initial_refinement_model.type             'experimental model' 
_pdbx_initial_refinement_model.source_name      PDB 
_pdbx_initial_refinement_model.accession_code   4S2Y 
_pdbx_initial_refinement_model.details          ? 
# 
_pdbx_struct_assembly_auth_evidence.id                     1 
_pdbx_struct_assembly_auth_evidence.assembly_id            1 
_pdbx_struct_assembly_auth_evidence.experimental_support   'gel filtration' 
_pdbx_struct_assembly_auth_evidence.details                ? 
# 
_space_group.name_H-M_alt     'P 31 2 1' 
_space_group.name_Hall        
;P 31 2"
;
_space_group.IT_number        152 
_space_group.crystal_system   trigonal 
_space_group.id               1 
# 
